data_1BYL
# 
_entry.id   1BYL 
# 
_audit_conform.dict_name       mmcif_pdbx.dic 
_audit_conform.dict_version    5.385 
_audit_conform.dict_location   http://mmcif.pdb.org/dictionaries/ascii/mmcif_pdbx.dic 
# 
loop_
_database_2.database_id 
_database_2.database_code 
_database_2.pdbx_database_accession 
_database_2.pdbx_DOI 
PDB   1BYL         pdb_00001byl 10.2210/pdb1byl/pdb 
RCSB  RCSB008148   ?            ?                   
WWPDB D_1000008148 ?            ?                   
# 
loop_
_pdbx_audit_revision_history.ordinal 
_pdbx_audit_revision_history.data_content_type 
_pdbx_audit_revision_history.major_revision 
_pdbx_audit_revision_history.minor_revision 
_pdbx_audit_revision_history.revision_date 
1 'Structure model' 1 0 1999-10-21 
2 'Structure model' 1 1 2007-10-16 
3 'Structure model' 1 2 2011-07-13 
4 'Structure model' 1 3 2017-10-04 
5 'Structure model' 1 4 2024-02-07 
# 
_pdbx_audit_revision_details.ordinal             1 
_pdbx_audit_revision_details.revision_ordinal    1 
_pdbx_audit_revision_details.data_content_type   'Structure model' 
_pdbx_audit_revision_details.provider            repository 
_pdbx_audit_revision_details.type                'Initial release' 
_pdbx_audit_revision_details.description         ? 
_pdbx_audit_revision_details.details             ? 
# 
loop_
_pdbx_audit_revision_group.ordinal 
_pdbx_audit_revision_group.revision_ordinal 
_pdbx_audit_revision_group.data_content_type 
_pdbx_audit_revision_group.group 
1 2 'Structure model' 'Version format compliance' 
2 3 'Structure model' 'Derived calculations'      
3 3 'Structure model' 'Version format compliance' 
4 4 'Structure model' 'Refinement description'    
5 5 'Structure model' 'Data collection'           
6 5 'Structure model' 'Database references'       
# 
loop_
_pdbx_audit_revision_category.ordinal 
_pdbx_audit_revision_category.revision_ordinal 
_pdbx_audit_revision_category.data_content_type 
_pdbx_audit_revision_category.category 
1 4 'Structure model' software       
2 5 'Structure model' chem_comp_atom 
3 5 'Structure model' chem_comp_bond 
4 5 'Structure model' database_2     
# 
loop_
_pdbx_audit_revision_item.ordinal 
_pdbx_audit_revision_item.revision_ordinal 
_pdbx_audit_revision_item.data_content_type 
_pdbx_audit_revision_item.item 
1 4 'Structure model' '_software.classification'            
2 4 'Structure model' '_software.name'                      
3 5 'Structure model' '_database_2.pdbx_DOI'                
4 5 'Structure model' '_database_2.pdbx_database_accession' 
# 
_pdbx_database_status.status_code                     REL 
_pdbx_database_status.entry_id                        1BYL 
_pdbx_database_status.recvd_initial_deposition_date   1998-10-17 
_pdbx_database_status.deposit_site                    BNL 
_pdbx_database_status.process_site                    RCSB 
_pdbx_database_status.SG_entry                        . 
_pdbx_database_status.pdb_format_compatible           Y 
_pdbx_database_status.status_code_mr                  ? 
_pdbx_database_status.status_code_sf                  ? 
_pdbx_database_status.status_code_cs                  ? 
_pdbx_database_status.methods_development_category    ? 
_pdbx_database_status.status_code_nmr_data            ? 
# 
loop_
_audit_author.name 
_audit_author.pdbx_ordinal 
'Dumas, P.'    1 
'Bergdoll, M.' 2 
'Cagnon, C.'   3 
'Masson, J.M.' 4 
# 
loop_
_citation.id 
_citation.title 
_citation.journal_abbrev 
_citation.journal_volume 
_citation.page_first 
_citation.page_last 
_citation.year 
_citation.journal_id_ASTM 
_citation.country 
_citation.journal_id_ISSN 
_citation.journal_id_CSD 
_citation.book_publisher 
_citation.pdbx_database_id_PubMed 
_citation.pdbx_database_id_DOI 
primary 
'Crystal structure and site-directed mutagenesis of a bleomycin resistance protein and their significance for drug sequestering.' 
'EMBO J.'      13  2483 2492 1994 EMJODG UK 0261-4189 0897 ? 7516875 ? 
1       'Crystallization and Preliminary X-Ray Data of a Phleomycin-Binding Protein from Streptoalloteichus Hindistanus' 'Embo J.' 
207 645  ?    1989 EMJODG UK 0261-4189 0897 ? ?       ? 
2       'Bleomycin Resistance Conferred by a Drug-Binding Protein' 'FEBS Lett.'   230 171  ?    1988 FEBLAL NE 0014-5793 0165 ? ? 
? 
3       
'All in the Family: Structural and Evolutionary Relationships Among Three Modular Proteins with Functions and Variable Assembly'  
'Protein Sci.' 7   1661 ?    1998 PRCIEI US 0961-8368 0795 ? ?       ? 
# 
loop_
_citation_author.citation_id 
_citation_author.name 
_citation_author.ordinal 
_citation_author.identifier_ORCID 
primary 'Dumas, P.'     1  ? 
primary 'Bergdoll, M.'  2  ? 
primary 'Cagnon, C.'    3  ? 
primary 'Masson, J.M.'  4  ? 
1       'Rondeau, J.M.' 5  ? 
1       'Cagnon, C.'    6  ? 
1       'Moras, D.'     7  ? 
1       'Masson, J.M.'  8  ? 
2       'Gatignol, A.'  9  ? 
2       'Durand, H.'    10 ? 
2       'Tiraby, G.'    11 ? 
3       'Bergdoll, M.'  12 ? 
3       'Eltis, L.D.'   13 ? 
3       'Cameron, A.D.' 14 ? 
3       'Dumas, P.'     15 ? 
3       'Bolin, J.T.'   16 ? 
# 
loop_
_entity.id 
_entity.type 
_entity.src_method 
_entity.pdbx_description 
_entity.formula_weight 
_entity.pdbx_number_of_molecules 
_entity.pdbx_ec 
_entity.pdbx_mutation 
_entity.pdbx_fragment 
_entity.details 
1 polymer man 'PROTEIN (BLEOMYCIN RESISTANCE PROTEIN)' 13953.388 1  ? ? ? ? 
2 water   nat water                                    18.015    62 ? ? ? ? 
# 
_entity_name_com.entity_id   1 
_entity_name_com.name        SH-BLE 
# 
_entity_poly.entity_id                      1 
_entity_poly.type                           'polypeptide(L)' 
_entity_poly.nstd_linkage                   no 
_entity_poly.nstd_monomer                   no 
_entity_poly.pdbx_seq_one_letter_code       
;FMAKLTSAVPVLTARDVAGAVEFWTDRLGFSRDFVEDDFAGVVRDDVTLFISAVQDQVVPDNTLAWVWVRGLDELYAEWS
EVVSTNFRDASGPAMTEIGEQPWGREFALRDPAGNCVHFVAEEQD
;
_entity_poly.pdbx_seq_one_letter_code_can   
;FMAKLTSAVPVLTARDVAGAVEFWTDRLGFSRDFVEDDFAGVVRDDVTLFISAVQDQVVPDNTLAWVWVRGLDELYAEWS
EVVSTNFRDASGPAMTEIGEQPWGREFALRDPAGNCVHFVAEEQD
;
_entity_poly.pdbx_strand_id                 A 
_entity_poly.pdbx_target_identifier         ? 
# 
_pdbx_entity_nonpoly.entity_id   2 
_pdbx_entity_nonpoly.name        water 
_pdbx_entity_nonpoly.comp_id     HOH 
# 
loop_
_entity_poly_seq.entity_id 
_entity_poly_seq.num 
_entity_poly_seq.mon_id 
_entity_poly_seq.hetero 
1 1   PHE n 
1 2   MET n 
1 3   ALA n 
1 4   LYS n 
1 5   LEU n 
1 6   THR n 
1 7   SER n 
1 8   ALA n 
1 9   VAL n 
1 10  PRO n 
1 11  VAL n 
1 12  LEU n 
1 13  THR n 
1 14  ALA n 
1 15  ARG n 
1 16  ASP n 
1 17  VAL n 
1 18  ALA n 
1 19  GLY n 
1 20  ALA n 
1 21  VAL n 
1 22  GLU n 
1 23  PHE n 
1 24  TRP n 
1 25  THR n 
1 26  ASP n 
1 27  ARG n 
1 28  LEU n 
1 29  GLY n 
1 30  PHE n 
1 31  SER n 
1 32  ARG n 
1 33  ASP n 
1 34  PHE n 
1 35  VAL n 
1 36  GLU n 
1 37  ASP n 
1 38  ASP n 
1 39  PHE n 
1 40  ALA n 
1 41  GLY n 
1 42  VAL n 
1 43  VAL n 
1 44  ARG n 
1 45  ASP n 
1 46  ASP n 
1 47  VAL n 
1 48  THR n 
1 49  LEU n 
1 50  PHE n 
1 51  ILE n 
1 52  SER n 
1 53  ALA n 
1 54  VAL n 
1 55  GLN n 
1 56  ASP n 
1 57  GLN n 
1 58  VAL n 
1 59  VAL n 
1 60  PRO n 
1 61  ASP n 
1 62  ASN n 
1 63  THR n 
1 64  LEU n 
1 65  ALA n 
1 66  TRP n 
1 67  VAL n 
1 68  TRP n 
1 69  VAL n 
1 70  ARG n 
1 71  GLY n 
1 72  LEU n 
1 73  ASP n 
1 74  GLU n 
1 75  LEU n 
1 76  TYR n 
1 77  ALA n 
1 78  GLU n 
1 79  TRP n 
1 80  SER n 
1 81  GLU n 
1 82  VAL n 
1 83  VAL n 
1 84  SER n 
1 85  THR n 
1 86  ASN n 
1 87  PHE n 
1 88  ARG n 
1 89  ASP n 
1 90  ALA n 
1 91  SER n 
1 92  GLY n 
1 93  PRO n 
1 94  ALA n 
1 95  MET n 
1 96  THR n 
1 97  GLU n 
1 98  ILE n 
1 99  GLY n 
1 100 GLU n 
1 101 GLN n 
1 102 PRO n 
1 103 TRP n 
1 104 GLY n 
1 105 ARG n 
1 106 GLU n 
1 107 PHE n 
1 108 ALA n 
1 109 LEU n 
1 110 ARG n 
1 111 ASP n 
1 112 PRO n 
1 113 ALA n 
1 114 GLY n 
1 115 ASN n 
1 116 CYS n 
1 117 VAL n 
1 118 HIS n 
1 119 PHE n 
1 120 VAL n 
1 121 ALA n 
1 122 GLU n 
1 123 GLU n 
1 124 GLN n 
1 125 ASP n 
# 
_entity_src_gen.entity_id                          1 
_entity_src_gen.pdbx_src_id                        1 
_entity_src_gen.pdbx_alt_source_flag               sample 
_entity_src_gen.pdbx_seq_type                      ? 
_entity_src_gen.pdbx_beg_seq_num                   ? 
_entity_src_gen.pdbx_end_seq_num                   ? 
_entity_src_gen.gene_src_common_name               ? 
_entity_src_gen.gene_src_genus                     Streptoalloteichus 
_entity_src_gen.pdbx_gene_src_gene                 'SH BLE' 
_entity_src_gen.gene_src_species                   ? 
_entity_src_gen.gene_src_strain                    ? 
_entity_src_gen.gene_src_tissue                    ? 
_entity_src_gen.gene_src_tissue_fraction           ? 
_entity_src_gen.gene_src_details                   ? 
_entity_src_gen.pdbx_gene_src_fragment             ? 
_entity_src_gen.pdbx_gene_src_scientific_name      'Streptoalloteichus hindustanus' 
_entity_src_gen.pdbx_gene_src_ncbi_taxonomy_id     2017 
_entity_src_gen.pdbx_gene_src_variant              ? 
_entity_src_gen.pdbx_gene_src_cell_line            ? 
_entity_src_gen.pdbx_gene_src_atcc                 31158 
_entity_src_gen.pdbx_gene_src_organ                ? 
_entity_src_gen.pdbx_gene_src_organelle            ? 
_entity_src_gen.pdbx_gene_src_cell                 ? 
_entity_src_gen.pdbx_gene_src_cellular_location    CYTOPLASMIC 
_entity_src_gen.host_org_common_name               ? 
_entity_src_gen.pdbx_host_org_scientific_name      'Escherichia coli' 
_entity_src_gen.pdbx_host_org_ncbi_taxonomy_id     562 
_entity_src_gen.host_org_genus                     Escherichia 
_entity_src_gen.pdbx_host_org_gene                 'SH BLE' 
_entity_src_gen.pdbx_host_org_organ                ? 
_entity_src_gen.host_org_species                   ? 
_entity_src_gen.pdbx_host_org_tissue               ? 
_entity_src_gen.pdbx_host_org_tissue_fraction      ? 
_entity_src_gen.pdbx_host_org_strain               SG936 
_entity_src_gen.pdbx_host_org_variant              ? 
_entity_src_gen.pdbx_host_org_cell_line            ? 
_entity_src_gen.pdbx_host_org_atcc                 ? 
_entity_src_gen.pdbx_host_org_culture_collection   ? 
_entity_src_gen.pdbx_host_org_cell                 ? 
_entity_src_gen.pdbx_host_org_organelle            ? 
_entity_src_gen.pdbx_host_org_cellular_location    PERIPLASM 
_entity_src_gen.pdbx_host_org_vector_type          PLASMID 
_entity_src_gen.pdbx_host_org_vector               ? 
_entity_src_gen.host_org_details                   ? 
_entity_src_gen.expression_system_id               ? 
_entity_src_gen.plasmid_name                       PIN-III-OMPA2 
_entity_src_gen.plasmid_details                    ? 
_entity_src_gen.pdbx_description                   
'DROCOURT, D., CALMELS, T., REYNES, J.P., BARON, M. & TIRABY, G. (1990) NUCLEIC ACIDS RES., 18, 4009.' 
# 
loop_
_chem_comp.id 
_chem_comp.type 
_chem_comp.mon_nstd_flag 
_chem_comp.name 
_chem_comp.pdbx_synonyms 
_chem_comp.formula 
_chem_comp.formula_weight 
ALA 'L-peptide linking' y ALANINE         ? 'C3 H7 N O2'     89.093  
ARG 'L-peptide linking' y ARGININE        ? 'C6 H15 N4 O2 1' 175.209 
ASN 'L-peptide linking' y ASPARAGINE      ? 'C4 H8 N2 O3'    132.118 
ASP 'L-peptide linking' y 'ASPARTIC ACID' ? 'C4 H7 N O4'     133.103 
CYS 'L-peptide linking' y CYSTEINE        ? 'C3 H7 N O2 S'   121.158 
GLN 'L-peptide linking' y GLUTAMINE       ? 'C5 H10 N2 O3'   146.144 
GLU 'L-peptide linking' y 'GLUTAMIC ACID' ? 'C5 H9 N O4'     147.129 
GLY 'peptide linking'   y GLYCINE         ? 'C2 H5 N O2'     75.067  
HIS 'L-peptide linking' y HISTIDINE       ? 'C6 H10 N3 O2 1' 156.162 
HOH non-polymer         . WATER           ? 'H2 O'           18.015  
ILE 'L-peptide linking' y ISOLEUCINE      ? 'C6 H13 N O2'    131.173 
LEU 'L-peptide linking' y LEUCINE         ? 'C6 H13 N O2'    131.173 
LYS 'L-peptide linking' y LYSINE          ? 'C6 H15 N2 O2 1' 147.195 
MET 'L-peptide linking' y METHIONINE      ? 'C5 H11 N O2 S'  149.211 
PHE 'L-peptide linking' y PHENYLALANINE   ? 'C9 H11 N O2'    165.189 
PRO 'L-peptide linking' y PROLINE         ? 'C5 H9 N O2'     115.130 
SER 'L-peptide linking' y SERINE          ? 'C3 H7 N O3'     105.093 
THR 'L-peptide linking' y THREONINE       ? 'C4 H9 N O3'     119.119 
TRP 'L-peptide linking' y TRYPTOPHAN      ? 'C11 H12 N2 O2'  204.225 
TYR 'L-peptide linking' y TYROSINE        ? 'C9 H11 N O3'    181.189 
VAL 'L-peptide linking' y VALINE          ? 'C5 H11 N O2'    117.146 
# 
loop_
_pdbx_poly_seq_scheme.asym_id 
_pdbx_poly_seq_scheme.entity_id 
_pdbx_poly_seq_scheme.seq_id 
_pdbx_poly_seq_scheme.mon_id 
_pdbx_poly_seq_scheme.ndb_seq_num 
_pdbx_poly_seq_scheme.pdb_seq_num 
_pdbx_poly_seq_scheme.auth_seq_num 
_pdbx_poly_seq_scheme.pdb_mon_id 
_pdbx_poly_seq_scheme.auth_mon_id 
_pdbx_poly_seq_scheme.pdb_strand_id 
_pdbx_poly_seq_scheme.pdb_ins_code 
_pdbx_poly_seq_scheme.hetero 
A 1 1   PHE 1   0   0   PHE PHE A . n 
A 1 2   MET 2   1   1   MET MET A . n 
A 1 3   ALA 3   2   2   ALA ALA A . n 
A 1 4   LYS 4   3   3   LYS LYS A . n 
A 1 5   LEU 5   4   4   LEU LEU A . n 
A 1 6   THR 6   5   5   THR THR A . n 
A 1 7   SER 7   6   6   SER SER A . n 
A 1 8   ALA 8   7   7   ALA ALA A . n 
A 1 9   VAL 9   8   8   VAL VAL A . n 
A 1 10  PRO 10  9   9   PRO PRO A . n 
A 1 11  VAL 11  10  10  VAL VAL A . n 
A 1 12  LEU 12  11  11  LEU LEU A . n 
A 1 13  THR 13  12  12  THR THR A . n 
A 1 14  ALA 14  13  13  ALA ALA A . n 
A 1 15  ARG 15  14  14  ARG ARG A . n 
A 1 16  ASP 16  15  15  ASP ASP A . n 
A 1 17  VAL 17  16  16  VAL VAL A . n 
A 1 18  ALA 18  17  17  ALA ALA A . n 
A 1 19  GLY 19  18  18  GLY GLY A . n 
A 1 20  ALA 20  19  19  ALA ALA A . n 
A 1 21  VAL 21  20  20  VAL VAL A . n 
A 1 22  GLU 22  21  21  GLU GLU A . n 
A 1 23  PHE 23  22  22  PHE PHE A . n 
A 1 24  TRP 24  23  23  TRP TRP A . n 
A 1 25  THR 25  24  24  THR THR A . n 
A 1 26  ASP 26  25  25  ASP ASP A . n 
A 1 27  ARG 27  26  26  ARG ARG A . n 
A 1 28  LEU 28  27  27  LEU LEU A . n 
A 1 29  GLY 29  28  28  GLY GLY A . n 
A 1 30  PHE 30  29  29  PHE PHE A . n 
A 1 31  SER 31  30  30  SER SER A . n 
A 1 32  ARG 32  31  31  ARG ARG A . n 
A 1 33  ASP 33  32  32  ASP ASP A . n 
A 1 34  PHE 34  33  33  PHE PHE A . n 
A 1 35  VAL 35  34  34  VAL VAL A . n 
A 1 36  GLU 36  35  35  GLU GLU A . n 
A 1 37  ASP 37  36  36  ASP ASP A . n 
A 1 38  ASP 38  37  37  ASP ASP A . n 
A 1 39  PHE 39  38  38  PHE PHE A . n 
A 1 40  ALA 40  39  39  ALA ALA A . n 
A 1 41  GLY 41  40  40  GLY GLY A . n 
A 1 42  VAL 42  41  41  VAL VAL A . n 
A 1 43  VAL 43  42  42  VAL VAL A . n 
A 1 44  ARG 44  43  43  ARG ARG A . n 
A 1 45  ASP 45  44  44  ASP ASP A . n 
A 1 46  ASP 46  45  45  ASP ASP A . n 
A 1 47  VAL 47  46  46  VAL VAL A . n 
A 1 48  THR 48  47  47  THR THR A . n 
A 1 49  LEU 49  48  48  LEU LEU A . n 
A 1 50  PHE 50  49  49  PHE PHE A . n 
A 1 51  ILE 51  50  50  ILE ILE A . n 
A 1 52  SER 52  51  51  SER SER A . n 
A 1 53  ALA 53  52  52  ALA ALA A . n 
A 1 54  VAL 54  53  53  VAL VAL A . n 
A 1 55  GLN 55  54  54  GLN GLN A . n 
A 1 56  ASP 56  55  55  ASP ASP A . n 
A 1 57  GLN 57  56  56  GLN GLN A . n 
A 1 58  VAL 58  57  57  VAL VAL A . n 
A 1 59  VAL 59  58  58  VAL VAL A . n 
A 1 60  PRO 60  59  59  PRO PRO A . n 
A 1 61  ASP 61  60  60  ASP ASP A . n 
A 1 62  ASN 62  61  61  ASN ASN A . n 
A 1 63  THR 63  62  62  THR THR A . n 
A 1 64  LEU 64  63  63  LEU LEU A . n 
A 1 65  ALA 65  64  64  ALA ALA A . n 
A 1 66  TRP 66  65  65  TRP TRP A . n 
A 1 67  VAL 67  66  66  VAL VAL A . n 
A 1 68  TRP 68  67  67  TRP TRP A . n 
A 1 69  VAL 69  68  68  VAL VAL A . n 
A 1 70  ARG 70  69  69  ARG ARG A . n 
A 1 71  GLY 71  70  70  GLY GLY A . n 
A 1 72  LEU 72  71  71  LEU LEU A . n 
A 1 73  ASP 73  72  72  ASP ASP A . n 
A 1 74  GLU 74  73  73  GLU GLU A . n 
A 1 75  LEU 75  74  74  LEU LEU A . n 
A 1 76  TYR 76  75  75  TYR TYR A . n 
A 1 77  ALA 77  76  76  ALA ALA A . n 
A 1 78  GLU 78  77  77  GLU GLU A . n 
A 1 79  TRP 79  78  78  TRP TRP A . n 
A 1 80  SER 80  79  79  SER SER A . n 
A 1 81  GLU 81  80  80  GLU GLU A . n 
A 1 82  VAL 82  81  81  VAL VAL A . n 
A 1 83  VAL 83  82  82  VAL VAL A . n 
A 1 84  SER 84  83  83  SER SER A . n 
A 1 85  THR 85  84  84  THR THR A . n 
A 1 86  ASN 86  85  85  ASN ASN A . n 
A 1 87  PHE 87  86  86  PHE PHE A . n 
A 1 88  ARG 88  87  87  ARG ARG A . n 
A 1 89  ASP 89  88  88  ASP ASP A . n 
A 1 90  ALA 90  89  89  ALA ALA A . n 
A 1 91  SER 91  90  90  SER SER A . n 
A 1 92  GLY 92  91  91  GLY GLY A . n 
A 1 93  PRO 93  92  92  PRO PRO A . n 
A 1 94  ALA 94  93  93  ALA ALA A . n 
A 1 95  MET 95  94  94  MET MET A . n 
A 1 96  THR 96  95  95  THR THR A . n 
A 1 97  GLU 97  96  96  GLU GLU A . n 
A 1 98  ILE 98  97  97  ILE ILE A . n 
A 1 99  GLY 99  98  98  GLY GLY A . n 
A 1 100 GLU 100 99  99  GLU GLU A . n 
A 1 101 GLN 101 100 100 GLN GLN A . n 
A 1 102 PRO 102 101 101 PRO PRO A . n 
A 1 103 TRP 103 102 102 TRP TRP A . n 
A 1 104 GLY 104 103 103 GLY GLY A . n 
A 1 105 ARG 105 104 104 ARG ARG A . n 
A 1 106 GLU 106 105 105 GLU GLU A . n 
A 1 107 PHE 107 106 106 PHE PHE A . n 
A 1 108 ALA 108 107 107 ALA ALA A . n 
A 1 109 LEU 109 108 108 LEU LEU A . n 
A 1 110 ARG 110 109 109 ARG ARG A . n 
A 1 111 ASP 111 110 110 ASP ASP A . n 
A 1 112 PRO 112 111 111 PRO PRO A . n 
A 1 113 ALA 113 112 112 ALA ALA A . n 
A 1 114 GLY 114 113 113 GLY GLY A . n 
A 1 115 ASN 115 114 114 ASN ASN A . n 
A 1 116 CYS 116 115 115 CYS CYS A . n 
A 1 117 VAL 117 116 116 VAL VAL A . n 
A 1 118 HIS 118 117 117 HIS HIS A . n 
A 1 119 PHE 119 118 118 PHE PHE A . n 
A 1 120 VAL 120 119 119 VAL VAL A . n 
A 1 121 ALA 121 120 120 ALA ALA A . n 
A 1 122 GLU 122 121 121 GLU GLU A . n 
A 1 123 GLU 123 122 ?   ?   ?   A . n 
A 1 124 GLN 124 123 ?   ?   ?   A . n 
A 1 125 ASP 125 124 ?   ?   ?   A . n 
# 
loop_
_pdbx_nonpoly_scheme.asym_id 
_pdbx_nonpoly_scheme.entity_id 
_pdbx_nonpoly_scheme.mon_id 
_pdbx_nonpoly_scheme.ndb_seq_num 
_pdbx_nonpoly_scheme.pdb_seq_num 
_pdbx_nonpoly_scheme.auth_seq_num 
_pdbx_nonpoly_scheme.pdb_mon_id 
_pdbx_nonpoly_scheme.auth_mon_id 
_pdbx_nonpoly_scheme.pdb_strand_id 
_pdbx_nonpoly_scheme.pdb_ins_code 
B 2 HOH 1  1001 1001 HOH HOH A . 
B 2 HOH 2  1002 1002 HOH HOH A . 
B 2 HOH 3  1003 1003 HOH HOH A . 
B 2 HOH 4  1004 1004 HOH HOH A . 
B 2 HOH 5  1005 1005 HOH HOH A . 
B 2 HOH 6  1006 1006 HOH HOH A . 
B 2 HOH 7  1007 1007 HOH HOH A . 
B 2 HOH 8  1008 1008 HOH HOH A . 
B 2 HOH 9  1009 1009 HOH HOH A . 
B 2 HOH 10 1010 1010 HOH HOH A . 
B 2 HOH 11 1011 1011 HOH HOH A . 
B 2 HOH 12 1012 1012 HOH HOH A . 
B 2 HOH 13 1013 1013 HOH HOH A . 
B 2 HOH 14 1014 1014 HOH HOH A . 
B 2 HOH 15 1015 1015 HOH HOH A . 
B 2 HOH 16 1016 1016 HOH HOH A . 
B 2 HOH 17 1017 1017 HOH HOH A . 
B 2 HOH 18 1018 1018 HOH HOH A . 
B 2 HOH 19 1019 1019 HOH HOH A . 
B 2 HOH 20 1020 1020 HOH HOH A . 
B 2 HOH 21 1021 1021 HOH HOH A . 
B 2 HOH 22 1022 1022 HOH HOH A . 
B 2 HOH 23 1023 1023 HOH HOH A . 
B 2 HOH 24 1024 1024 HOH HOH A . 
B 2 HOH 25 1025 1025 HOH HOH A . 
B 2 HOH 26 1026 1026 HOH HOH A . 
B 2 HOH 27 1027 1027 HOH HOH A . 
B 2 HOH 28 1028 1028 HOH HOH A . 
B 2 HOH 29 1029 1029 HOH HOH A . 
B 2 HOH 30 1030 1030 HOH HOH A . 
B 2 HOH 31 1031 1031 HOH HOH A . 
B 2 HOH 32 1032 1032 HOH HOH A . 
B 2 HOH 33 1033 1033 HOH HOH A . 
B 2 HOH 34 1034 1034 HOH HOH A . 
B 2 HOH 35 1035 1035 HOH HOH A . 
B 2 HOH 36 1036 1036 HOH HOH A . 
B 2 HOH 37 1037 1037 HOH HOH A . 
B 2 HOH 38 1038 1038 HOH HOH A . 
B 2 HOH 39 1039 1039 HOH HOH A . 
B 2 HOH 40 1040 1040 HOH HOH A . 
B 2 HOH 41 1041 1041 HOH HOH A . 
B 2 HOH 42 1042 1042 HOH HOH A . 
B 2 HOH 43 1043 1043 HOH HOH A . 
B 2 HOH 44 1044 1044 HOH HOH A . 
B 2 HOH 45 1045 1045 HOH HOH A . 
B 2 HOH 46 1046 1046 HOH HOH A . 
B 2 HOH 47 1047 1047 HOH HOH A . 
B 2 HOH 48 1048 1048 HOH HOH A . 
B 2 HOH 49 1049 1049 HOH HOH A . 
B 2 HOH 50 1050 1050 HOH HOH A . 
B 2 HOH 51 1051 1051 HOH HOH A . 
B 2 HOH 52 1052 1052 HOH HOH A . 
B 2 HOH 53 1053 1053 HOH HOH A . 
B 2 HOH 54 1054 1054 HOH HOH A . 
B 2 HOH 55 1055 1055 HOH HOH A . 
B 2 HOH 56 1056 1056 HOH HOH A . 
B 2 HOH 57 1057 1057 HOH HOH A . 
B 2 HOH 58 1058 1058 HOH HOH A . 
B 2 HOH 59 1059 1059 HOH HOH A . 
B 2 HOH 60 1060 1060 HOH HOH A . 
B 2 HOH 61 1061 1061 HOH HOH A . 
B 2 HOH 62 1062 1062 HOH HOH A . 
# 
loop_
_software.name 
_software.classification 
_software.version 
_software.citation_id 
_software.pdbx_ordinal 
'LOCHVAT(SEE' 'model building' 'REMARK)'      ? 1 
CCP4          'model building' .              ? 2 
PHASER        phasing          .              ? 3 
X-PLOR        refinement       2.1            ? 4 
X-GEN         'data reduction' .              ? 5 
X-GEN         'data scaling'   .              ? 6 
LOCHVAT       phasing          '(SEE REMARK)' ? 7 
CCP4          phasing          '(REFINE'      ? 8 
'PHARE)'      phasing          .              ? 9 
# 
_cell.entry_id           1BYL 
_cell.length_a           48.400 
_cell.length_b           48.400 
_cell.length_c           111.500 
_cell.angle_alpha        90.00 
_cell.angle_beta         90.00 
_cell.angle_gamma        90.00 
_cell.Z_PDB              8 
_cell.pdbx_unique_axis   ? 
# 
_symmetry.entry_id                         1BYL 
_symmetry.space_group_name_H-M             'P 41 21 2' 
_symmetry.pdbx_full_space_group_name_H-M   ? 
_symmetry.cell_setting                     ? 
_symmetry.Int_Tables_number                92 
# 
_exptl.entry_id          1BYL 
_exptl.method            'X-RAY DIFFRACTION' 
_exptl.crystals_number   1 
# 
_exptl_crystal.id                    1 
_exptl_crystal.density_meas          ? 
_exptl_crystal.density_Matthews      2.3 
_exptl_crystal.density_percent_sol   50 
_exptl_crystal.description           
;LOCHVAT IS A SCALING AND HEAVY ATOM SITE DETERMINATION PROGRAM BY P. DUMAS [ 
ACTA CRYST A50 (1994) 526-546]
;
# 
_exptl_crystal_grow.crystal_id      1 
_exptl_crystal_grow.method          ? 
_exptl_crystal_grow.temp            ? 
_exptl_crystal_grow.temp_details    ? 
_exptl_crystal_grow.pH              6.0 
_exptl_crystal_grow.pdbx_details    'SEE REFERENCE 2, pH 6.0' 
_exptl_crystal_grow.pdbx_pH_range   . 
# 
_diffrn.id                     1 
_diffrn.ambient_temp           293 
_diffrn.ambient_temp_details   ? 
_diffrn.crystal_id             1 
# 
_diffrn_detector.diffrn_id              1 
_diffrn_detector.detector               'AREA DETECTOR' 
_diffrn_detector.type                   SIEMENS 
_diffrn_detector.pdbx_collection_date   1991-04-15 
_diffrn_detector.details                ? 
# 
_diffrn_radiation.diffrn_id                        1 
_diffrn_radiation.wavelength_id                    1 
_diffrn_radiation.pdbx_monochromatic_or_laue_m_l   M 
_diffrn_radiation.monochromator                    'NI FILTER' 
_diffrn_radiation.pdbx_diffrn_protocol             'SINGLE WAVELENGTH' 
_diffrn_radiation.pdbx_scattering_type             x-ray 
# 
_diffrn_radiation_wavelength.id           1 
_diffrn_radiation_wavelength.wavelength   1.5418 
_diffrn_radiation_wavelength.wt           1.0 
# 
_diffrn_source.diffrn_id                   1 
_diffrn_source.source                      'ROTATING ANODE' 
_diffrn_source.type                        SIEMENS 
_diffrn_source.pdbx_synchrotron_site       ? 
_diffrn_source.pdbx_synchrotron_beamline   ? 
_diffrn_source.pdbx_wavelength             1.5418 
_diffrn_source.pdbx_wavelength_list        ? 
# 
_reflns.entry_id                     1BYL 
_reflns.observed_criterion_sigma_I   2 
_reflns.observed_criterion_sigma_F   ? 
_reflns.d_resolution_low             44.5 
_reflns.d_resolution_high            2.3 
_reflns.number_obs                   5959 
_reflns.number_all                   ? 
_reflns.percent_possible_obs         93.3 
_reflns.pdbx_Rmerge_I_obs            ? 
_reflns.pdbx_Rsym_value              0.669 
_reflns.pdbx_netI_over_sigmaI        48.4 
_reflns.B_iso_Wilson_estimate        ? 
_reflns.pdbx_redundancy              8.3 
_reflns.R_free_details               ? 
_reflns.pdbx_ordinal                 1 
_reflns.pdbx_diffrn_id               1 
# 
_reflns_shell.d_res_high             2.3 
_reflns_shell.d_res_low              2.44 
_reflns_shell.percent_possible_all   58 
_reflns_shell.Rmerge_I_obs           ? 
_reflns_shell.pdbx_Rsym_value        0.204 
_reflns_shell.meanI_over_sigI_obs    4.24 
_reflns_shell.pdbx_redundancy        3.4 
_reflns_shell.percent_possible_obs   ? 
_reflns_shell.number_unique_all      ? 
_reflns_shell.pdbx_ordinal           1 
_reflns_shell.pdbx_diffrn_id         1 
# 
_refine.entry_id                                 1BYL 
_refine.ls_number_reflns_obs                     5724 
_refine.ls_number_reflns_all                     ? 
_refine.pdbx_ls_sigma_I                          ? 
_refine.pdbx_ls_sigma_F                          2. 
_refine.pdbx_data_cutoff_high_absF               1000000. 
_refine.pdbx_data_cutoff_low_absF                0.001 
_refine.pdbx_data_cutoff_high_rms_absF           ? 
_refine.ls_d_res_low                             8. 
_refine.ls_d_res_high                            2.3 
_refine.ls_percent_reflns_obs                    93.0 
_refine.ls_R_factor_obs                          0.1760000 
_refine.ls_R_factor_all                          ? 
_refine.ls_R_factor_R_work                       0.1760000 
_refine.ls_R_factor_R_free                       ? 
_refine.ls_R_factor_R_free_error                 ? 
_refine.ls_R_factor_R_free_error_details         ? 
_refine.ls_percent_reflns_R_free                 ? 
_refine.ls_number_reflns_R_free                  ? 
_refine.ls_number_parameters                     ? 
_refine.ls_number_restraints                     ? 
_refine.occupancy_min                            ? 
_refine.occupancy_max                            ? 
_refine.B_iso_mean                               17.9 
_refine.aniso_B[1][1]                            ? 
_refine.aniso_B[2][2]                            ? 
_refine.aniso_B[3][3]                            ? 
_refine.aniso_B[1][2]                            ? 
_refine.aniso_B[1][3]                            ? 
_refine.aniso_B[2][3]                            ? 
_refine.solvent_model_details                    ? 
_refine.solvent_model_param_ksol                 ? 
_refine.solvent_model_param_bsol                 ? 
_refine.pdbx_ls_cross_valid_method               'ANOMALOUS DIFFERENCE OF THE NATIVE DATA SET ALLOWING TO LOCATE ALL SULFUR ATOMS' 
_refine.details                                  ? 
_refine.pdbx_starting_model                      ? 
_refine.pdbx_method_to_determine_struct          MIRAS 
_refine.pdbx_isotropic_thermal_model             ? 
_refine.pdbx_stereochemistry_target_values       ? 
_refine.pdbx_stereochem_target_val_spec_case     ? 
_refine.pdbx_R_Free_selection_details            ? 
_refine.pdbx_overall_ESU_R                       ? 
_refine.pdbx_overall_ESU_R_Free                  ? 
_refine.overall_SU_ML                            ? 
_refine.overall_SU_B                             ? 
_refine.ls_redundancy_reflns_obs                 ? 
_refine.pdbx_refine_id                           'X-RAY DIFFRACTION' 
_refine.pdbx_diffrn_id                           1 
_refine.pdbx_TLS_residual_ADP_flag               ? 
_refine.correlation_coeff_Fo_to_Fc               ? 
_refine.correlation_coeff_Fo_to_Fc_free          ? 
_refine.pdbx_solvent_vdw_probe_radii             ? 
_refine.pdbx_solvent_ion_probe_radii             ? 
_refine.pdbx_solvent_shrinkage_radii             ? 
_refine.pdbx_overall_phase_error                 ? 
_refine.overall_SU_R_Cruickshank_DPI             ? 
_refine.pdbx_overall_SU_R_free_Cruickshank_DPI   ? 
_refine.pdbx_overall_SU_R_Blow_DPI               ? 
_refine.pdbx_overall_SU_R_free_Blow_DPI          ? 
# 
_refine_analyze.entry_id                        1BYL 
_refine_analyze.Luzzati_coordinate_error_obs    0.25 
_refine_analyze.Luzzati_sigma_a_obs             ? 
_refine_analyze.Luzzati_d_res_low_obs           8. 
_refine_analyze.Luzzati_coordinate_error_free   ? 
_refine_analyze.Luzzati_sigma_a_free            ? 
_refine_analyze.Luzzati_d_res_low_free          ? 
_refine_analyze.number_disordered_residues      ? 
_refine_analyze.occupancy_sum_hydrogen          ? 
_refine_analyze.occupancy_sum_non_hydrogen      ? 
_refine_analyze.pdbx_refine_id                  'X-RAY DIFFRACTION' 
# 
_refine_hist.pdbx_refine_id                   'X-RAY DIFFRACTION' 
_refine_hist.cycle_id                         LAST 
_refine_hist.pdbx_number_atoms_protein        959 
_refine_hist.pdbx_number_atoms_nucleic_acid   0 
_refine_hist.pdbx_number_atoms_ligand         0 
_refine_hist.number_atoms_solvent             62 
_refine_hist.number_atoms_total               1021 
_refine_hist.d_res_high                       2.3 
_refine_hist.d_res_low                        8. 
# 
loop_
_refine_ls_restr.type 
_refine_ls_restr.dev_ideal 
_refine_ls_restr.dev_ideal_target 
_refine_ls_restr.weight 
_refine_ls_restr.number 
_refine_ls_restr.pdbx_refine_id 
_refine_ls_restr.pdbx_restraint_function 
x_bond_d                0.015 ? ? ? 'X-RAY DIFFRACTION' ? 
x_bond_d_na             ?     ? ? ? 'X-RAY DIFFRACTION' ? 
x_bond_d_prot           ?     ? ? ? 'X-RAY DIFFRACTION' ? 
x_angle_d               ?     ? ? ? 'X-RAY DIFFRACTION' ? 
x_angle_d_na            ?     ? ? ? 'X-RAY DIFFRACTION' ? 
x_angle_d_prot          ?     ? ? ? 'X-RAY DIFFRACTION' ? 
x_angle_deg             3.2   ? ? ? 'X-RAY DIFFRACTION' ? 
x_angle_deg_na          ?     ? ? ? 'X-RAY DIFFRACTION' ? 
x_angle_deg_prot        ?     ? ? ? 'X-RAY DIFFRACTION' ? 
x_dihedral_angle_d      ?     ? ? ? 'X-RAY DIFFRACTION' ? 
x_dihedral_angle_d_na   ?     ? ? ? 'X-RAY DIFFRACTION' ? 
x_dihedral_angle_d_prot ?     ? ? ? 'X-RAY DIFFRACTION' ? 
x_improper_angle_d      ?     ? ? ? 'X-RAY DIFFRACTION' ? 
x_improper_angle_d_na   ?     ? ? ? 'X-RAY DIFFRACTION' ? 
x_improper_angle_d_prot ?     ? ? ? 'X-RAY DIFFRACTION' ? 
x_mcbond_it             ?     ? ? ? 'X-RAY DIFFRACTION' ? 
x_mcangle_it            ?     ? ? ? 'X-RAY DIFFRACTION' ? 
x_scbond_it             ?     ? ? ? 'X-RAY DIFFRACTION' ? 
x_scangle_it            ?     ? ? ? 'X-RAY DIFFRACTION' ? 
# 
_refine_ls_shell.pdbx_total_number_of_bins_used   10 
_refine_ls_shell.d_res_high                       2.30 
_refine_ls_shell.d_res_low                        2.38 
_refine_ls_shell.number_reflns_R_work             120 
_refine_ls_shell.R_factor_R_work                  0.2830000 
_refine_ls_shell.percent_reflns_obs               21. 
_refine_ls_shell.R_factor_R_free                  ? 
_refine_ls_shell.R_factor_R_free_error            ? 
_refine_ls_shell.percent_reflns_R_free            ? 
_refine_ls_shell.number_reflns_R_free             ? 
_refine_ls_shell.redundancy_reflns_obs            ? 
_refine_ls_shell.pdbx_refine_id                   'X-RAY DIFFRACTION' 
_refine_ls_shell.number_reflns_all                ? 
_refine_ls_shell.R_factor_all                     ? 
# 
loop_
_pdbx_xplor_file.serial_no 
_pdbx_xplor_file.param_file 
_pdbx_xplor_file.topol_file 
_pdbx_xplor_file.pdbx_refine_id 
1 PARAM19X.PRO TOPH19X.PRO 'X-RAY DIFFRACTION' 
2 PARAM19.SOL  TOPH19.SOL  'X-RAY DIFFRACTION' 
# 
_struct.entry_id                  1BYL 
_struct.title                     'BLEOMYCIN RESISTANCE PROTEIN FROM STREPTOALLOTEICHUS HINDUSTANUS' 
_struct.pdbx_model_details        ? 
_struct.pdbx_CASP_flag            ? 
_struct.pdbx_model_type_details   ? 
# 
_struct_keywords.entry_id        1BYL 
_struct_keywords.pdbx_keywords   ANTIBIOTIC 
_struct_keywords.text            'ANTIBIOTIC RESISTANCE, BLEOMYCIN, DRUG SEQUESTERING, CHAIN SWAPPING, ANTIBIOTIC' 
# 
loop_
_struct_asym.id 
_struct_asym.pdbx_blank_PDB_chainid_flag 
_struct_asym.pdbx_modified 
_struct_asym.entity_id 
_struct_asym.details 
A N N 1 ? 
B N N 2 ? 
# 
_struct_ref.id                         1 
_struct_ref.db_name                    UNP 
_struct_ref.db_code                    BLE_STRHI 
_struct_ref.entity_id                  1 
_struct_ref.pdbx_db_accession          P17493 
_struct_ref.pdbx_db_isoform            ? 
_struct_ref.pdbx_seq_one_letter_code   ? 
_struct_ref.pdbx_align_begin           ? 
# 
_struct_ref_seq.align_id                      1 
_struct_ref_seq.ref_id                        1 
_struct_ref_seq.pdbx_PDB_id_code              1BYL 
_struct_ref_seq.pdbx_strand_id                A 
_struct_ref_seq.seq_align_beg                 2 
_struct_ref_seq.pdbx_seq_align_beg_ins_code   ? 
_struct_ref_seq.seq_align_end                 125 
_struct_ref_seq.pdbx_seq_align_end_ins_code   ? 
_struct_ref_seq.pdbx_db_accession             P17493 
_struct_ref_seq.db_align_beg                  1 
_struct_ref_seq.pdbx_db_align_beg_ins_code    ? 
_struct_ref_seq.db_align_end                  124 
_struct_ref_seq.pdbx_db_align_end_ins_code    ? 
_struct_ref_seq.pdbx_auth_seq_align_beg       1 
_struct_ref_seq.pdbx_auth_seq_align_end       124 
# 
_struct_ref_seq_dif.align_id                     1 
_struct_ref_seq_dif.pdbx_pdb_id_code             1BYL 
_struct_ref_seq_dif.mon_id                       PHE 
_struct_ref_seq_dif.pdbx_pdb_strand_id           A 
_struct_ref_seq_dif.seq_num                      1 
_struct_ref_seq_dif.pdbx_pdb_ins_code            ? 
_struct_ref_seq_dif.pdbx_seq_db_name             UNP 
_struct_ref_seq_dif.pdbx_seq_db_accession_code   P17493 
_struct_ref_seq_dif.db_mon_id                    ? 
_struct_ref_seq_dif.pdbx_seq_db_seq_num          ? 
_struct_ref_seq_dif.details                      'SEE REMARK 999' 
_struct_ref_seq_dif.pdbx_auth_seq_num            0 
_struct_ref_seq_dif.pdbx_ordinal                 1 
# 
_pdbx_struct_assembly.id                   1 
_pdbx_struct_assembly.details              author_and_software_defined_assembly 
_pdbx_struct_assembly.method_details       PISA,PQS 
_pdbx_struct_assembly.oligomeric_details   dimeric 
_pdbx_struct_assembly.oligomeric_count     2 
# 
loop_
_pdbx_struct_assembly_prop.biol_id 
_pdbx_struct_assembly_prop.type 
_pdbx_struct_assembly_prop.value 
_pdbx_struct_assembly_prop.details 
1 'ABSA (A^2)' 3510  ? 
1 MORE         -30   ? 
1 'SSA (A^2)'  11340 ? 
# 
_pdbx_struct_assembly_gen.assembly_id       1 
_pdbx_struct_assembly_gen.oper_expression   1,2 
_pdbx_struct_assembly_gen.asym_id_list      A,B 
# 
loop_
_pdbx_struct_oper_list.id 
_pdbx_struct_oper_list.type 
_pdbx_struct_oper_list.name 
_pdbx_struct_oper_list.symmetry_operation 
_pdbx_struct_oper_list.matrix[1][1] 
_pdbx_struct_oper_list.matrix[1][2] 
_pdbx_struct_oper_list.matrix[1][3] 
_pdbx_struct_oper_list.vector[1] 
_pdbx_struct_oper_list.matrix[2][1] 
_pdbx_struct_oper_list.matrix[2][2] 
_pdbx_struct_oper_list.matrix[2][3] 
_pdbx_struct_oper_list.vector[2] 
_pdbx_struct_oper_list.matrix[3][1] 
_pdbx_struct_oper_list.matrix[3][2] 
_pdbx_struct_oper_list.matrix[3][3] 
_pdbx_struct_oper_list.vector[3] 
1 'identity operation'         1_555 x,y,z    1.0000000000  0.0000000000 0.0000000000 0.0000000000  0.0000000000 1.0000000000  0.0000000000 0.0000000000  0.0000000000 0.0000000000 1.0000000000 0.0000000000   
2 'crystal symmetry operation' 7_556 y,x,-z+1 -0.9871236859 0.0990056855 0.1256371881 10.9433576353 0.0990056855 -0.2387475428 0.9660214723 12.2484224235 0.1256371881 0.9660214723 0.2258712287 -10.7736697263 
# 
_struct_biol.id                    1 
_struct_biol.details               
;THE PROTEIN'S COORDINATES IN THIS FILE CORRESPOND TO HALF
OF THE FUNCTIONNAL UNIT THE ACTIVE MOLECULE IS MADE UP OF
TWO TIGHTLY INTERACTING MONOMERS WHICH ARE INVOLVED IN
MUTUAL ARM EXCHANGE.
;
_struct_biol.pdbx_parent_biol_id   ? 
# 
loop_
_struct_conf.conf_type_id 
_struct_conf.id 
_struct_conf.pdbx_PDB_helix_id 
_struct_conf.beg_label_comp_id 
_struct_conf.beg_label_asym_id 
_struct_conf.beg_label_seq_id 
_struct_conf.pdbx_beg_PDB_ins_code 
_struct_conf.end_label_comp_id 
_struct_conf.end_label_asym_id 
_struct_conf.end_label_seq_id 
_struct_conf.pdbx_end_PDB_ins_code 
_struct_conf.beg_auth_comp_id 
_struct_conf.beg_auth_asym_id 
_struct_conf.beg_auth_seq_id 
_struct_conf.end_auth_comp_id 
_struct_conf.end_auth_asym_id 
_struct_conf.end_auth_seq_id 
_struct_conf.pdbx_PDB_helix_class 
_struct_conf.details 
_struct_conf.pdbx_PDB_helix_length 
HELX_P HELX_P1 1 VAL A 17 ? ASP A 26 ? VAL A 16 ASP A 25 1 ? 10 
HELX_P HELX_P2 2 GLN A 57 ? ASN A 62 ? GLN A 56 ASN A 61 1 ? 6  
HELX_P HELX_P3 3 LEU A 72 ? SER A 80 ? LEU A 71 SER A 79 1 ? 9  
# 
_struct_conf_type.id          HELX_P 
_struct_conf_type.criteria    ? 
_struct_conf_type.reference   ? 
# 
loop_
_struct_sheet.id 
_struct_sheet.type 
_struct_sheet.number_strands 
_struct_sheet.details 
A ? 4 ? 
B ? 4 ? 
# 
loop_
_struct_sheet_order.sheet_id 
_struct_sheet_order.range_id_1 
_struct_sheet_order.range_id_2 
_struct_sheet_order.offset 
_struct_sheet_order.sense 
A 1 2 ? parallel      
A 2 3 ? anti-parallel 
A 3 4 ? anti-parallel 
B 1 2 ? parallel      
B 2 3 ? anti-parallel 
B 3 4 ? anti-parallel 
# 
loop_
_struct_sheet_range.sheet_id 
_struct_sheet_range.id 
_struct_sheet_range.beg_label_comp_id 
_struct_sheet_range.beg_label_asym_id 
_struct_sheet_range.beg_label_seq_id 
_struct_sheet_range.pdbx_beg_PDB_ins_code 
_struct_sheet_range.end_label_comp_id 
_struct_sheet_range.end_label_asym_id 
_struct_sheet_range.end_label_seq_id 
_struct_sheet_range.pdbx_end_PDB_ins_code 
_struct_sheet_range.beg_auth_comp_id 
_struct_sheet_range.beg_auth_asym_id 
_struct_sheet_range.beg_auth_seq_id 
_struct_sheet_range.end_auth_comp_id 
_struct_sheet_range.end_auth_asym_id 
_struct_sheet_range.end_auth_seq_id 
A 1 PRO A 10  ? ALA A 14  ? PRO A 9   ALA A 13  
A 2 VAL A 47  ? ALA A 53  ? VAL A 46  ALA A 52  
A 3 PHE A 39  ? ARG A 44  ? PHE A 38  ARG A 43  
A 4 SER A 31  ? VAL A 35  ? SER A 30  VAL A 34  
B 1 LEU A 64  ? VAL A 69  ? LEU A 63  VAL A 68  
B 2 CYS A 116 ? ALA A 121 ? CYS A 115 ALA A 120 
B 3 GLY A 104 ? ARG A 110 ? GLY A 103 ARG A 109 
B 4 GLY A 99  ? GLN A 101 ? GLY A 98  GLN A 100 
# 
loop_
_pdbx_struct_sheet_hbond.sheet_id 
_pdbx_struct_sheet_hbond.range_id_1 
_pdbx_struct_sheet_hbond.range_id_2 
_pdbx_struct_sheet_hbond.range_1_label_atom_id 
_pdbx_struct_sheet_hbond.range_1_label_comp_id 
_pdbx_struct_sheet_hbond.range_1_label_asym_id 
_pdbx_struct_sheet_hbond.range_1_label_seq_id 
_pdbx_struct_sheet_hbond.range_1_PDB_ins_code 
_pdbx_struct_sheet_hbond.range_1_auth_atom_id 
_pdbx_struct_sheet_hbond.range_1_auth_comp_id 
_pdbx_struct_sheet_hbond.range_1_auth_asym_id 
_pdbx_struct_sheet_hbond.range_1_auth_seq_id 
_pdbx_struct_sheet_hbond.range_2_label_atom_id 
_pdbx_struct_sheet_hbond.range_2_label_comp_id 
_pdbx_struct_sheet_hbond.range_2_label_asym_id 
_pdbx_struct_sheet_hbond.range_2_label_seq_id 
_pdbx_struct_sheet_hbond.range_2_PDB_ins_code 
_pdbx_struct_sheet_hbond.range_2_auth_atom_id 
_pdbx_struct_sheet_hbond.range_2_auth_comp_id 
_pdbx_struct_sheet_hbond.range_2_auth_asym_id 
_pdbx_struct_sheet_hbond.range_2_auth_seq_id 
A 1 2 O PRO A 10  ? O PRO A 9   N PHE A 50  ? N PHE A 49  
A 2 3 O VAL A 47  ? O VAL A 46  N ARG A 44  ? N ARG A 43  
A 3 4 O GLY A 41  ? O GLY A 40  N PHE A 34  ? N PHE A 33  
B 1 2 O ALA A 65  ? O ALA A 64  N CYS A 116 ? N CYS A 115 
B 2 3 O VAL A 117 ? O VAL A 116 N LEU A 109 ? N LEU A 108 
B 3 4 O GLY A 104 ? O GLY A 103 N GLN A 101 ? N GLN A 100 
# 
loop_
_struct_site.id 
_struct_site.pdbx_evidence_code 
_struct_site.pdbx_auth_asym_id 
_struct_site.pdbx_auth_comp_id 
_struct_site.pdbx_auth_seq_id 
_struct_site.pdbx_auth_ins_code 
_struct_site.pdbx_num_residues 
_struct_site.details 
PSW Author ? ? ? ? 1 
;PROLINE-SWITCH : THIS IS THE PROLINE SUPPOSED TO PROMOTE THE CHAIN EXCHANGE BETWEEN EACH MONOMERS. SEE BERGDOLL ET AL., STRUCTURE 15 MARCH 1997, 5:391-401.
;
B2P Author ? ? ? ? 1 
;B2P : BETA II' TURN
;
# 
loop_
_struct_site_gen.id 
_struct_site_gen.site_id 
_struct_site_gen.pdbx_num_res 
_struct_site_gen.label_comp_id 
_struct_site_gen.label_asym_id 
_struct_site_gen.label_seq_id 
_struct_site_gen.pdbx_auth_ins_code 
_struct_site_gen.auth_comp_id 
_struct_site_gen.auth_asym_id 
_struct_site_gen.auth_seq_id 
_struct_site_gen.label_atom_id 
_struct_site_gen.label_alt_id 
_struct_site_gen.symmetry 
_struct_site_gen.details 
1 PSW 1 PRO A 10 ? PRO A 9  . ? 1_555 ? 
2 B2P 1 ASP A 45 ? ASP A 44 . ? 1_555 ? 
# 
_pdbx_validate_symm_contact.id                1 
_pdbx_validate_symm_contact.PDB_model_num     1 
_pdbx_validate_symm_contact.auth_atom_id_1    O 
_pdbx_validate_symm_contact.auth_asym_id_1    A 
_pdbx_validate_symm_contact.auth_comp_id_1    HOH 
_pdbx_validate_symm_contact.auth_seq_id_1     1002 
_pdbx_validate_symm_contact.PDB_ins_code_1    ? 
_pdbx_validate_symm_contact.label_alt_id_1    ? 
_pdbx_validate_symm_contact.site_symmetry_1   1_555 
_pdbx_validate_symm_contact.auth_atom_id_2    O 
_pdbx_validate_symm_contact.auth_asym_id_2    A 
_pdbx_validate_symm_contact.auth_comp_id_2    HOH 
_pdbx_validate_symm_contact.auth_seq_id_2     1002 
_pdbx_validate_symm_contact.PDB_ins_code_2    ? 
_pdbx_validate_symm_contact.label_alt_id_2    ? 
_pdbx_validate_symm_contact.site_symmetry_2   7_556 
_pdbx_validate_symm_contact.dist              1.88 
# 
loop_
_pdbx_validate_torsion.id 
_pdbx_validate_torsion.PDB_model_num 
_pdbx_validate_torsion.auth_comp_id 
_pdbx_validate_torsion.auth_asym_id 
_pdbx_validate_torsion.auth_seq_id 
_pdbx_validate_torsion.PDB_ins_code 
_pdbx_validate_torsion.label_alt_id 
_pdbx_validate_torsion.phi 
_pdbx_validate_torsion.psi 
1 1 ASP A 44 ? ? 53.15  -131.67 
2 1 ASP A 88 ? ? -73.70 24.49   
# 
_pdbx_entry_details.entry_id                 1BYL 
_pdbx_entry_details.compound_details         ? 
_pdbx_entry_details.source_details           ? 
_pdbx_entry_details.nonpolymer_details       ? 
_pdbx_entry_details.sequence_details         
;THREE EXTRA RESIDUES (ALA -2, GLU -1 & PHE 0) ARE PRESENT
AT THE N-TERMINUS AND ARE PART OF AN INCOMPLETELY CLEAVED
EXPRESSION TAG AT THE C-TERMINUS END, THE LAST RESIDUES
GLU122, GLN123, AND ASP124 ARE NOT VISIBLE IN THE DENSITY
MAP
;
_pdbx_entry_details.has_ligand_of_interest   ? 
# 
loop_
_pdbx_unobs_or_zero_occ_residues.id 
_pdbx_unobs_or_zero_occ_residues.PDB_model_num 
_pdbx_unobs_or_zero_occ_residues.polymer_flag 
_pdbx_unobs_or_zero_occ_residues.occupancy_flag 
_pdbx_unobs_or_zero_occ_residues.auth_asym_id 
_pdbx_unobs_or_zero_occ_residues.auth_comp_id 
_pdbx_unobs_or_zero_occ_residues.auth_seq_id 
_pdbx_unobs_or_zero_occ_residues.PDB_ins_code 
_pdbx_unobs_or_zero_occ_residues.label_asym_id 
_pdbx_unobs_or_zero_occ_residues.label_comp_id 
_pdbx_unobs_or_zero_occ_residues.label_seq_id 
1 1 Y 1 A GLU 122 ? A GLU 123 
2 1 Y 1 A GLN 123 ? A GLN 124 
3 1 Y 1 A ASP 124 ? A ASP 125 
# 
loop_
_chem_comp_atom.comp_id 
_chem_comp_atom.atom_id 
_chem_comp_atom.type_symbol 
_chem_comp_atom.pdbx_aromatic_flag 
_chem_comp_atom.pdbx_stereo_config 
_chem_comp_atom.pdbx_ordinal 
ALA N    N N N 1   
ALA CA   C N S 2   
ALA C    C N N 3   
ALA O    O N N 4   
ALA CB   C N N 5   
ALA OXT  O N N 6   
ALA H    H N N 7   
ALA H2   H N N 8   
ALA HA   H N N 9   
ALA HB1  H N N 10  
ALA HB2  H N N 11  
ALA HB3  H N N 12  
ALA HXT  H N N 13  
ARG N    N N N 14  
ARG CA   C N S 15  
ARG C    C N N 16  
ARG O    O N N 17  
ARG CB   C N N 18  
ARG CG   C N N 19  
ARG CD   C N N 20  
ARG NE   N N N 21  
ARG CZ   C N N 22  
ARG NH1  N N N 23  
ARG NH2  N N N 24  
ARG OXT  O N N 25  
ARG H    H N N 26  
ARG H2   H N N 27  
ARG HA   H N N 28  
ARG HB2  H N N 29  
ARG HB3  H N N 30  
ARG HG2  H N N 31  
ARG HG3  H N N 32  
ARG HD2  H N N 33  
ARG HD3  H N N 34  
ARG HE   H N N 35  
ARG HH11 H N N 36  
ARG HH12 H N N 37  
ARG HH21 H N N 38  
ARG HH22 H N N 39  
ARG HXT  H N N 40  
ASN N    N N N 41  
ASN CA   C N S 42  
ASN C    C N N 43  
ASN O    O N N 44  
ASN CB   C N N 45  
ASN CG   C N N 46  
ASN OD1  O N N 47  
ASN ND2  N N N 48  
ASN OXT  O N N 49  
ASN H    H N N 50  
ASN H2   H N N 51  
ASN HA   H N N 52  
ASN HB2  H N N 53  
ASN HB3  H N N 54  
ASN HD21 H N N 55  
ASN HD22 H N N 56  
ASN HXT  H N N 57  
ASP N    N N N 58  
ASP CA   C N S 59  
ASP C    C N N 60  
ASP O    O N N 61  
ASP CB   C N N 62  
ASP CG   C N N 63  
ASP OD1  O N N 64  
ASP OD2  O N N 65  
ASP OXT  O N N 66  
ASP H    H N N 67  
ASP H2   H N N 68  
ASP HA   H N N 69  
ASP HB2  H N N 70  
ASP HB3  H N N 71  
ASP HD2  H N N 72  
ASP HXT  H N N 73  
CYS N    N N N 74  
CYS CA   C N R 75  
CYS C    C N N 76  
CYS O    O N N 77  
CYS CB   C N N 78  
CYS SG   S N N 79  
CYS OXT  O N N 80  
CYS H    H N N 81  
CYS H2   H N N 82  
CYS HA   H N N 83  
CYS HB2  H N N 84  
CYS HB3  H N N 85  
CYS HG   H N N 86  
CYS HXT  H N N 87  
GLN N    N N N 88  
GLN CA   C N S 89  
GLN C    C N N 90  
GLN O    O N N 91  
GLN CB   C N N 92  
GLN CG   C N N 93  
GLN CD   C N N 94  
GLN OE1  O N N 95  
GLN NE2  N N N 96  
GLN OXT  O N N 97  
GLN H    H N N 98  
GLN H2   H N N 99  
GLN HA   H N N 100 
GLN HB2  H N N 101 
GLN HB3  H N N 102 
GLN HG2  H N N 103 
GLN HG3  H N N 104 
GLN HE21 H N N 105 
GLN HE22 H N N 106 
GLN HXT  H N N 107 
GLU N    N N N 108 
GLU CA   C N S 109 
GLU C    C N N 110 
GLU O    O N N 111 
GLU CB   C N N 112 
GLU CG   C N N 113 
GLU CD   C N N 114 
GLU OE1  O N N 115 
GLU OE2  O N N 116 
GLU OXT  O N N 117 
GLU H    H N N 118 
GLU H2   H N N 119 
GLU HA   H N N 120 
GLU HB2  H N N 121 
GLU HB3  H N N 122 
GLU HG2  H N N 123 
GLU HG3  H N N 124 
GLU HE2  H N N 125 
GLU HXT  H N N 126 
GLY N    N N N 127 
GLY CA   C N N 128 
GLY C    C N N 129 
GLY O    O N N 130 
GLY OXT  O N N 131 
GLY H    H N N 132 
GLY H2   H N N 133 
GLY HA2  H N N 134 
GLY HA3  H N N 135 
GLY HXT  H N N 136 
HIS N    N N N 137 
HIS CA   C N S 138 
HIS C    C N N 139 
HIS O    O N N 140 
HIS CB   C N N 141 
HIS CG   C Y N 142 
HIS ND1  N Y N 143 
HIS CD2  C Y N 144 
HIS CE1  C Y N 145 
HIS NE2  N Y N 146 
HIS OXT  O N N 147 
HIS H    H N N 148 
HIS H2   H N N 149 
HIS HA   H N N 150 
HIS HB2  H N N 151 
HIS HB3  H N N 152 
HIS HD1  H N N 153 
HIS HD2  H N N 154 
HIS HE1  H N N 155 
HIS HE2  H N N 156 
HIS HXT  H N N 157 
HOH O    O N N 158 
HOH H1   H N N 159 
HOH H2   H N N 160 
ILE N    N N N 161 
ILE CA   C N S 162 
ILE C    C N N 163 
ILE O    O N N 164 
ILE CB   C N S 165 
ILE CG1  C N N 166 
ILE CG2  C N N 167 
ILE CD1  C N N 168 
ILE OXT  O N N 169 
ILE H    H N N 170 
ILE H2   H N N 171 
ILE HA   H N N 172 
ILE HB   H N N 173 
ILE HG12 H N N 174 
ILE HG13 H N N 175 
ILE HG21 H N N 176 
ILE HG22 H N N 177 
ILE HG23 H N N 178 
ILE HD11 H N N 179 
ILE HD12 H N N 180 
ILE HD13 H N N 181 
ILE HXT  H N N 182 
LEU N    N N N 183 
LEU CA   C N S 184 
LEU C    C N N 185 
LEU O    O N N 186 
LEU CB   C N N 187 
LEU CG   C N N 188 
LEU CD1  C N N 189 
LEU CD2  C N N 190 
LEU OXT  O N N 191 
LEU H    H N N 192 
LEU H2   H N N 193 
LEU HA   H N N 194 
LEU HB2  H N N 195 
LEU HB3  H N N 196 
LEU HG   H N N 197 
LEU HD11 H N N 198 
LEU HD12 H N N 199 
LEU HD13 H N N 200 
LEU HD21 H N N 201 
LEU HD22 H N N 202 
LEU HD23 H N N 203 
LEU HXT  H N N 204 
LYS N    N N N 205 
LYS CA   C N S 206 
LYS C    C N N 207 
LYS O    O N N 208 
LYS CB   C N N 209 
LYS CG   C N N 210 
LYS CD   C N N 211 
LYS CE   C N N 212 
LYS NZ   N N N 213 
LYS OXT  O N N 214 
LYS H    H N N 215 
LYS H2   H N N 216 
LYS HA   H N N 217 
LYS HB2  H N N 218 
LYS HB3  H N N 219 
LYS HG2  H N N 220 
LYS HG3  H N N 221 
LYS HD2  H N N 222 
LYS HD3  H N N 223 
LYS HE2  H N N 224 
LYS HE3  H N N 225 
LYS HZ1  H N N 226 
LYS HZ2  H N N 227 
LYS HZ3  H N N 228 
LYS HXT  H N N 229 
MET N    N N N 230 
MET CA   C N S 231 
MET C    C N N 232 
MET O    O N N 233 
MET CB   C N N 234 
MET CG   C N N 235 
MET SD   S N N 236 
MET CE   C N N 237 
MET OXT  O N N 238 
MET H    H N N 239 
MET H2   H N N 240 
MET HA   H N N 241 
MET HB2  H N N 242 
MET HB3  H N N 243 
MET HG2  H N N 244 
MET HG3  H N N 245 
MET HE1  H N N 246 
MET HE2  H N N 247 
MET HE3  H N N 248 
MET HXT  H N N 249 
PHE N    N N N 250 
PHE CA   C N S 251 
PHE C    C N N 252 
PHE O    O N N 253 
PHE CB   C N N 254 
PHE CG   C Y N 255 
PHE CD1  C Y N 256 
PHE CD2  C Y N 257 
PHE CE1  C Y N 258 
PHE CE2  C Y N 259 
PHE CZ   C Y N 260 
PHE OXT  O N N 261 
PHE H    H N N 262 
PHE H2   H N N 263 
PHE HA   H N N 264 
PHE HB2  H N N 265 
PHE HB3  H N N 266 
PHE HD1  H N N 267 
PHE HD2  H N N 268 
PHE HE1  H N N 269 
PHE HE2  H N N 270 
PHE HZ   H N N 271 
PHE HXT  H N N 272 
PRO N    N N N 273 
PRO CA   C N S 274 
PRO C    C N N 275 
PRO O    O N N 276 
PRO CB   C N N 277 
PRO CG   C N N 278 
PRO CD   C N N 279 
PRO OXT  O N N 280 
PRO H    H N N 281 
PRO HA   H N N 282 
PRO HB2  H N N 283 
PRO HB3  H N N 284 
PRO HG2  H N N 285 
PRO HG3  H N N 286 
PRO HD2  H N N 287 
PRO HD3  H N N 288 
PRO HXT  H N N 289 
SER N    N N N 290 
SER CA   C N S 291 
SER C    C N N 292 
SER O    O N N 293 
SER CB   C N N 294 
SER OG   O N N 295 
SER OXT  O N N 296 
SER H    H N N 297 
SER H2   H N N 298 
SER HA   H N N 299 
SER HB2  H N N 300 
SER HB3  H N N 301 
SER HG   H N N 302 
SER HXT  H N N 303 
THR N    N N N 304 
THR CA   C N S 305 
THR C    C N N 306 
THR O    O N N 307 
THR CB   C N R 308 
THR OG1  O N N 309 
THR CG2  C N N 310 
THR OXT  O N N 311 
THR H    H N N 312 
THR H2   H N N 313 
THR HA   H N N 314 
THR HB   H N N 315 
THR HG1  H N N 316 
THR HG21 H N N 317 
THR HG22 H N N 318 
THR HG23 H N N 319 
THR HXT  H N N 320 
TRP N    N N N 321 
TRP CA   C N S 322 
TRP C    C N N 323 
TRP O    O N N 324 
TRP CB   C N N 325 
TRP CG   C Y N 326 
TRP CD1  C Y N 327 
TRP CD2  C Y N 328 
TRP NE1  N Y N 329 
TRP CE2  C Y N 330 
TRP CE3  C Y N 331 
TRP CZ2  C Y N 332 
TRP CZ3  C Y N 333 
TRP CH2  C Y N 334 
TRP OXT  O N N 335 
TRP H    H N N 336 
TRP H2   H N N 337 
TRP HA   H N N 338 
TRP HB2  H N N 339 
TRP HB3  H N N 340 
TRP HD1  H N N 341 
TRP HE1  H N N 342 
TRP HE3  H N N 343 
TRP HZ2  H N N 344 
TRP HZ3  H N N 345 
TRP HH2  H N N 346 
TRP HXT  H N N 347 
TYR N    N N N 348 
TYR CA   C N S 349 
TYR C    C N N 350 
TYR O    O N N 351 
TYR CB   C N N 352 
TYR CG   C Y N 353 
TYR CD1  C Y N 354 
TYR CD2  C Y N 355 
TYR CE1  C Y N 356 
TYR CE2  C Y N 357 
TYR CZ   C Y N 358 
TYR OH   O N N 359 
TYR OXT  O N N 360 
TYR H    H N N 361 
TYR H2   H N N 362 
TYR HA   H N N 363 
TYR HB2  H N N 364 
TYR HB3  H N N 365 
TYR HD1  H N N 366 
TYR HD2  H N N 367 
TYR HE1  H N N 368 
TYR HE2  H N N 369 
TYR HH   H N N 370 
TYR HXT  H N N 371 
VAL N    N N N 372 
VAL CA   C N S 373 
VAL C    C N N 374 
VAL O    O N N 375 
VAL CB   C N N 376 
VAL CG1  C N N 377 
VAL CG2  C N N 378 
VAL OXT  O N N 379 
VAL H    H N N 380 
VAL H2   H N N 381 
VAL HA   H N N 382 
VAL HB   H N N 383 
VAL HG11 H N N 384 
VAL HG12 H N N 385 
VAL HG13 H N N 386 
VAL HG21 H N N 387 
VAL HG22 H N N 388 
VAL HG23 H N N 389 
VAL HXT  H N N 390 
# 
loop_
_chem_comp_bond.comp_id 
_chem_comp_bond.atom_id_1 
_chem_comp_bond.atom_id_2 
_chem_comp_bond.value_order 
_chem_comp_bond.pdbx_aromatic_flag 
_chem_comp_bond.pdbx_stereo_config 
_chem_comp_bond.pdbx_ordinal 
ALA N   CA   sing N N 1   
ALA N   H    sing N N 2   
ALA N   H2   sing N N 3   
ALA CA  C    sing N N 4   
ALA CA  CB   sing N N 5   
ALA CA  HA   sing N N 6   
ALA C   O    doub N N 7   
ALA C   OXT  sing N N 8   
ALA CB  HB1  sing N N 9   
ALA CB  HB2  sing N N 10  
ALA CB  HB3  sing N N 11  
ALA OXT HXT  sing N N 12  
ARG N   CA   sing N N 13  
ARG N   H    sing N N 14  
ARG N   H2   sing N N 15  
ARG CA  C    sing N N 16  
ARG CA  CB   sing N N 17  
ARG CA  HA   sing N N 18  
ARG C   O    doub N N 19  
ARG C   OXT  sing N N 20  
ARG CB  CG   sing N N 21  
ARG CB  HB2  sing N N 22  
ARG CB  HB3  sing N N 23  
ARG CG  CD   sing N N 24  
ARG CG  HG2  sing N N 25  
ARG CG  HG3  sing N N 26  
ARG CD  NE   sing N N 27  
ARG CD  HD2  sing N N 28  
ARG CD  HD3  sing N N 29  
ARG NE  CZ   sing N N 30  
ARG NE  HE   sing N N 31  
ARG CZ  NH1  sing N N 32  
ARG CZ  NH2  doub N N 33  
ARG NH1 HH11 sing N N 34  
ARG NH1 HH12 sing N N 35  
ARG NH2 HH21 sing N N 36  
ARG NH2 HH22 sing N N 37  
ARG OXT HXT  sing N N 38  
ASN N   CA   sing N N 39  
ASN N   H    sing N N 40  
ASN N   H2   sing N N 41  
ASN CA  C    sing N N 42  
ASN CA  CB   sing N N 43  
ASN CA  HA   sing N N 44  
ASN C   O    doub N N 45  
ASN C   OXT  sing N N 46  
ASN CB  CG   sing N N 47  
ASN CB  HB2  sing N N 48  
ASN CB  HB3  sing N N 49  
ASN CG  OD1  doub N N 50  
ASN CG  ND2  sing N N 51  
ASN ND2 HD21 sing N N 52  
ASN ND2 HD22 sing N N 53  
ASN OXT HXT  sing N N 54  
ASP N   CA   sing N N 55  
ASP N   H    sing N N 56  
ASP N   H2   sing N N 57  
ASP CA  C    sing N N 58  
ASP CA  CB   sing N N 59  
ASP CA  HA   sing N N 60  
ASP C   O    doub N N 61  
ASP C   OXT  sing N N 62  
ASP CB  CG   sing N N 63  
ASP CB  HB2  sing N N 64  
ASP CB  HB3  sing N N 65  
ASP CG  OD1  doub N N 66  
ASP CG  OD2  sing N N 67  
ASP OD2 HD2  sing N N 68  
ASP OXT HXT  sing N N 69  
CYS N   CA   sing N N 70  
CYS N   H    sing N N 71  
CYS N   H2   sing N N 72  
CYS CA  C    sing N N 73  
CYS CA  CB   sing N N 74  
CYS CA  HA   sing N N 75  
CYS C   O    doub N N 76  
CYS C   OXT  sing N N 77  
CYS CB  SG   sing N N 78  
CYS CB  HB2  sing N N 79  
CYS CB  HB3  sing N N 80  
CYS SG  HG   sing N N 81  
CYS OXT HXT  sing N N 82  
GLN N   CA   sing N N 83  
GLN N   H    sing N N 84  
GLN N   H2   sing N N 85  
GLN CA  C    sing N N 86  
GLN CA  CB   sing N N 87  
GLN CA  HA   sing N N 88  
GLN C   O    doub N N 89  
GLN C   OXT  sing N N 90  
GLN CB  CG   sing N N 91  
GLN CB  HB2  sing N N 92  
GLN CB  HB3  sing N N 93  
GLN CG  CD   sing N N 94  
GLN CG  HG2  sing N N 95  
GLN CG  HG3  sing N N 96  
GLN CD  OE1  doub N N 97  
GLN CD  NE2  sing N N 98  
GLN NE2 HE21 sing N N 99  
GLN NE2 HE22 sing N N 100 
GLN OXT HXT  sing N N 101 
GLU N   CA   sing N N 102 
GLU N   H    sing N N 103 
GLU N   H2   sing N N 104 
GLU CA  C    sing N N 105 
GLU CA  CB   sing N N 106 
GLU CA  HA   sing N N 107 
GLU C   O    doub N N 108 
GLU C   OXT  sing N N 109 
GLU CB  CG   sing N N 110 
GLU CB  HB2  sing N N 111 
GLU CB  HB3  sing N N 112 
GLU CG  CD   sing N N 113 
GLU CG  HG2  sing N N 114 
GLU CG  HG3  sing N N 115 
GLU CD  OE1  doub N N 116 
GLU CD  OE2  sing N N 117 
GLU OE2 HE2  sing N N 118 
GLU OXT HXT  sing N N 119 
GLY N   CA   sing N N 120 
GLY N   H    sing N N 121 
GLY N   H2   sing N N 122 
GLY CA  C    sing N N 123 
GLY CA  HA2  sing N N 124 
GLY CA  HA3  sing N N 125 
GLY C   O    doub N N 126 
GLY C   OXT  sing N N 127 
GLY OXT HXT  sing N N 128 
HIS N   CA   sing N N 129 
HIS N   H    sing N N 130 
HIS N   H2   sing N N 131 
HIS CA  C    sing N N 132 
HIS CA  CB   sing N N 133 
HIS CA  HA   sing N N 134 
HIS C   O    doub N N 135 
HIS C   OXT  sing N N 136 
HIS CB  CG   sing N N 137 
HIS CB  HB2  sing N N 138 
HIS CB  HB3  sing N N 139 
HIS CG  ND1  sing Y N 140 
HIS CG  CD2  doub Y N 141 
HIS ND1 CE1  doub Y N 142 
HIS ND1 HD1  sing N N 143 
HIS CD2 NE2  sing Y N 144 
HIS CD2 HD2  sing N N 145 
HIS CE1 NE2  sing Y N 146 
HIS CE1 HE1  sing N N 147 
HIS NE2 HE2  sing N N 148 
HIS OXT HXT  sing N N 149 
HOH O   H1   sing N N 150 
HOH O   H2   sing N N 151 
ILE N   CA   sing N N 152 
ILE N   H    sing N N 153 
ILE N   H2   sing N N 154 
ILE CA  C    sing N N 155 
ILE CA  CB   sing N N 156 
ILE CA  HA   sing N N 157 
ILE C   O    doub N N 158 
ILE C   OXT  sing N N 159 
ILE CB  CG1  sing N N 160 
ILE CB  CG2  sing N N 161 
ILE CB  HB   sing N N 162 
ILE CG1 CD1  sing N N 163 
ILE CG1 HG12 sing N N 164 
ILE CG1 HG13 sing N N 165 
ILE CG2 HG21 sing N N 166 
ILE CG2 HG22 sing N N 167 
ILE CG2 HG23 sing N N 168 
ILE CD1 HD11 sing N N 169 
ILE CD1 HD12 sing N N 170 
ILE CD1 HD13 sing N N 171 
ILE OXT HXT  sing N N 172 
LEU N   CA   sing N N 173 
LEU N   H    sing N N 174 
LEU N   H2   sing N N 175 
LEU CA  C    sing N N 176 
LEU CA  CB   sing N N 177 
LEU CA  HA   sing N N 178 
LEU C   O    doub N N 179 
LEU C   OXT  sing N N 180 
LEU CB  CG   sing N N 181 
LEU CB  HB2  sing N N 182 
LEU CB  HB3  sing N N 183 
LEU CG  CD1  sing N N 184 
LEU CG  CD2  sing N N 185 
LEU CG  HG   sing N N 186 
LEU CD1 HD11 sing N N 187 
LEU CD1 HD12 sing N N 188 
LEU CD1 HD13 sing N N 189 
LEU CD2 HD21 sing N N 190 
LEU CD2 HD22 sing N N 191 
LEU CD2 HD23 sing N N 192 
LEU OXT HXT  sing N N 193 
LYS N   CA   sing N N 194 
LYS N   H    sing N N 195 
LYS N   H2   sing N N 196 
LYS CA  C    sing N N 197 
LYS CA  CB   sing N N 198 
LYS CA  HA   sing N N 199 
LYS C   O    doub N N 200 
LYS C   OXT  sing N N 201 
LYS CB  CG   sing N N 202 
LYS CB  HB2  sing N N 203 
LYS CB  HB3  sing N N 204 
LYS CG  CD   sing N N 205 
LYS CG  HG2  sing N N 206 
LYS CG  HG3  sing N N 207 
LYS CD  CE   sing N N 208 
LYS CD  HD2  sing N N 209 
LYS CD  HD3  sing N N 210 
LYS CE  NZ   sing N N 211 
LYS CE  HE2  sing N N 212 
LYS CE  HE3  sing N N 213 
LYS NZ  HZ1  sing N N 214 
LYS NZ  HZ2  sing N N 215 
LYS NZ  HZ3  sing N N 216 
LYS OXT HXT  sing N N 217 
MET N   CA   sing N N 218 
MET N   H    sing N N 219 
MET N   H2   sing N N 220 
MET CA  C    sing N N 221 
MET CA  CB   sing N N 222 
MET CA  HA   sing N N 223 
MET C   O    doub N N 224 
MET C   OXT  sing N N 225 
MET CB  CG   sing N N 226 
MET CB  HB2  sing N N 227 
MET CB  HB3  sing N N 228 
MET CG  SD   sing N N 229 
MET CG  HG2  sing N N 230 
MET CG  HG3  sing N N 231 
MET SD  CE   sing N N 232 
MET CE  HE1  sing N N 233 
MET CE  HE2  sing N N 234 
MET CE  HE3  sing N N 235 
MET OXT HXT  sing N N 236 
PHE N   CA   sing N N 237 
PHE N   H    sing N N 238 
PHE N   H2   sing N N 239 
PHE CA  C    sing N N 240 
PHE CA  CB   sing N N 241 
PHE CA  HA   sing N N 242 
PHE C   O    doub N N 243 
PHE C   OXT  sing N N 244 
PHE CB  CG   sing N N 245 
PHE CB  HB2  sing N N 246 
PHE CB  HB3  sing N N 247 
PHE CG  CD1  doub Y N 248 
PHE CG  CD2  sing Y N 249 
PHE CD1 CE1  sing Y N 250 
PHE CD1 HD1  sing N N 251 
PHE CD2 CE2  doub Y N 252 
PHE CD2 HD2  sing N N 253 
PHE CE1 CZ   doub Y N 254 
PHE CE1 HE1  sing N N 255 
PHE CE2 CZ   sing Y N 256 
PHE CE2 HE2  sing N N 257 
PHE CZ  HZ   sing N N 258 
PHE OXT HXT  sing N N 259 
PRO N   CA   sing N N 260 
PRO N   CD   sing N N 261 
PRO N   H    sing N N 262 
PRO CA  C    sing N N 263 
PRO CA  CB   sing N N 264 
PRO CA  HA   sing N N 265 
PRO C   O    doub N N 266 
PRO C   OXT  sing N N 267 
PRO CB  CG   sing N N 268 
PRO CB  HB2  sing N N 269 
PRO CB  HB3  sing N N 270 
PRO CG  CD   sing N N 271 
PRO CG  HG2  sing N N 272 
PRO CG  HG3  sing N N 273 
PRO CD  HD2  sing N N 274 
PRO CD  HD3  sing N N 275 
PRO OXT HXT  sing N N 276 
SER N   CA   sing N N 277 
SER N   H    sing N N 278 
SER N   H2   sing N N 279 
SER CA  C    sing N N 280 
SER CA  CB   sing N N 281 
SER CA  HA   sing N N 282 
SER C   O    doub N N 283 
SER C   OXT  sing N N 284 
SER CB  OG   sing N N 285 
SER CB  HB2  sing N N 286 
SER CB  HB3  sing N N 287 
SER OG  HG   sing N N 288 
SER OXT HXT  sing N N 289 
THR N   CA   sing N N 290 
THR N   H    sing N N 291 
THR N   H2   sing N N 292 
THR CA  C    sing N N 293 
THR CA  CB   sing N N 294 
THR CA  HA   sing N N 295 
THR C   O    doub N N 296 
THR C   OXT  sing N N 297 
THR CB  OG1  sing N N 298 
THR CB  CG2  sing N N 299 
THR CB  HB   sing N N 300 
THR OG1 HG1  sing N N 301 
THR CG2 HG21 sing N N 302 
THR CG2 HG22 sing N N 303 
THR CG2 HG23 sing N N 304 
THR OXT HXT  sing N N 305 
TRP N   CA   sing N N 306 
TRP N   H    sing N N 307 
TRP N   H2   sing N N 308 
TRP CA  C    sing N N 309 
TRP CA  CB   sing N N 310 
TRP CA  HA   sing N N 311 
TRP C   O    doub N N 312 
TRP C   OXT  sing N N 313 
TRP CB  CG   sing N N 314 
TRP CB  HB2  sing N N 315 
TRP CB  HB3  sing N N 316 
TRP CG  CD1  doub Y N 317 
TRP CG  CD2  sing Y N 318 
TRP CD1 NE1  sing Y N 319 
TRP CD1 HD1  sing N N 320 
TRP CD2 CE2  doub Y N 321 
TRP CD2 CE3  sing Y N 322 
TRP NE1 CE2  sing Y N 323 
TRP NE1 HE1  sing N N 324 
TRP CE2 CZ2  sing Y N 325 
TRP CE3 CZ3  doub Y N 326 
TRP CE3 HE3  sing N N 327 
TRP CZ2 CH2  doub Y N 328 
TRP CZ2 HZ2  sing N N 329 
TRP CZ3 CH2  sing Y N 330 
TRP CZ3 HZ3  sing N N 331 
TRP CH2 HH2  sing N N 332 
TRP OXT HXT  sing N N 333 
TYR N   CA   sing N N 334 
TYR N   H    sing N N 335 
TYR N   H2   sing N N 336 
TYR CA  C    sing N N 337 
TYR CA  CB   sing N N 338 
TYR CA  HA   sing N N 339 
TYR C   O    doub N N 340 
TYR C   OXT  sing N N 341 
TYR CB  CG   sing N N 342 
TYR CB  HB2  sing N N 343 
TYR CB  HB3  sing N N 344 
TYR CG  CD1  doub Y N 345 
TYR CG  CD2  sing Y N 346 
TYR CD1 CE1  sing Y N 347 
TYR CD1 HD1  sing N N 348 
TYR CD2 CE2  doub Y N 349 
TYR CD2 HD2  sing N N 350 
TYR CE1 CZ   doub Y N 351 
TYR CE1 HE1  sing N N 352 
TYR CE2 CZ   sing Y N 353 
TYR CE2 HE2  sing N N 354 
TYR CZ  OH   sing N N 355 
TYR OH  HH   sing N N 356 
TYR OXT HXT  sing N N 357 
VAL N   CA   sing N N 358 
VAL N   H    sing N N 359 
VAL N   H2   sing N N 360 
VAL CA  C    sing N N 361 
VAL CA  CB   sing N N 362 
VAL CA  HA   sing N N 363 
VAL C   O    doub N N 364 
VAL C   OXT  sing N N 365 
VAL CB  CG1  sing N N 366 
VAL CB  CG2  sing N N 367 
VAL CB  HB   sing N N 368 
VAL CG1 HG11 sing N N 369 
VAL CG1 HG12 sing N N 370 
VAL CG1 HG13 sing N N 371 
VAL CG2 HG21 sing N N 372 
VAL CG2 HG22 sing N N 373 
VAL CG2 HG23 sing N N 374 
VAL OXT HXT  sing N N 375 
# 
_atom_sites.entry_id                    1BYL 
_atom_sites.fract_transf_matrix[1][1]   0.01333360 
_atom_sites.fract_transf_matrix[1][2]   -0.01074666 
_atom_sites.fract_transf_matrix[1][3]   -0.01155860 
_atom_sites.fract_transf_matrix[2][1]   -0.01567808 
_atom_sites.fract_transf_matrix[2][2]   -0.00728002 
_atom_sites.fract_transf_matrix[2][3]   -0.01131706 
_atom_sites.fract_transf_matrix[3][1]   0.00078735 
_atom_sites.fract_transf_matrix[3][2]   0.00697796 
_atom_sites.fract_transf_matrix[3][3]   -0.00557953 
_atom_sites.fract_transf_vector[1]      0.405864 
_atom_sites.fract_transf_vector[2]      0.544678 
_atom_sites.fract_transf_vector[3]      0.422923 
# 
loop_
_atom_type.symbol 
C 
N 
O 
S 
# 
loop_
_atom_site.group_PDB 
_atom_site.id 
_atom_site.type_symbol 
_atom_site.label_atom_id 
_atom_site.label_alt_id 
_atom_site.label_comp_id 
_atom_site.label_asym_id 
_atom_site.label_entity_id 
_atom_site.label_seq_id 
_atom_site.pdbx_PDB_ins_code 
_atom_site.Cartn_x 
_atom_site.Cartn_y 
_atom_site.Cartn_z 
_atom_site.occupancy 
_atom_site.B_iso_or_equiv 
_atom_site.pdbx_formal_charge 
_atom_site.auth_seq_id 
_atom_site.auth_comp_id 
_atom_site.auth_asym_id 
_atom_site.auth_atom_id 
_atom_site.pdbx_PDB_model_num 
ATOM   1    N N   . PHE A 1 1   ? 17.851  32.200  -3.819  1.00 29.05 ? 0    PHE A N   1 
ATOM   2    C CA  . PHE A 1 1   ? 16.495  31.626  -4.057  1.00 29.38 ? 0    PHE A CA  1 
ATOM   3    C C   . PHE A 1 1   ? 16.507  30.305  -4.826  1.00 29.56 ? 0    PHE A C   1 
ATOM   4    O O   . PHE A 1 1   ? 16.748  30.256  -6.033  1.00 29.71 ? 0    PHE A O   1 
ATOM   5    C CB  . PHE A 1 1   ? 15.573  32.621  -4.764  1.00 28.56 ? 0    PHE A CB  1 
ATOM   6    C CG  . PHE A 1 1   ? 14.129  32.189  -4.756  1.00 29.54 ? 0    PHE A CG  1 
ATOM   7    C CD1 . PHE A 1 1   ? 13.655  31.243  -5.668  1.00 29.14 ? 0    PHE A CD1 1 
ATOM   8    C CD2 . PHE A 1 1   ? 13.245  32.682  -3.785  1.00 29.70 ? 0    PHE A CD2 1 
ATOM   9    C CE1 . PHE A 1 1   ? 12.318  30.792  -5.622  1.00 29.67 ? 0    PHE A CE1 1 
ATOM   10   C CE2 . PHE A 1 1   ? 11.901  32.234  -3.723  1.00 29.53 ? 0    PHE A CE2 1 
ATOM   11   C CZ  . PHE A 1 1   ? 11.435  31.288  -4.644  1.00 29.60 ? 0    PHE A CZ  1 
ATOM   12   N N   . MET A 1 2   ? 16.205  29.231  -4.109  1.00 29.40 ? 1    MET A N   1 
ATOM   13   C CA  . MET A 1 2   ? 16.210  27.897  -4.687  1.00 29.19 ? 1    MET A CA  1 
ATOM   14   C C   . MET A 1 2   ? 14.968  27.104  -4.303  1.00 27.76 ? 1    MET A C   1 
ATOM   15   O O   . MET A 1 2   ? 14.554  27.101  -3.142  1.00 26.69 ? 1    MET A O   1 
ATOM   16   C CB  . MET A 1 2   ? 17.471  27.182  -4.222  1.00 31.60 ? 1    MET A CB  1 
ATOM   17   C CG  . MET A 1 2   ? 17.561  25.747  -4.655  1.00 35.17 ? 1    MET A CG  1 
ATOM   18   S SD  . MET A 1 2   ? 19.286  25.144  -4.482  1.00 40.06 ? 1    MET A SD  1 
ATOM   19   C CE  . MET A 1 2   ? 20.089  26.337  -5.699  1.00 37.27 ? 1    MET A CE  1 
ATOM   20   N N   . ALA A 1 3   ? 14.390  26.413  -5.279  1.00 26.36 ? 2    ALA A N   1 
ATOM   21   C CA  . ALA A 1 3   ? 13.178  25.630  -5.042  1.00 25.27 ? 2    ALA A CA  1 
ATOM   22   C C   . ALA A 1 3   ? 13.421  24.511  -4.031  1.00 24.59 ? 2    ALA A C   1 
ATOM   23   O O   . ALA A 1 3   ? 14.487  23.896  -4.028  1.00 24.41 ? 2    ALA A O   1 
ATOM   24   C CB  . ALA A 1 3   ? 12.656  25.064  -6.359  1.00 24.91 ? 2    ALA A CB  1 
ATOM   25   N N   . LYS A 1 4   ? 12.446  24.278  -3.153  1.00 23.86 ? 3    LYS A N   1 
ATOM   26   C CA  . LYS A 1 4   ? 12.569  23.225  -2.141  1.00 23.49 ? 3    LYS A CA  1 
ATOM   27   C C   . LYS A 1 4   ? 11.502  22.134  -2.372  1.00 22.83 ? 3    LYS A C   1 
ATOM   28   O O   . LYS A 1 4   ? 10.332  22.462  -2.572  1.00 23.07 ? 3    LYS A O   1 
ATOM   29   C CB  . LYS A 1 4   ? 12.397  23.827  -0.763  1.00 24.06 ? 3    LYS A CB  1 
ATOM   30   C CG  . LYS A 1 4   ? 13.472  24.863  -0.399  1.00 25.83 ? 3    LYS A CG  1 
ATOM   31   C CD  . LYS A 1 4   ? 14.841  24.215  -0.214  1.00 26.98 ? 3    LYS A CD  1 
ATOM   32   C CE  . LYS A 1 4   ? 15.943  25.242  -0.131  1.00 28.20 ? 3    LYS A CE  1 
ATOM   33   N NZ  . LYS A 1 4   ? 17.274  24.565  0.050   1.00 30.31 ? 3    LYS A NZ  1 
ATOM   34   N N   . LEU A 1 5   ? 11.889  20.855  -2.387  1.00 21.30 ? 4    LEU A N   1 
ATOM   35   C CA  . LEU A 1 5   ? 10.874  19.798  -2.590  1.00 21.07 ? 4    LEU A CA  1 
ATOM   36   C C   . LEU A 1 5   ? 10.395  19.435  -1.189  1.00 20.46 ? 4    LEU A C   1 
ATOM   37   O O   . LEU A 1 5   ? 11.206  19.072  -0.324  1.00 20.50 ? 4    LEU A O   1 
ATOM   38   C CB  . LEU A 1 5   ? 11.456  18.572  -3.314  1.00 20.07 ? 4    LEU A CB  1 
ATOM   39   C CG  . LEU A 1 5   ? 12.226  18.837  -4.625  1.00 20.52 ? 4    LEU A CG  1 
ATOM   40   C CD1 . LEU A 1 5   ? 12.564  17.466  -5.303  1.00 20.38 ? 4    LEU A CD1 1 
ATOM   41   C CD2 . LEU A 1 5   ? 11.408  19.690  -5.550  1.00 19.25 ? 4    LEU A CD2 1 
ATOM   42   N N   . THR A 1 6   ? 9.090   19.531  -0.971  1.00 19.09 ? 5    THR A N   1 
ATOM   43   C CA  . THR A 1 6   ? 8.541   19.299  0.359   1.00 19.01 ? 5    THR A CA  1 
ATOM   44   C C   . THR A 1 6   ? 7.948   17.933  0.711   1.00 18.27 ? 5    THR A C   1 
ATOM   45   O O   . THR A 1 6   ? 8.009   17.546  1.849   1.00 19.31 ? 5    THR A O   1 
ATOM   46   C CB  . THR A 1 6   ? 7.497   20.426  0.708   1.00 19.38 ? 5    THR A CB  1 
ATOM   47   O OG1 . THR A 1 6   ? 6.422   20.433  -0.255  1.00 19.13 ? 5    THR A OG1 1 
ATOM   48   C CG2 . THR A 1 6   ? 8.179   21.808  0.651   1.00 19.70 ? 5    THR A CG2 1 
ATOM   49   N N   . SER A 1 7   ? 7.325   17.220  -0.216  1.00 17.09 ? 6    SER A N   1 
ATOM   50   C CA  . SER A 1 7   ? 6.779   15.893  0.110   1.00 15.44 ? 6    SER A CA  1 
ATOM   51   C C   . SER A 1 7   ? 6.418   15.167  -1.175  1.00 14.37 ? 6    SER A C   1 
ATOM   52   O O   . SER A 1 7   ? 6.268   15.796  -2.236  1.00 14.89 ? 6    SER A O   1 
ATOM   53   C CB  . SER A 1 7   ? 5.562   15.994  1.016   1.00 15.18 ? 6    SER A CB  1 
ATOM   54   O OG  . SER A 1 7   ? 4.516   16.612  0.313   1.00 15.94 ? 6    SER A OG  1 
ATOM   55   N N   . ALA A 1 8   ? 6.273   13.860  -1.085  1.00 13.14 ? 7    ALA A N   1 
ATOM   56   C CA  . ALA A 1 8   ? 5.995   13.055  -2.244  1.00 12.37 ? 7    ALA A CA  1 
ATOM   57   C C   . ALA A 1 8   ? 4.847   12.098  -1.970  1.00 12.39 ? 7    ALA A C   1 
ATOM   58   O O   . ALA A 1 8   ? 4.598   11.767  -0.812  1.00 12.39 ? 7    ALA A O   1 
ATOM   59   C CB  . ALA A 1 8   ? 7.235   12.292  -2.621  1.00 12.28 ? 7    ALA A CB  1 
ATOM   60   N N   . VAL A 1 9   ? 4.148   11.672  -3.032  1.00 11.42 ? 8    VAL A N   1 
ATOM   61   C CA  . VAL A 1 9   ? 3.014   10.769  -2.921  1.00 11.81 ? 8    VAL A CA  1 
ATOM   62   C C   . VAL A 1 9   ? 3.246   9.605   -3.912  1.00 12.32 ? 8    VAL A C   1 
ATOM   63   O O   . VAL A 1 9   ? 3.367   9.835   -5.117  1.00 12.31 ? 8    VAL A O   1 
ATOM   64   C CB  . VAL A 1 9   ? 1.684   11.535  -3.277  1.00 12.47 ? 8    VAL A CB  1 
ATOM   65   C CG1 . VAL A 1 9   ? 0.522   10.562  -3.442  1.00 12.24 ? 8    VAL A CG1 1 
ATOM   66   C CG2 . VAL A 1 9   ? 1.338   12.552  -2.204  1.00 11.35 ? 8    VAL A CG2 1 
ATOM   67   N N   . PRO A 1 10  ? 3.360   8.355   -3.413  1.00 12.02 ? 9    PRO A N   1 
ATOM   68   C CA  . PRO A 1 10  ? 3.577   7.195   -4.281  1.00 12.25 ? 9    PRO A CA  1 
ATOM   69   C C   . PRO A 1 10  ? 2.279   6.969   -5.073  1.00 12.69 ? 9    PRO A C   1 
ATOM   70   O O   . PRO A 1 10  ? 1.199   7.296   -4.590  1.00 12.93 ? 9    PRO A O   1 
ATOM   71   C CB  . PRO A 1 10  ? 3.774   6.042   -3.286  1.00 12.26 ? 9    PRO A CB  1 
ATOM   72   C CG  . PRO A 1 10  ? 4.198   6.763   -1.987  1.00 13.40 ? 9    PRO A CG  1 
ATOM   73   C CD  . PRO A 1 10  ? 3.254   7.923   -2.008  1.00 12.30 ? 9    PRO A CD  1 
ATOM   74   N N   . VAL A 1 11  ? 2.381   6.399   -6.259  1.00 12.44 ? 10   VAL A N   1 
ATOM   75   C CA  . VAL A 1 11  ? 1.210   6.103   -7.051  1.00 13.08 ? 10   VAL A CA  1 
ATOM   76   C C   . VAL A 1 11  ? 1.135   4.581   -7.269  1.00 13.84 ? 10   VAL A C   1 
ATOM   77   O O   . VAL A 1 11  ? 2.010   4.004   -7.905  1.00 14.05 ? 10   VAL A O   1 
ATOM   78   C CB  . VAL A 1 11  ? 1.282   6.792   -8.454  1.00 12.99 ? 10   VAL A CB  1 
ATOM   79   C CG1 . VAL A 1 11  ? 0.151   6.293   -9.320  1.00 13.08 ? 10   VAL A CG1 1 
ATOM   80   C CG2 . VAL A 1 11  ? 1.214   8.312   -8.308  1.00 12.35 ? 10   VAL A CG2 1 
ATOM   81   N N   . LEU A 1 12  ? 0.106   3.933   -6.738  1.00 14.60 ? 11   LEU A N   1 
ATOM   82   C CA  . LEU A 1 12  ? -0.058  2.501   -6.947  1.00 15.72 ? 11   LEU A CA  1 
ATOM   83   C C   . LEU A 1 12  ? -0.851  2.358   -8.267  1.00 16.80 ? 11   LEU A C   1 
ATOM   84   O O   . LEU A 1 12  ? -1.538  3.314   -8.723  1.00 16.00 ? 11   LEU A O   1 
ATOM   85   C CB  . LEU A 1 12  ? -0.847  1.862   -5.791  1.00 14.61 ? 11   LEU A CB  1 
ATOM   86   C CG  . LEU A 1 12  ? -0.232  2.060   -4.393  1.00 15.52 ? 11   LEU A CG  1 
ATOM   87   C CD1 . LEU A 1 12  ? -1.139  1.327   -3.342  1.00 15.14 ? 11   LEU A CD1 1 
ATOM   88   C CD2 . LEU A 1 12  ? 1.218   1.548   -4.335  1.00 13.31 ? 11   LEU A CD2 1 
ATOM   89   N N   . THR A 1 13  ? -0.766  1.187   -8.889  1.00 17.71 ? 12   THR A N   1 
ATOM   90   C CA  . THR A 1 13  ? -1.498  1.007   -10.126 1.00 19.29 ? 12   THR A CA  1 
ATOM   91   C C   . THR A 1 13  ? -2.448  -0.175  -10.049 1.00 21.13 ? 12   THR A C   1 
ATOM   92   O O   . THR A 1 13  ? -2.200  -1.133  -9.308  1.00 21.90 ? 12   THR A O   1 
ATOM   93   C CB  . THR A 1 13  ? -0.545  0.800   -11.276 1.00 18.98 ? 12   THR A CB  1 
ATOM   94   O OG1 . THR A 1 13  ? 0.295   -0.338  -11.000 1.00 19.29 ? 12   THR A OG1 1 
ATOM   95   C CG2 . THR A 1 13  ? 0.314   2.062   -11.483 1.00 17.91 ? 12   THR A CG2 1 
ATOM   96   N N   . ALA A 1 14  ? -3.541  -0.100  -10.809 1.00 22.48 ? 13   ALA A N   1 
ATOM   97   C CA  . ALA A 1 14  ? -4.532  -1.180  -10.841 1.00 23.86 ? 13   ALA A CA  1 
ATOM   98   C C   . ALA A 1 14  ? -5.316  -1.247  -12.162 1.00 24.89 ? 13   ALA A C   1 
ATOM   99   O O   . ALA A 1 14  ? -5.533  -0.225  -12.823 1.00 24.47 ? 13   ALA A O   1 
ATOM   100  C CB  . ALA A 1 14  ? -5.529  -1.000  -9.688  1.00 23.47 ? 13   ALA A CB  1 
ATOM   101  N N   . ARG A 1 15  ? -5.709  -2.453  -12.562 1.00 26.40 ? 14   ARG A N   1 
ATOM   102  C CA  . ARG A 1 15  ? -6.562  -2.573  -13.733 1.00 28.08 ? 14   ARG A CA  1 
ATOM   103  C C   . ARG A 1 15  ? -7.926  -2.109  -13.219 1.00 27.73 ? 14   ARG A C   1 
ATOM   104  O O   . ARG A 1 15  ? -8.660  -1.450  -13.951 1.00 28.05 ? 14   ARG A O   1 
ATOM   105  C CB  . ARG A 1 15  ? -6.663  -4.005  -14.248 1.00 30.37 ? 14   ARG A CB  1 
ATOM   106  C CG  . ARG A 1 15  ? -5.447  -4.455  -15.078 1.00 33.96 ? 14   ARG A CG  1 
ATOM   107  C CD  . ARG A 1 15  ? -5.768  -5.719  -15.889 1.00 36.92 ? 14   ARG A CD  1 
ATOM   108  N NE  . ARG A 1 15  ? -4.662  -6.079  -16.792 1.00 40.66 ? 14   ARG A NE  1 
ATOM   109  C CZ  . ARG A 1 15  ? -4.694  -7.066  -17.717 1.00 42.26 ? 14   ARG A CZ  1 
ATOM   110  N NH1 . ARG A 1 15  ? -5.796  -7.823  -17.889 1.00 42.46 ? 14   ARG A NH1 1 
ATOM   111  N NH2 . ARG A 1 15  ? -3.607  -7.318  -18.470 1.00 42.34 ? 14   ARG A NH2 1 
ATOM   112  N N   . ASP A 1 16  ? -8.230  -2.411  -11.948 1.00 27.28 ? 15   ASP A N   1 
ATOM   113  C CA  . ASP A 1 16  ? -9.497  -2.028  -11.318 1.00 27.24 ? 15   ASP A CA  1 
ATOM   114  C C   . ASP A 1 16  ? -9.332  -1.074  -10.101 1.00 26.93 ? 15   ASP A C   1 
ATOM   115  O O   . ASP A 1 16  ? -9.240  -1.470  -8.944  1.00 26.32 ? 15   ASP A O   1 
ATOM   116  C CB  . ASP A 1 16  ? -10.295 -3.304  -10.943 1.00 28.04 ? 15   ASP A CB  1 
ATOM   117  C CG  . ASP A 1 16  ? -11.611 -2.995  -10.206 1.00 29.13 ? 15   ASP A CG  1 
ATOM   118  O OD1 . ASP A 1 16  ? -12.118 -1.847  -10.302 1.00 29.80 ? 15   ASP A OD1 1 
ATOM   119  O OD2 . ASP A 1 16  ? -12.151 -3.906  -9.531  1.00 29.88 ? 15   ASP A OD2 1 
ATOM   120  N N   . VAL A 1 17  ? -9.317  0.211   -10.399 1.00 26.95 ? 16   VAL A N   1 
ATOM   121  C CA  . VAL A 1 17  ? -9.159  1.251   -9.402  1.00 26.88 ? 16   VAL A CA  1 
ATOM   122  C C   . VAL A 1 17  ? -10.183 1.161   -8.276  1.00 26.84 ? 16   VAL A C   1 
ATOM   123  O O   . VAL A 1 17  ? -9.810  1.108   -7.086  1.00 26.69 ? 16   VAL A O   1 
ATOM   124  C CB  . VAL A 1 17  ? -9.242  2.627   -10.078 1.00 26.87 ? 16   VAL A CB  1 
ATOM   125  C CG1 . VAL A 1 17  ? -9.287  3.737   -9.028  1.00 27.14 ? 16   VAL A CG1 1 
ATOM   126  C CG2 . VAL A 1 17  ? -8.034  2.802   -10.988 1.00 26.84 ? 16   VAL A CG2 1 
ATOM   127  N N   . ALA A 1 18  ? -11.465 1.134   -8.641  1.00 26.47 ? 17   ALA A N   1 
ATOM   128  C CA  . ALA A 1 18  ? -12.541 1.044   -7.642  1.00 26.04 ? 17   ALA A CA  1 
ATOM   129  C C   . ALA A 1 18  ? -12.306 -0.081  -6.632  1.00 25.35 ? 17   ALA A C   1 
ATOM   130  O O   . ALA A 1 18  ? -12.492 0.115   -5.434  1.00 25.50 ? 17   ALA A O   1 
ATOM   131  C CB  . ALA A 1 18  ? -13.890 0.838   -8.333  1.00 26.31 ? 17   ALA A CB  1 
ATOM   132  N N   . GLY A 1 19  ? -11.910 -1.257  -7.098  1.00 24.30 ? 18   GLY A N   1 
ATOM   133  C CA  . GLY A 1 19  ? -11.668 -2.313  -6.138  1.00 23.96 ? 18   GLY A CA  1 
ATOM   134  C C   . GLY A 1 19  ? -10.430 -2.080  -5.270  1.00 23.83 ? 18   GLY A C   1 
ATOM   135  O O   . GLY A 1 19  ? -10.388 -2.501  -4.097  1.00 23.75 ? 18   GLY A O   1 
ATOM   136  N N   . ALA A 1 20  ? -9.407  -1.441  -5.857  1.00 22.89 ? 19   ALA A N   1 
ATOM   137  C CA  . ALA A 1 20  ? -8.165  -1.151  -5.151  1.00 21.69 ? 19   ALA A CA  1 
ATOM   138  C C   . ALA A 1 20  ? -8.494  -0.180  -4.004  1.00 21.56 ? 19   ALA A C   1 
ATOM   139  O O   . ALA A 1 20  ? -7.996  -0.331  -2.894  1.00 20.68 ? 19   ALA A O   1 
ATOM   140  C CB  . ALA A 1 20  ? -7.163  -0.539  -6.112  1.00 20.73 ? 19   ALA A CB  1 
ATOM   141  N N   . VAL A 1 21  ? -9.351  0.802   -4.279  1.00 21.35 ? 20   VAL A N   1 
ATOM   142  C CA  . VAL A 1 21  ? -9.768  1.780   -3.283  1.00 21.87 ? 20   VAL A CA  1 
ATOM   143  C C   . VAL A 1 21  ? -10.585 1.135   -2.149  1.00 22.36 ? 20   VAL A C   1 
ATOM   144  O O   . VAL A 1 21  ? -10.360 1.424   -0.954  1.00 22.21 ? 20   VAL A O   1 
ATOM   145  C CB  . VAL A 1 21  ? -10.594 2.888   -3.954  1.00 22.03 ? 20   VAL A CB  1 
ATOM   146  C CG1 . VAL A 1 21  ? -11.180 3.824   -2.942  1.00 21.73 ? 20   VAL A CG1 1 
ATOM   147  C CG2 . VAL A 1 21  ? -9.697  3.659   -4.923  1.00 21.89 ? 20   VAL A CG2 1 
ATOM   148  N N   . GLU A 1 22  ? -11.515 0.258   -2.520  1.00 23.03 ? 21   GLU A N   1 
ATOM   149  C CA  . GLU A 1 22  ? -12.376 -0.448  -1.543  1.00 23.59 ? 21   GLU A CA  1 
ATOM   150  C C   . GLU A 1 22  ? -11.495 -1.201  -0.545  1.00 22.36 ? 21   GLU A C   1 
ATOM   151  O O   . GLU A 1 22  ? -11.743 -1.158  0.683   1.00 22.10 ? 21   GLU A O   1 
ATOM   152  C CB  . GLU A 1 22  ? -13.333 -1.449  -2.265  1.00 25.78 ? 21   GLU A CB  1 
ATOM   153  C CG  . GLU A 1 22  ? -13.992 -2.499  -1.337  1.00 29.71 ? 21   GLU A CG  1 
ATOM   154  C CD  . GLU A 1 22  ? -14.900 -3.511  -2.084  1.00 32.62 ? 21   GLU A CD  1 
ATOM   155  O OE1 . GLU A 1 22  ? -15.997 -3.131  -2.592  1.00 34.31 ? 21   GLU A OE1 1 
ATOM   156  O OE2 . GLU A 1 22  ? -14.521 -4.707  -2.167  1.00 34.22 ? 21   GLU A OE2 1 
ATOM   157  N N   . PHE A 1 23  ? -10.471 -1.874  -1.083  1.00 20.51 ? 22   PHE A N   1 
ATOM   158  C CA  . PHE A 1 23  ? -9.518  -2.628  -0.277  1.00 19.68 ? 22   PHE A CA  1 
ATOM   159  C C   . PHE A 1 23  ? -8.689  -1.758  0.687   1.00 19.67 ? 22   PHE A C   1 
ATOM   160  O O   . PHE A 1 23  ? -8.574  -2.057  1.863   1.00 19.37 ? 22   PHE A O   1 
ATOM   161  C CB  . PHE A 1 23  ? -8.530  -3.369  -1.164  1.00 18.44 ? 22   PHE A CB  1 
ATOM   162  C CG  . PHE A 1 23  ? -7.454  -4.042  -0.404  1.00 17.92 ? 22   PHE A CG  1 
ATOM   163  C CD1 . PHE A 1 23  ? -7.687  -5.250  0.234   1.00 17.98 ? 22   PHE A CD1 1 
ATOM   164  C CD2 . PHE A 1 23  ? -6.178  -3.476  -0.341  1.00 18.85 ? 22   PHE A CD2 1 
ATOM   165  C CE1 . PHE A 1 23  ? -6.689  -5.921  0.916   1.00 18.00 ? 22   PHE A CE1 1 
ATOM   166  C CE2 . PHE A 1 23  ? -5.137  -4.126  0.344   1.00 18.86 ? 22   PHE A CE2 1 
ATOM   167  C CZ  . PHE A 1 23  ? -5.395  -5.367  0.976   1.00 18.68 ? 22   PHE A CZ  1 
ATOM   168  N N   . TRP A 1 24  ? -8.085  -0.691  0.174   1.00 19.87 ? 23   TRP A N   1 
ATOM   169  C CA  . TRP A 1 24  ? -7.254  0.154   1.014   1.00 19.99 ? 23   TRP A CA  1 
ATOM   170  C C   . TRP A 1 24  ? -8.062  0.891   2.084   1.00 21.04 ? 23   TRP A C   1 
ATOM   171  O O   . TRP A 1 24  ? -7.541  1.209   3.164   1.00 20.31 ? 23   TRP A O   1 
ATOM   172  C CB  . TRP A 1 24  ? -6.454  1.142   0.134   1.00 19.03 ? 23   TRP A CB  1 
ATOM   173  C CG  . TRP A 1 24  ? -5.233  0.481   -0.516  1.00 18.30 ? 23   TRP A CG  1 
ATOM   174  C CD1 . TRP A 1 24  ? -5.172  -0.180  -1.731  1.00 17.80 ? 23   TRP A CD1 1 
ATOM   175  C CD2 . TRP A 1 24  ? -3.947  0.332   0.082   1.00 17.28 ? 23   TRP A CD2 1 
ATOM   176  N NE1 . TRP A 1 24  ? -3.917  -0.727  -1.910  1.00 17.63 ? 23   TRP A NE1 1 
ATOM   177  C CE2 . TRP A 1 24  ? -3.145  -0.428  -0.814  1.00 17.34 ? 23   TRP A CE2 1 
ATOM   178  C CE3 . TRP A 1 24  ? -3.389  0.764   1.291   1.00 17.14 ? 23   TRP A CE3 1 
ATOM   179  C CZ2 . TRP A 1 24  ? -1.805  -0.766  -0.532  1.00 17.02 ? 23   TRP A CZ2 1 
ATOM   180  C CZ3 . TRP A 1 24  ? -2.034  0.425   1.569   1.00 17.90 ? 23   TRP A CZ3 1 
ATOM   181  C CH2 . TRP A 1 24  ? -1.268  -0.336  0.653   1.00 16.76 ? 23   TRP A CH2 1 
ATOM   182  N N   . THR A 1 25  ? -9.341  1.146   1.796   1.00 22.10 ? 24   THR A N   1 
ATOM   183  C CA  . THR A 1 25  ? -10.160 1.856   2.773   1.00 24.11 ? 24   THR A CA  1 
ATOM   184  C C   . THR A 1 25  ? -10.984 0.962   3.677   1.00 25.51 ? 24   THR A C   1 
ATOM   185  O O   . THR A 1 25  ? -10.808 1.010   4.888   1.00 25.57 ? 24   THR A O   1 
ATOM   186  C CB  . THR A 1 25  ? -11.132 2.853   2.116   1.00 24.06 ? 24   THR A CB  1 
ATOM   187  O OG1 . THR A 1 25  ? -12.041 2.149   1.239   1.00 23.65 ? 24   THR A OG1 1 
ATOM   188  C CG2 . THR A 1 25  ? -10.350 3.920   1.358   1.00 23.93 ? 24   THR A CG2 1 
ATOM   189  N N   . ASP A 1 26  ? -11.868 0.133   3.103   1.00 27.14 ? 25   ASP A N   1 
ATOM   190  C CA  . ASP A 1 26  ? -12.725 -0.708  3.945   1.00 28.06 ? 25   ASP A CA  1 
ATOM   191  C C   . ASP A 1 26  ? -11.921 -1.710  4.730   1.00 28.10 ? 25   ASP A C   1 
ATOM   192  O O   . ASP A 1 26  ? -12.265 -2.040  5.868   1.00 28.15 ? 25   ASP A O   1 
ATOM   193  C CB  . ASP A 1 26  ? -13.813 -1.415  3.119   1.00 29.58 ? 25   ASP A CB  1 
ATOM   194  C CG  . ASP A 1 26  ? -14.591 -0.437  2.223   1.00 31.43 ? 25   ASP A CG  1 
ATOM   195  O OD1 . ASP A 1 26  ? -14.635 0.799   2.545   1.00 32.12 ? 25   ASP A OD1 1 
ATOM   196  O OD2 . ASP A 1 26  ? -15.170 -0.905  1.192   1.00 32.66 ? 25   ASP A OD2 1 
ATOM   197  N N   . ARG A 1 27  ? -10.817 -2.180  4.161   1.00 27.61 ? 26   ARG A N   1 
ATOM   198  C CA  . ARG A 1 27  ? -10.025 -3.145  4.913   1.00 27.03 ? 26   ARG A CA  1 
ATOM   199  C C   . ARG A 1 27  ? -8.777  -2.629  5.603   1.00 25.42 ? 26   ARG A C   1 
ATOM   200  O O   . ARG A 1 27  ? -8.503  -3.065  6.726   1.00 25.37 ? 26   ARG A O   1 
ATOM   201  C CB  . ARG A 1 27  ? -9.718  -4.369  4.044   1.00 28.81 ? 26   ARG A CB  1 
ATOM   202  C CG  . ARG A 1 27  ? -11.013 -5.103  3.736   1.00 31.88 ? 26   ARG A CG  1 
ATOM   203  C CD  . ARG A 1 27  ? -10.863 -6.242  2.744   1.00 35.20 ? 26   ARG A CD  1 
ATOM   204  N NE  . ARG A 1 27  ? -9.975  -7.303  3.208   1.00 37.75 ? 26   ARG A NE  1 
ATOM   205  C CZ  . ARG A 1 27  ? -9.695  -8.400  2.505   1.00 39.42 ? 26   ARG A CZ  1 
ATOM   206  N NH1 . ARG A 1 27  ? -10.242 -8.587  1.291   1.00 39.48 ? 26   ARG A NH1 1 
ATOM   207  N NH2 . ARG A 1 27  ? -8.833  -9.297  2.998   1.00 40.24 ? 26   ARG A NH2 1 
ATOM   208  N N   . LEU A 1 28  ? -8.043  -1.682  5.016   1.00 23.21 ? 27   LEU A N   1 
ATOM   209  C CA  . LEU A 1 28  ? -6.828  -1.247  5.704   1.00 21.93 ? 27   LEU A CA  1 
ATOM   210  C C   . LEU A 1 28  ? -6.962  0.003   6.584   1.00 21.20 ? 27   LEU A C   1 
ATOM   211  O O   . LEU A 1 28  ? -6.026  0.372   7.276   1.00 20.89 ? 27   LEU A O   1 
ATOM   212  C CB  . LEU A 1 28  ? -5.660  -1.110  4.715   1.00 21.67 ? 27   LEU A CB  1 
ATOM   213  C CG  . LEU A 1 28  ? -5.307  -2.388  3.913   1.00 22.00 ? 27   LEU A CG  1 
ATOM   214  C CD1 . LEU A 1 28  ? -3.967  -2.189  3.244   1.00 21.76 ? 27   LEU A CD1 1 
ATOM   215  C CD2 . LEU A 1 28  ? -5.231  -3.629  4.828   1.00 22.28 ? 27   LEU A CD2 1 
ATOM   216  N N   . GLY A 1 29  ? -8.141  0.630   6.574   1.00 20.50 ? 28   GLY A N   1 
ATOM   217  C CA  . GLY A 1 29  ? -8.359  1.792   7.395   1.00 19.72 ? 28   GLY A CA  1 
ATOM   218  C C   . GLY A 1 29  ? -8.026  3.137   6.799   1.00 20.00 ? 28   GLY A C   1 
ATOM   219  O O   . GLY A 1 29  ? -7.963  4.119   7.532   1.00 20.16 ? 28   GLY A O   1 
ATOM   220  N N   . PHE A 1 30  ? -7.772  3.221   5.496   1.00 19.71 ? 29   PHE A N   1 
ATOM   221  C CA  . PHE A 1 30  ? -7.466  4.524   4.892   1.00 19.37 ? 29   PHE A CA  1 
ATOM   222  C C   . PHE A 1 30  ? -8.834  5.175   4.578   1.00 20.47 ? 29   PHE A C   1 
ATOM   223  O O   . PHE A 1 30  ? -9.865  4.475   4.535   1.00 20.90 ? 29   PHE A O   1 
ATOM   224  C CB  . PHE A 1 30  ? -6.696  4.335   3.566   1.00 18.38 ? 29   PHE A CB  1 
ATOM   225  C CG  . PHE A 1 30  ? -5.197  4.004   3.719   1.00 16.28 ? 29   PHE A CG  1 
ATOM   226  C CD1 . PHE A 1 30  ? -4.762  2.834   4.350   1.00 14.49 ? 29   PHE A CD1 1 
ATOM   227  C CD2 . PHE A 1 30  ? -4.227  4.875   3.190   1.00 14.46 ? 29   PHE A CD2 1 
ATOM   228  C CE1 . PHE A 1 30  ? -3.386  2.539   4.446   1.00 13.36 ? 29   PHE A CE1 1 
ATOM   229  C CE2 . PHE A 1 30  ? -2.875  4.580   3.287   1.00 13.15 ? 29   PHE A CE2 1 
ATOM   230  C CZ  . PHE A 1 30  ? -2.456  3.415   3.910   1.00 12.17 ? 29   PHE A CZ  1 
ATOM   231  N N   . SER A 1 31  ? -8.865  6.481   4.348   1.00 20.40 ? 30   SER A N   1 
ATOM   232  C CA  . SER A 1 31  ? -10.131 7.141   3.999   1.00 22.04 ? 30   SER A CA  1 
ATOM   233  C C   . SER A 1 31  ? -10.075 7.547   2.524   1.00 22.03 ? 30   SER A C   1 
ATOM   234  O O   . SER A 1 31  ? -8.988  7.738   1.974   1.00 21.63 ? 30   SER A O   1 
ATOM   235  C CB  . SER A 1 31  ? -10.346 8.466   4.758   1.00 22.27 ? 30   SER A CB  1 
ATOM   236  O OG  . SER A 1 31  ? -10.089 8.346   6.133   1.00 24.71 ? 30   SER A OG  1 
ATOM   237  N N   . ARG A 1 32  ? -11.238 7.734   1.900   1.00 22.37 ? 31   ARG A N   1 
ATOM   238  C CA  . ARG A 1 32  ? -11.253 8.219   0.515   1.00 23.45 ? 31   ARG A CA  1 
ATOM   239  C C   . ARG A 1 32  ? -10.901 9.696   0.568   1.00 23.98 ? 31   ARG A C   1 
ATOM   240  O O   . ARG A 1 32  ? -11.410 10.416  1.396   1.00 23.70 ? 31   ARG A O   1 
ATOM   241  C CB  . ARG A 1 32  ? -12.629 8.063   -0.119  1.00 22.72 ? 31   ARG A CB  1 
ATOM   242  C CG  . ARG A 1 32  ? -12.972 6.646   -0.405  1.00 23.57 ? 31   ARG A CG  1 
ATOM   243  C CD  . ARG A 1 32  ? -14.350 6.468   -1.003  1.00 23.53 ? 31   ARG A CD  1 
ATOM   244  N NE  . ARG A 1 32  ? -14.565 5.056   -1.343  1.00 24.92 ? 31   ARG A NE  1 
ATOM   245  C CZ  . ARG A 1 32  ? -14.650 4.061   -0.445  1.00 26.27 ? 31   ARG A CZ  1 
ATOM   246  N NH1 . ARG A 1 32  ? -14.537 4.315   0.873   1.00 26.37 ? 31   ARG A NH1 1 
ATOM   247  N NH2 . ARG A 1 32  ? -14.875 2.805   -0.849  1.00 25.91 ? 31   ARG A NH2 1 
ATOM   248  N N   . ASP A 1 33  ? -9.998  10.140  -0.288  1.00 25.47 ? 32   ASP A N   1 
ATOM   249  C CA  . ASP A 1 33  ? -9.633  11.554  -0.328  1.00 26.91 ? 32   ASP A CA  1 
ATOM   250  C C   . ASP A 1 33  ? -10.396 12.116  -1.522  1.00 27.09 ? 32   ASP A C   1 
ATOM   251  O O   . ASP A 1 33  ? -11.058 13.138  -1.420  1.00 27.38 ? 32   ASP A O   1 
ATOM   252  C CB  . ASP A 1 33  ? -8.136  11.706  -0.544  1.00 28.54 ? 32   ASP A CB  1 
ATOM   253  C CG  . ASP A 1 33  ? -7.644  13.079  -0.193  1.00 30.10 ? 32   ASP A CG  1 
ATOM   254  O OD1 . ASP A 1 33  ? -8.043  13.581  0.878   1.00 31.80 ? 32   ASP A OD1 1 
ATOM   255  O OD2 . ASP A 1 33  ? -6.835  13.644  -0.956  1.00 31.68 ? 32   ASP A OD2 1 
ATOM   256  N N   . PHE A 1 34  ? -10.283 11.448  -2.661  1.00 26.72 ? 33   PHE A N   1 
ATOM   257  C CA  . PHE A 1 34  ? -11.021 11.847  -3.846  1.00 26.62 ? 33   PHE A CA  1 
ATOM   258  C C   . PHE A 1 34  ? -11.067 10.599  -4.693  1.00 27.30 ? 33   PHE A C   1 
ATOM   259  O O   . PHE A 1 34  ? -10.163 9.786   -4.622  1.00 26.22 ? 33   PHE A O   1 
ATOM   260  C CB  . PHE A 1 34  ? -10.338 12.995  -4.595  1.00 24.99 ? 33   PHE A CB  1 
ATOM   261  C CG  . PHE A 1 34  ? -9.025  12.631  -5.214  1.00 23.87 ? 33   PHE A CG  1 
ATOM   262  C CD1 . PHE A 1 34  ? -8.978  11.998  -6.441  1.00 23.30 ? 33   PHE A CD1 1 
ATOM   263  C CD2 . PHE A 1 34  ? -7.824  12.915  -4.546  1.00 23.31 ? 33   PHE A CD2 1 
ATOM   264  C CE1 . PHE A 1 34  ? -7.760  11.643  -7.011  1.00 23.24 ? 33   PHE A CE1 1 
ATOM   265  C CE2 . PHE A 1 34  ? -6.601  12.570  -5.094  1.00 23.01 ? 33   PHE A CE2 1 
ATOM   266  C CZ  . PHE A 1 34  ? -6.560  11.929  -6.331  1.00 23.17 ? 33   PHE A CZ  1 
ATOM   267  N N   . VAL A 1 35  ? -12.130 10.441  -5.467  1.00 28.80 ? 34   VAL A N   1 
ATOM   268  C CA  . VAL A 1 35  ? -12.269 9.267   -6.307  1.00 31.02 ? 34   VAL A CA  1 
ATOM   269  C C   . VAL A 1 35  ? -12.807 9.622   -7.678  1.00 32.42 ? 34   VAL A C   1 
ATOM   270  O O   . VAL A 1 35  ? -13.961 9.986   -7.781  1.00 32.94 ? 34   VAL A O   1 
ATOM   271  C CB  . VAL A 1 35  ? -13.257 8.261   -5.682  1.00 31.16 ? 34   VAL A CB  1 
ATOM   272  C CG1 . VAL A 1 35  ? -13.219 6.942   -6.463  1.00 30.95 ? 34   VAL A CG1 1 
ATOM   273  C CG2 . VAL A 1 35  ? -12.933 8.057   -4.183  1.00 31.07 ? 34   VAL A CG2 1 
ATOM   274  N N   . GLU A 1 36  ? -11.978 9.561   -8.719  1.00 34.51 ? 35   GLU A N   1 
ATOM   275  C CA  . GLU A 1 36  ? -12.443 9.815   -10.107 1.00 36.07 ? 35   GLU A CA  1 
ATOM   276  C C   . GLU A 1 36  ? -12.556 8.375   -10.636 1.00 36.52 ? 35   GLU A C   1 
ATOM   277  O O   . GLU A 1 36  ? -12.279 7.432   -9.899  1.00 36.53 ? 35   GLU A O   1 
ATOM   278  C CB  . GLU A 1 36  ? -11.421 10.617  -10.943 1.00 36.34 ? 35   GLU A CB  1 
ATOM   279  C CG  . GLU A 1 36  ? -11.163 12.084  -10.550 1.00 37.87 ? 35   GLU A CG  1 
ATOM   280  C CD  . GLU A 1 36  ? -12.297 13.091  -10.938 1.00 39.45 ? 35   GLU A CD  1 
ATOM   281  O OE1 . GLU A 1 36  ? -12.783 13.059  -12.110 1.00 39.55 ? 35   GLU A OE1 1 
ATOM   282  O OE2 . GLU A 1 36  ? -12.669 13.946  -10.076 1.00 39.39 ? 35   GLU A OE2 1 
ATOM   283  N N   . ASP A 1 37  ? -12.941 8.173   -11.884 1.00 37.53 ? 36   ASP A N   1 
ATOM   284  C CA  . ASP A 1 37  ? -13.083 6.790   -12.344 1.00 38.19 ? 36   ASP A CA  1 
ATOM   285  C C   . ASP A 1 37  ? -11.805 5.985   -12.649 1.00 37.79 ? 36   ASP A C   1 
ATOM   286  O O   . ASP A 1 37  ? -11.804 4.747   -12.595 1.00 37.82 ? 36   ASP A O   1 
ATOM   287  C CB  . ASP A 1 37  ? -13.988 6.723   -13.569 1.00 39.86 ? 36   ASP A CB  1 
ATOM   288  C CG  . ASP A 1 37  ? -14.186 5.299   -14.032 1.00 41.66 ? 36   ASP A CG  1 
ATOM   289  O OD1 . ASP A 1 37  ? -14.743 4.496   -13.232 1.00 42.63 ? 36   ASP A OD1 1 
ATOM   290  O OD2 . ASP A 1 37  ? -13.760 4.970   -15.173 1.00 43.29 ? 36   ASP A OD2 1 
ATOM   291  N N   . ASP A 1 38  ? -10.721 6.682   -12.962 1.00 37.06 ? 37   ASP A N   1 
ATOM   292  C CA  . ASP A 1 38  ? -9.466  6.022   -13.294 1.00 36.35 ? 37   ASP A CA  1 
ATOM   293  C C   . ASP A 1 38  ? -8.296  6.613   -12.472 1.00 34.77 ? 37   ASP A C   1 
ATOM   294  O O   . ASP A 1 38  ? -7.118  6.525   -12.857 1.00 34.81 ? 37   ASP A O   1 
ATOM   295  C CB  . ASP A 1 38  ? -9.204  6.238   -14.785 1.00 38.04 ? 37   ASP A CB  1 
ATOM   296  C CG  . ASP A 1 38  ? -9.332  7.737   -15.195 1.00 39.79 ? 37   ASP A CG  1 
ATOM   297  O OD1 . ASP A 1 38  ? -9.132  8.650   -14.329 1.00 39.92 ? 37   ASP A OD1 1 
ATOM   298  O OD2 . ASP A 1 38  ? -9.618  8.000   -16.401 1.00 41.17 ? 37   ASP A OD2 1 
ATOM   299  N N   . PHE A 1 39  ? -8.622  7.204   -11.333 1.00 32.65 ? 38   PHE A N   1 
ATOM   300  C CA  . PHE A 1 39  ? -7.614  7.867   -10.522 1.00 30.07 ? 38   PHE A CA  1 
ATOM   301  C C   . PHE A 1 39  ? -8.231  8.190   -9.166  1.00 28.20 ? 38   PHE A C   1 
ATOM   302  O O   . PHE A 1 39  ? -9.306  8.828   -9.105  1.00 27.57 ? 38   PHE A O   1 
ATOM   303  C CB  . PHE A 1 39  ? -7.213  9.178   -11.223 1.00 29.97 ? 38   PHE A CB  1 
ATOM   304  C CG  . PHE A 1 39  ? -6.053  9.878   -10.590 1.00 30.00 ? 38   PHE A CG  1 
ATOM   305  C CD1 . PHE A 1 39  ? -4.834  9.233   -10.449 1.00 29.86 ? 38   PHE A CD1 1 
ATOM   306  C CD2 . PHE A 1 39  ? -6.179  11.188  -10.149 1.00 30.06 ? 38   PHE A CD2 1 
ATOM   307  C CE1 . PHE A 1 39  ? -3.751  9.881   -9.873  1.00 30.15 ? 38   PHE A CE1 1 
ATOM   308  C CE2 . PHE A 1 39  ? -5.108  11.847  -9.571  1.00 30.17 ? 38   PHE A CE2 1 
ATOM   309  C CZ  . PHE A 1 39  ? -3.888  11.193  -9.430  1.00 30.05 ? 38   PHE A CZ  1 
ATOM   310  N N   . ALA A 1 40  ? -7.560  7.765   -8.093  1.00 25.43 ? 39   ALA A N   1 
ATOM   311  C CA  . ALA A 1 40  ? -8.056  8.049   -6.748  1.00 23.66 ? 39   ALA A CA  1 
ATOM   312  C C   . ALA A 1 40  ? -6.955  8.273   -5.738  1.00 22.25 ? 39   ALA A C   1 
ATOM   313  O O   . ALA A 1 40  ? -5.766  7.935   -5.962  1.00 22.18 ? 39   ALA A O   1 
ATOM   314  C CB  . ALA A 1 40  ? -8.980  6.922   -6.247  1.00 23.02 ? 39   ALA A CB  1 
ATOM   315  N N   . GLY A 1 41  ? -7.359  8.854   -4.625  1.00 20.55 ? 40   GLY A N   1 
ATOM   316  C CA  . GLY A 1 41  ? -6.429  9.081   -3.552  1.00 19.96 ? 40   GLY A CA  1 
ATOM   317  C C   . GLY A 1 41  ? -6.953  8.622   -2.206  1.00 18.66 ? 40   GLY A C   1 
ATOM   318  O O   . GLY A 1 41  ? -8.071  8.949   -1.858  1.00 19.39 ? 40   GLY A O   1 
ATOM   319  N N   . VAL A 1 42  ? -6.159  7.871   -1.450  1.00 17.71 ? 41   VAL A N   1 
ATOM   320  C CA  . VAL A 1 42  ? -6.569  7.445   -0.119  1.00 16.67 ? 41   VAL A CA  1 
ATOM   321  C C   . VAL A 1 42  ? -5.603  7.995   0.928   1.00 17.54 ? 41   VAL A C   1 
ATOM   322  O O   . VAL A 1 42  ? -4.417  8.200   0.659   1.00 17.89 ? 41   VAL A O   1 
ATOM   323  C CB  . VAL A 1 42  ? -6.634  5.930   -0.016  1.00 15.29 ? 41   VAL A CB  1 
ATOM   324  C CG1 . VAL A 1 42  ? -7.678  5.416   -0.955  1.00 14.96 ? 41   VAL A CG1 1 
ATOM   325  C CG2 . VAL A 1 42  ? -5.295  5.341   -0.315  1.00 14.67 ? 41   VAL A CG2 1 
ATOM   326  N N   . VAL A 1 43  ? -6.089  8.194   2.142   1.00 17.61 ? 42   VAL A N   1 
ATOM   327  C CA  . VAL A 1 43  ? -5.257  8.782   3.161   1.00 18.14 ? 42   VAL A CA  1 
ATOM   328  C C   . VAL A 1 43  ? -5.415  8.139   4.511   1.00 18.83 ? 42   VAL A C   1 
ATOM   329  O O   . VAL A 1 43  ? -6.521  7.722   4.878   1.00 19.45 ? 42   VAL A O   1 
ATOM   330  C CB  . VAL A 1 43  ? -5.623  10.283  3.354   1.00 18.43 ? 42   VAL A CB  1 
ATOM   331  C CG1 . VAL A 1 43  ? -4.675  10.936  4.337   1.00 18.14 ? 42   VAL A CG1 1 
ATOM   332  C CG2 . VAL A 1 43  ? -5.590  10.994  1.995   1.00 19.45 ? 42   VAL A CG2 1 
ATOM   333  N N   . ARG A 1 44  ? -4.311  8.093   5.250   1.00 18.37 ? 43   ARG A N   1 
ATOM   334  C CA  . ARG A 1 44  ? -4.290  7.609   6.612   1.00 18.53 ? 43   ARG A CA  1 
ATOM   335  C C   . ARG A 1 44  ? -3.141  8.330   7.324   1.00 18.98 ? 43   ARG A C   1 
ATOM   336  O O   . ARG A 1 44  ? -1.973  8.273   6.898   1.00 18.22 ? 43   ARG A O   1 
ATOM   337  C CB  . ARG A 1 44  ? -4.117  6.098   6.702   1.00 18.62 ? 43   ARG A CB  1 
ATOM   338  C CG  . ARG A 1 44  ? -4.022  5.636   8.176   1.00 18.80 ? 43   ARG A CG  1 
ATOM   339  C CD  . ARG A 1 44  ? -4.100  4.102   8.316   1.00 18.44 ? 43   ARG A CD  1 
ATOM   340  N NE  . ARG A 1 44  ? -3.787  3.649   9.676   1.00 17.31 ? 43   ARG A NE  1 
ATOM   341  C CZ  . ARG A 1 44  ? -4.105  2.453   10.171  1.00 16.73 ? 43   ARG A CZ  1 
ATOM   342  N NH1 . ARG A 1 44  ? -4.753  1.563   9.447   1.00 16.17 ? 43   ARG A NH1 1 
ATOM   343  N NH2 . ARG A 1 44  ? -3.734  2.138   11.397  1.00 16.44 ? 43   ARG A NH2 1 
ATOM   344  N N   . ASP A 1 45  ? -3.500  9.026   8.406   1.00 19.51 ? 44   ASP A N   1 
ATOM   345  C CA  . ASP A 1 45  ? -2.554  9.795   9.172   1.00 19.71 ? 44   ASP A CA  1 
ATOM   346  C C   . ASP A 1 45  ? -1.832  10.721  8.196   1.00 19.84 ? 44   ASP A C   1 
ATOM   347  O O   . ASP A 1 45  ? -2.499  11.374  7.376   1.00 19.30 ? 44   ASP A O   1 
ATOM   348  C CB  . ASP A 1 45  ? -1.603  8.852   9.890   1.00 21.12 ? 44   ASP A CB  1 
ATOM   349  C CG  . ASP A 1 45  ? -2.343  7.791   10.715  1.00 22.31 ? 44   ASP A CG  1 
ATOM   350  O OD1 . ASP A 1 45  ? -3.252  8.152   11.498  1.00 23.92 ? 44   ASP A OD1 1 
ATOM   351  O OD2 . ASP A 1 45  ? -2.015  6.600   10.598  1.00 22.66 ? 44   ASP A OD2 1 
ATOM   352  N N   . ASP A 1 46  ? -0.498  10.788  8.235   1.00 19.84 ? 45   ASP A N   1 
ATOM   353  C CA  . ASP A 1 46  ? 0.194   11.714  7.324   1.00 20.39 ? 45   ASP A CA  1 
ATOM   354  C C   . ASP A 1 46  ? 0.536   11.132  5.949   1.00 20.01 ? 45   ASP A C   1 
ATOM   355  O O   . ASP A 1 46  ? 1.323   11.744  5.208   1.00 20.24 ? 45   ASP A O   1 
ATOM   356  C CB  . ASP A 1 46  ? 1.519   12.214  7.924   1.00 22.40 ? 45   ASP A CB  1 
ATOM   357  C CG  . ASP A 1 46  ? 1.337   12.896  9.269   1.00 24.50 ? 45   ASP A CG  1 
ATOM   358  O OD1 . ASP A 1 46  ? 0.323   13.596  9.427   1.00 25.50 ? 45   ASP A OD1 1 
ATOM   359  O OD2 . ASP A 1 46  ? 2.214   12.751  10.154  1.00 25.52 ? 45   ASP A OD2 1 
ATOM   360  N N   . VAL A 1 47  ? -0.025  9.976   5.597   1.00 18.49 ? 46   VAL A N   1 
ATOM   361  C CA  . VAL A 1 47  ? 0.321   9.364   4.328   1.00 17.26 ? 46   VAL A CA  1 
ATOM   362  C C   . VAL A 1 47  ? -0.790  9.313   3.346   1.00 16.81 ? 46   VAL A C   1 
ATOM   363  O O   . VAL A 1 47  ? -1.884  8.831   3.657   1.00 16.95 ? 46   VAL A O   1 
ATOM   364  C CB  . VAL A 1 47  ? 0.800   7.947   4.546   1.00 17.38 ? 46   VAL A CB  1 
ATOM   365  C CG1 . VAL A 1 47  ? 0.959   7.217   3.202   1.00 17.52 ? 46   VAL A CG1 1 
ATOM   366  C CG2 . VAL A 1 47  ? 2.116   7.982   5.344   1.00 17.33 ? 46   VAL A CG2 1 
ATOM   367  N N   . THR A 1 48  ? -0.502  9.783   2.139   1.00 15.92 ? 47   THR A N   1 
ATOM   368  C CA  . THR A 1 48  ? -1.471  9.773   1.041   1.00 15.21 ? 47   THR A CA  1 
ATOM   369  C C   . THR A 1 48  ? -0.907  8.854   -0.029  1.00 14.55 ? 47   THR A C   1 
ATOM   370  O O   . THR A 1 48  ? 0.279   8.854   -0.262  1.00 14.15 ? 47   THR A O   1 
ATOM   371  C CB  . THR A 1 48  ? -1.621  11.209  0.451   1.00 15.57 ? 47   THR A CB  1 
ATOM   372  O OG1 . THR A 1 48  ? -2.160  12.063  1.459   1.00 15.75 ? 47   THR A OG1 1 
ATOM   373  C CG2 . THR A 1 48  ? -2.534  11.236  -0.773  1.00 15.23 ? 47   THR A CG2 1 
ATOM   374  N N   . LEU A 1 49  ? -1.747  8.062   -0.676  1.00 14.50 ? 48   LEU A N   1 
ATOM   375  C CA  . LEU A 1 49  ? -1.292  7.176   -1.768  1.00 14.01 ? 48   LEU A CA  1 
ATOM   376  C C   . LEU A 1 49  ? -2.289  7.470   -2.886  1.00 14.63 ? 48   LEU A C   1 
ATOM   377  O O   . LEU A 1 49  ? -3.512  7.676   -2.629  1.00 14.59 ? 48   LEU A O   1 
ATOM   378  C CB  . LEU A 1 49  ? -1.369  5.673   -1.376  1.00 12.60 ? 48   LEU A CB  1 
ATOM   379  C CG  . LEU A 1 49  ? -0.535  5.220   -0.171  1.00 13.42 ? 48   LEU A CG  1 
ATOM   380  C CD1 . LEU A 1 49  ? -0.918  3.796   0.237   1.00 13.84 ? 48   LEU A CD1 1 
ATOM   381  C CD2 . LEU A 1 49  ? 0.974   5.335   -0.481  1.00 12.84 ? 48   LEU A CD2 1 
ATOM   382  N N   . PHE A 1 50  ? -1.796  7.528   -4.117  1.00 14.39 ? 49   PHE A N   1 
ATOM   383  C CA  . PHE A 1 50  ? -2.703  7.755   -5.218  1.00 15.45 ? 49   PHE A CA  1 
ATOM   384  C C   . PHE A 1 50  ? -2.851  6.387   -5.858  1.00 17.07 ? 49   PHE A C   1 
ATOM   385  O O   . PHE A 1 50  ? -1.952  5.555   -5.675  1.00 17.91 ? 49   PHE A O   1 
ATOM   386  C CB  . PHE A 1 50  ? -2.119  8.766   -6.222  1.00 14.31 ? 49   PHE A CB  1 
ATOM   387  C CG  . PHE A 1 50  ? -2.219  10.206  -5.775  1.00 13.10 ? 49   PHE A CG  1 
ATOM   388  C CD1 . PHE A 1 50  ? -3.028  10.571  -4.711  1.00 11.77 ? 49   PHE A CD1 1 
ATOM   389  C CD2 . PHE A 1 50  ? -1.506  11.214  -6.439  1.00 13.02 ? 49   PHE A CD2 1 
ATOM   390  C CE1 . PHE A 1 50  ? -3.115  11.912  -4.316  1.00 12.02 ? 49   PHE A CE1 1 
ATOM   391  C CE2 . PHE A 1 50  ? -1.599  12.564  -6.031  1.00 11.68 ? 49   PHE A CE2 1 
ATOM   392  C CZ  . PHE A 1 50  ? -2.400  12.899  -4.971  1.00 10.86 ? 49   PHE A CZ  1 
ATOM   393  N N   . ILE A 1 51  ? -3.968  6.123   -6.554  1.00 17.95 ? 50   ILE A N   1 
ATOM   394  C CA  . ILE A 1 51  ? -4.136  4.842   -7.259  1.00 19.49 ? 50   ILE A CA  1 
ATOM   395  C C   . ILE A 1 51  ? -4.516  5.184   -8.714  1.00 21.07 ? 50   ILE A C   1 
ATOM   396  O O   . ILE A 1 51  ? -5.517  5.884   -8.971  1.00 21.98 ? 50   ILE A O   1 
ATOM   397  C CB  . ILE A 1 51  ? -5.245  3.957   -6.671  1.00 19.56 ? 50   ILE A CB  1 
ATOM   398  C CG1 . ILE A 1 51  ? -4.959  3.655   -5.205  1.00 19.53 ? 50   ILE A CG1 1 
ATOM   399  C CG2 . ILE A 1 51  ? -5.323  2.632   -7.472  1.00 19.34 ? 50   ILE A CG2 1 
ATOM   400  C CD1 . ILE A 1 51  ? -5.888  2.604   -4.621  1.00 20.09 ? 50   ILE A CD1 1 
ATOM   401  N N   . SER A 1 52  ? -3.745  4.676   -9.661  1.00 21.68 ? 51   SER A N   1 
ATOM   402  C CA  . SER A 1 52  ? -3.979  5.029   -11.044 1.00 23.61 ? 51   SER A CA  1 
ATOM   403  C C   . SER A 1 52  ? -4.311  3.819   -11.901 1.00 24.26 ? 51   SER A C   1 
ATOM   404  O O   . SER A 1 52  ? -3.842  2.706   -11.641 1.00 24.56 ? 51   SER A O   1 
ATOM   405  C CB  . SER A 1 52  ? -2.738  5.751   -11.582 1.00 23.70 ? 51   SER A CB  1 
ATOM   406  O OG  . SER A 1 52  ? -2.979  6.307   -12.860 1.00 26.08 ? 51   SER A OG  1 
ATOM   407  N N   . ALA A 1 53  ? -5.137  4.031   -12.913 1.00 25.02 ? 52   ALA A N   1 
ATOM   408  C CA  . ALA A 1 53  ? -5.556  2.933   -13.789 1.00 26.59 ? 52   ALA A CA  1 
ATOM   409  C C   . ALA A 1 53  ? -4.554  2.621   -14.880 1.00 27.47 ? 52   ALA A C   1 
ATOM   410  O O   . ALA A 1 53  ? -3.908  3.532   -15.416 1.00 28.19 ? 52   ALA A O   1 
ATOM   411  C CB  . ALA A 1 53  ? -6.914  3.258   -14.419 1.00 26.01 ? 52   ALA A CB  1 
ATOM   412  N N   . VAL A 1 54  ? -4.399  1.337   -15.176 1.00 28.44 ? 53   VAL A N   1 
ATOM   413  C CA  . VAL A 1 54  ? -3.515  0.890   -16.253 1.00 29.83 ? 53   VAL A CA  1 
ATOM   414  C C   . VAL A 1 54  ? -4.181  -0.319  -16.901 1.00 31.14 ? 53   VAL A C   1 
ATOM   415  O O   . VAL A 1 54  ? -5.073  -0.941  -16.309 1.00 31.20 ? 53   VAL A O   1 
ATOM   416  C CB  . VAL A 1 54  ? -2.118  0.454   -15.757 1.00 29.66 ? 53   VAL A CB  1 
ATOM   417  C CG1 . VAL A 1 54  ? -1.457  1.594   -15.006 1.00 29.82 ? 53   VAL A CG1 1 
ATOM   418  C CG2 . VAL A 1 54  ? -2.238  -0.819  -14.893 1.00 29.50 ? 53   VAL A CG2 1 
ATOM   419  N N   . GLN A 1 55  ? -3.744  -0.676  -18.105 1.00 32.83 ? 54   GLN A N   1 
ATOM   420  C CA  . GLN A 1 55  ? -4.360  -1.803  -18.793 1.00 34.40 ? 54   GLN A CA  1 
ATOM   421  C C   . GLN A 1 55  ? -3.569  -3.087  -18.691 1.00 34.84 ? 54   GLN A C   1 
ATOM   422  O O   . GLN A 1 55  ? -4.136  -4.161  -18.658 1.00 35.33 ? 54   GLN A O   1 
ATOM   423  C CB  . GLN A 1 55  ? -4.588  -1.449  -20.255 1.00 35.34 ? 54   GLN A CB  1 
ATOM   424  C CG  . GLN A 1 55  ? -5.511  -0.272  -20.428 1.00 37.20 ? 54   GLN A CG  1 
ATOM   425  C CD  . GLN A 1 55  ? -5.677  0.104   -21.884 1.00 38.72 ? 54   GLN A CD  1 
ATOM   426  O OE1 . GLN A 1 55  ? -6.190  -0.701  -22.699 1.00 39.51 ? 54   GLN A OE1 1 
ATOM   427  N NE2 . GLN A 1 55  ? -5.231  1.325   -22.242 1.00 39.03 ? 54   GLN A NE2 1 
ATOM   428  N N   . ASP A 1 56  ? -2.260  -2.986  -18.605 1.00 35.13 ? 55   ASP A N   1 
ATOM   429  C CA  . ASP A 1 56  ? -1.434  -4.181  -18.532 1.00 35.33 ? 55   ASP A CA  1 
ATOM   430  C C   . ASP A 1 56  ? -1.229  -4.642  -17.070 1.00 34.28 ? 55   ASP A C   1 
ATOM   431  O O   . ASP A 1 56  ? -0.780  -3.860  -16.229 1.00 34.14 ? 55   ASP A O   1 
ATOM   432  C CB  . ASP A 1 56  ? -0.086  -3.865  -19.184 1.00 36.67 ? 55   ASP A CB  1 
ATOM   433  C CG  . ASP A 1 56  ? 0.726   -5.111  -19.494 1.00 38.75 ? 55   ASP A CG  1 
ATOM   434  O OD1 . ASP A 1 56  ? 0.648   -6.132  -18.721 1.00 38.89 ? 55   ASP A OD1 1 
ATOM   435  O OD2 . ASP A 1 56  ? 1.473   -5.038  -20.520 1.00 40.33 ? 55   ASP A OD2 1 
ATOM   436  N N   . GLN A 1 57  ? -1.523  -5.905  -16.766 1.00 33.05 ? 56   GLN A N   1 
ATOM   437  C CA  . GLN A 1 57  ? -1.357  -6.382  -15.385 1.00 32.09 ? 56   GLN A CA  1 
ATOM   438  C C   . GLN A 1 57  ? 0.087   -6.378  -14.896 1.00 31.16 ? 56   GLN A C   1 
ATOM   439  O O   . GLN A 1 57  ? 0.338   -6.284  -13.694 1.00 30.53 ? 56   GLN A O   1 
ATOM   440  C CB  . GLN A 1 57  ? -1.971  -7.790  -15.221 1.00 31.98 ? 56   GLN A CB  1 
ATOM   441  C CG  . GLN A 1 57  ? -1.810  -8.497  -13.854 1.00 32.00 ? 56   GLN A CG  1 
ATOM   442  C CD  . GLN A 1 57  ? -2.378  -7.715  -12.635 1.00 33.45 ? 56   GLN A CD  1 
ATOM   443  O OE1 . GLN A 1 57  ? -3.469  -7.132  -12.684 1.00 33.16 ? 56   GLN A OE1 1 
ATOM   444  N NE2 . GLN A 1 57  ? -1.630  -7.744  -11.517 1.00 33.46 ? 56   GLN A NE2 1 
ATOM   445  N N   . VAL A 1 58  ? 1.042   -6.456  -15.809 1.00 30.42 ? 57   VAL A N   1 
ATOM   446  C CA  . VAL A 1 58  ? 2.447   -6.484  -15.382 1.00 29.96 ? 57   VAL A CA  1 
ATOM   447  C C   . VAL A 1 58  ? 2.927   -5.198  -14.665 1.00 29.15 ? 57   VAL A C   1 
ATOM   448  O O   . VAL A 1 58  ? 3.931   -5.229  -13.926 1.00 29.29 ? 57   VAL A O   1 
ATOM   449  C CB  . VAL A 1 58  ? 3.410   -6.821  -16.576 1.00 30.04 ? 57   VAL A CB  1 
ATOM   450  C CG1 . VAL A 1 58  ? 3.183   -5.868  -17.717 1.00 30.55 ? 57   VAL A CG1 1 
ATOM   451  C CG2 . VAL A 1 58  ? 4.878   -6.701  -16.137 1.00 30.48 ? 57   VAL A CG2 1 
ATOM   452  N N   . VAL A 1 59  ? 2.214   -4.087  -14.854 1.00 28.07 ? 58   VAL A N   1 
ATOM   453  C CA  . VAL A 1 59  ? 2.604   -2.834  -14.204 1.00 27.31 ? 58   VAL A CA  1 
ATOM   454  C C   . VAL A 1 59  ? 2.363   -2.937  -12.690 1.00 26.89 ? 58   VAL A C   1 
ATOM   455  O O   . VAL A 1 59  ? 3.291   -2.758  -11.898 1.00 26.99 ? 58   VAL A O   1 
ATOM   456  C CB  . VAL A 1 59  ? 1.860   -1.613  -14.800 1.00 27.11 ? 58   VAL A CB  1 
ATOM   457  C CG1 . VAL A 1 59  ? 2.170   -0.366  -13.994 1.00 26.84 ? 58   VAL A CG1 1 
ATOM   458  C CG2 . VAL A 1 59  ? 2.297   -1.401  -16.233 1.00 27.37 ? 58   VAL A CG2 1 
ATOM   459  N N   . PRO A 1 60  ? 1.132   -3.235  -12.266 1.00 26.37 ? 59   PRO A N   1 
ATOM   460  C CA  . PRO A 1 60  ? 0.854   -3.359  -10.833 1.00 26.36 ? 59   PRO A CA  1 
ATOM   461  C C   . PRO A 1 60  ? 1.730   -4.444  -10.205 1.00 26.47 ? 59   PRO A C   1 
ATOM   462  O O   . PRO A 1 60  ? 2.100   -4.365  -9.027  1.00 26.88 ? 59   PRO A O   1 
ATOM   463  C CB  . PRO A 1 60  ? -0.632  -3.729  -10.815 1.00 26.35 ? 59   PRO A CB  1 
ATOM   464  C CG  . PRO A 1 60  ? -1.151  -3.019  -12.040 1.00 26.08 ? 59   PRO A CG  1 
ATOM   465  C CD  . PRO A 1 60  ? -0.105  -3.452  -13.033 1.00 26.22 ? 59   PRO A CD  1 
ATOM   466  N N   . ASP A 1 61  ? 2.060   -5.465  -10.994 1.00 26.16 ? 60   ASP A N   1 
ATOM   467  C CA  . ASP A 1 61  ? 2.902   -6.564  -10.503 1.00 25.93 ? 60   ASP A CA  1 
ATOM   468  C C   . ASP A 1 61  ? 4.317   -6.124  -10.324 1.00 24.67 ? 60   ASP A C   1 
ATOM   469  O O   . ASP A 1 61  ? 5.126   -6.866  -9.807  1.00 23.93 ? 60   ASP A O   1 
ATOM   470  C CB  . ASP A 1 61  ? 2.918   -7.781  -11.452 1.00 27.26 ? 60   ASP A CB  1 
ATOM   471  C CG  . ASP A 1 61  ? 1.619   -8.553  -11.431 1.00 28.49 ? 60   ASP A CG  1 
ATOM   472  O OD1 . ASP A 1 61  ? 0.888   -8.446  -10.433 1.00 29.45 ? 60   ASP A OD1 1 
ATOM   473  O OD2 . ASP A 1 61  ? 1.338   -9.285  -12.396 1.00 29.68 ? 60   ASP A OD2 1 
ATOM   474  N N   . ASN A 1 62  ? 4.633   -4.936  -10.800 1.00 23.66 ? 61   ASN A N   1 
ATOM   475  C CA  . ASN A 1 62  ? 5.977   -4.452  -10.628 1.00 23.05 ? 61   ASN A CA  1 
ATOM   476  C C   . ASN A 1 62  ? 6.012   -3.117  -9.910  1.00 22.20 ? 61   ASN A C   1 
ATOM   477  O O   . ASN A 1 62  ? 7.080   -2.491  -9.828  1.00 23.45 ? 61   ASN A O   1 
ATOM   478  C CB  . ASN A 1 62  ? 6.670   -4.377  -11.983 1.00 23.78 ? 61   ASN A CB  1 
ATOM   479  C CG  . ASN A 1 62  ? 7.121   -5.750  -12.453 1.00 24.83 ? 61   ASN A CG  1 
ATOM   480  O OD1 . ASN A 1 62  ? 8.174   -6.234  -12.018 1.00 25.30 ? 61   ASN A OD1 1 
ATOM   481  N ND2 . ASN A 1 62  ? 6.300   -6.416  -13.297 1.00 24.30 ? 61   ASN A ND2 1 
ATOM   482  N N   . THR A 1 63  ? 4.860   -2.689  -9.390  1.00 19.53 ? 62   THR A N   1 
ATOM   483  C CA  . THR A 1 63  ? 4.800   -1.426  -8.718  1.00 17.58 ? 62   THR A CA  1 
ATOM   484  C C   . THR A 1 63  ? 5.116   -1.570  -7.234  1.00 16.74 ? 62   THR A C   1 
ATOM   485  O O   . THR A 1 63  ? 4.613   -2.474  -6.554  1.00 16.09 ? 62   THR A O   1 
ATOM   486  C CB  . THR A 1 63  ? 3.428   -0.759  -8.904  1.00 17.14 ? 62   THR A CB  1 
ATOM   487  O OG1 . THR A 1 63  ? 3.187   -0.551  -10.294 1.00 16.84 ? 62   THR A OG1 1 
ATOM   488  C CG2 . THR A 1 63  ? 3.400   0.622   -8.177  1.00 16.47 ? 62   THR A CG2 1 
ATOM   489  N N   . LEU A 1 64  ? 5.931   -0.656  -6.729  1.00 15.73 ? 63   LEU A N   1 
ATOM   490  C CA  . LEU A 1 64  ? 6.338   -0.700  -5.339  1.00 14.96 ? 63   LEU A CA  1 
ATOM   491  C C   . LEU A 1 64  ? 6.159   0.619   -4.621  1.00 15.12 ? 63   LEU A C   1 
ATOM   492  O O   . LEU A 1 64  ? 6.041   1.688   -5.247  1.00 14.92 ? 63   LEU A O   1 
ATOM   493  C CB  . LEU A 1 64  ? 7.819   -1.048  -5.264  1.00 14.81 ? 63   LEU A CB  1 
ATOM   494  C CG  . LEU A 1 64  ? 8.271   -2.402  -5.824  1.00 15.89 ? 63   LEU A CG  1 
ATOM   495  C CD1 . LEU A 1 64  ? 9.770   -2.365  -6.048  1.00 15.95 ? 63   LEU A CD1 1 
ATOM   496  C CD2 . LEU A 1 64  ? 7.932   -3.520  -4.839  1.00 15.55 ? 63   LEU A CD2 1 
ATOM   497  N N   . ALA A 1 65  ? 6.170   0.547   -3.292  1.00 14.61 ? 64   ALA A N   1 
ATOM   498  C CA  . ALA A 1 65  ? 6.134   1.750   -2.477  1.00 14.72 ? 64   ALA A CA  1 
ATOM   499  C C   . ALA A 1 65  ? 6.658   1.408   -1.066  1.00 14.89 ? 64   ALA A C   1 
ATOM   500  O O   . ALA A 1 65  ? 6.507   0.272   -0.576  1.00 14.44 ? 64   ALA A O   1 
ATOM   501  C CB  . ALA A 1 65  ? 4.699   2.335   -2.404  1.00 13.29 ? 64   ALA A CB  1 
ATOM   502  N N   . TRP A 1 66  ? 7.242   2.409   -0.419  1.00 14.75 ? 65   TRP A N   1 
ATOM   503  C CA  . TRP A 1 66  ? 7.757   2.271   0.933   1.00 15.60 ? 65   TRP A CA  1 
ATOM   504  C C   . TRP A 1 66  ? 7.033   3.291   1.820   1.00 15.87 ? 65   TRP A C   1 
ATOM   505  O O   . TRP A 1 66  ? 6.937   4.467   1.460   1.00 16.41 ? 65   TRP A O   1 
ATOM   506  C CB  . TRP A 1 66  ? 9.274   2.553   0.932   1.00 15.70 ? 65   TRP A CB  1 
ATOM   507  C CG  . TRP A 1 66  ? 10.152  1.313   0.993   1.00 16.00 ? 65   TRP A CG  1 
ATOM   508  C CD1 . TRP A 1 66  ? 10.916  0.904   2.069   1.00 16.11 ? 65   TRP A CD1 1 
ATOM   509  C CD2 . TRP A 1 66  ? 10.434  0.382   -0.069  1.00 16.31 ? 65   TRP A CD2 1 
ATOM   510  N NE1 . TRP A 1 66  ? 11.654  -0.203  1.736   1.00 17.24 ? 65   TRP A NE1 1 
ATOM   511  C CE2 . TRP A 1 66  ? 11.386  -0.550  0.434   1.00 17.11 ? 65   TRP A CE2 1 
ATOM   512  C CE3 . TRP A 1 66  ? 9.993   0.248   -1.382  1.00 16.20 ? 65   TRP A CE3 1 
ATOM   513  C CZ2 . TRP A 1 66  ? 11.903  -1.608  -0.347  1.00 17.07 ? 65   TRP A CZ2 1 
ATOM   514  C CZ3 . TRP A 1 66  ? 10.517  -0.825  -2.175  1.00 17.22 ? 65   TRP A CZ3 1 
ATOM   515  C CH2 . TRP A 1 66  ? 11.455  -1.727  -1.647  1.00 16.27 ? 65   TRP A CH2 1 
ATOM   516  N N   . VAL A 1 67  ? 6.530   2.835   2.965   1.00 15.33 ? 66   VAL A N   1 
ATOM   517  C CA  . VAL A 1 67  ? 5.816   3.648   3.945   1.00 14.01 ? 66   VAL A CA  1 
ATOM   518  C C   . VAL A 1 67  ? 6.437   3.462   5.359   1.00 15.14 ? 66   VAL A C   1 
ATOM   519  O O   . VAL A 1 67  ? 6.726   2.330   5.807   1.00 14.64 ? 66   VAL A O   1 
ATOM   520  C CB  . VAL A 1 67  ? 4.349   3.225   4.064   1.00 13.61 ? 66   VAL A CB  1 
ATOM   521  C CG1 . VAL A 1 67  ? 3.741   3.892   5.285   1.00 13.01 ? 66   VAL A CG1 1 
ATOM   522  C CG2 . VAL A 1 67  ? 3.562   3.631   2.846   1.00 13.13 ? 66   VAL A CG2 1 
ATOM   523  N N   . TRP A 1 68  ? 6.625   4.553   6.082   1.00 15.54 ? 67   TRP A N   1 
ATOM   524  C CA  . TRP A 1 68  ? 7.190   4.416   7.413   1.00 16.19 ? 67   TRP A CA  1 
ATOM   525  C C   . TRP A 1 68  ? 6.087   4.527   8.441   1.00 16.63 ? 67   TRP A C   1 
ATOM   526  O O   . TRP A 1 68  ? 5.142   5.285   8.271   1.00 17.07 ? 67   TRP A O   1 
ATOM   527  C CB  . TRP A 1 68  ? 8.296   5.455   7.653   1.00 15.64 ? 67   TRP A CB  1 
ATOM   528  C CG  . TRP A 1 68  ? 9.652   4.975   7.204   1.00 15.76 ? 67   TRP A CG  1 
ATOM   529  C CD1 . TRP A 1 68  ? 10.665  4.516   8.009   1.00 16.64 ? 67   TRP A CD1 1 
ATOM   530  C CD2 . TRP A 1 68  ? 10.115  4.832   5.859   1.00 15.58 ? 67   TRP A CD2 1 
ATOM   531  N NE1 . TRP A 1 68  ? 11.732  4.093   7.238   1.00 16.74 ? 67   TRP A NE1 1 
ATOM   532  C CE2 . TRP A 1 68  ? 11.417  4.281   5.915   1.00 16.02 ? 67   TRP A CE2 1 
ATOM   533  C CE3 . TRP A 1 68  ? 9.560   5.112   4.606   1.00 15.79 ? 67   TRP A CE3 1 
ATOM   534  C CZ2 . TRP A 1 68  ? 12.173  4.008   4.762   1.00 16.69 ? 67   TRP A CZ2 1 
ATOM   535  C CZ3 . TRP A 1 68  ? 10.321  4.834   3.454   1.00 16.42 ? 67   TRP A CZ3 1 
ATOM   536  C CH2 . TRP A 1 68  ? 11.605  4.294   3.541   1.00 15.80 ? 67   TRP A CH2 1 
ATOM   537  N N   . VAL A 1 69  ? 6.240   3.790   9.536   1.00 17.52 ? 68   VAL A N   1 
ATOM   538  C CA  . VAL A 1 69  ? 5.232   3.747   10.591  1.00 17.35 ? 68   VAL A CA  1 
ATOM   539  C C   . VAL A 1 69  ? 5.780   3.672   12.010  1.00 17.91 ? 68   VAL A C   1 
ATOM   540  O O   . VAL A 1 69  ? 6.840   3.086   12.269  1.00 17.62 ? 68   VAL A O   1 
ATOM   541  C CB  . VAL A 1 69  ? 4.278   2.528   10.323  1.00 17.13 ? 68   VAL A CB  1 
ATOM   542  C CG1 . VAL A 1 69  ? 4.986   1.533   9.387   1.00 17.23 ? 68   VAL A CG1 1 
ATOM   543  C CG2 . VAL A 1 69  ? 3.884   1.801   11.622  1.00 15.90 ? 68   VAL A CG2 1 
ATOM   544  N N   . ARG A 1 70  ? 5.054   4.312   12.919  1.00 18.44 ? 69   ARG A N   1 
ATOM   545  C CA  . ARG A 1 70  ? 5.349   4.246   14.337  1.00 19.86 ? 69   ARG A CA  1 
ATOM   546  C C   . ARG A 1 70  ? 4.390   3.193   14.870  1.00 19.81 ? 69   ARG A C   1 
ATOM   547  O O   . ARG A 1 70  ? 3.160   3.346   14.784  1.00 20.14 ? 69   ARG A O   1 
ATOM   548  C CB  . ARG A 1 70  ? 5.061   5.564   15.038  1.00 21.83 ? 69   ARG A CB  1 
ATOM   549  C CG  . ARG A 1 70  ? 6.052   6.601   14.710  1.00 24.88 ? 69   ARG A CG  1 
ATOM   550  C CD  . ARG A 1 70  ? 5.717   7.871   15.407  1.00 27.65 ? 69   ARG A CD  1 
ATOM   551  N NE  . ARG A 1 70  ? 6.566   8.932   14.885  1.00 30.74 ? 69   ARG A NE  1 
ATOM   552  C CZ  . ARG A 1 70  ? 6.442   10.219  15.194  1.00 32.18 ? 69   ARG A CZ  1 
ATOM   553  N NH1 . ARG A 1 70  ? 5.489   10.621  16.040  1.00 32.99 ? 69   ARG A NH1 1 
ATOM   554  N NH2 . ARG A 1 70  ? 7.266   11.112  14.639  1.00 33.27 ? 69   ARG A NH2 1 
ATOM   555  N N   . GLY A 1 71  ? 4.936   2.109   15.390  1.00 19.82 ? 70   GLY A N   1 
ATOM   556  C CA  . GLY A 1 71  ? 4.076   1.064   15.934  1.00 20.56 ? 70   GLY A CA  1 
ATOM   557  C C   . GLY A 1 71  ? 3.800   -0.008  14.908  1.00 20.60 ? 70   GLY A C   1 
ATOM   558  O O   . GLY A 1 71  ? 2.651   -0.365  14.664  1.00 20.91 ? 70   GLY A O   1 
ATOM   559  N N   . LEU A 1 72  ? 4.876   -0.532  14.339  1.00 20.78 ? 71   LEU A N   1 
ATOM   560  C CA  . LEU A 1 72  ? 4.831   -1.539  13.293  1.00 21.47 ? 71   LEU A CA  1 
ATOM   561  C C   . LEU A 1 72  ? 4.164   -2.826  13.774  1.00 22.07 ? 71   LEU A C   1 
ATOM   562  O O   . LEU A 1 72  ? 3.222   -3.290  13.134  1.00 21.73 ? 71   LEU A O   1 
ATOM   563  C CB  . LEU A 1 72  ? 6.278   -1.745  12.756  1.00 21.18 ? 71   LEU A CB  1 
ATOM   564  C CG  . LEU A 1 72  ? 6.728   -2.410  11.440  1.00 21.54 ? 71   LEU A CG  1 
ATOM   565  C CD1 . LEU A 1 72  ? 6.929   -3.870  11.652  1.00 21.22 ? 71   LEU A CD1 1 
ATOM   566  C CD2 . LEU A 1 72  ? 5.737   -2.102  10.297  1.00 20.88 ? 71   LEU A CD2 1 
ATOM   567  N N   . ASP A 1 73  ? 4.602   -3.392  14.906  1.00 23.18 ? 72   ASP A N   1 
ATOM   568  C CA  . ASP A 1 73  ? 3.962   -4.631  15.411  1.00 24.14 ? 72   ASP A CA  1 
ATOM   569  C C   . ASP A 1 73  ? 2.431   -4.484  15.564  1.00 24.35 ? 72   ASP A C   1 
ATOM   570  O O   . ASP A 1 73  ? 1.691   -5.458  15.329  1.00 24.45 ? 72   ASP A O   1 
ATOM   571  C CB  . ASP A 1 73  ? 4.526   -5.046  16.763  1.00 25.23 ? 72   ASP A CB  1 
ATOM   572  C CG  . ASP A 1 73  ? 5.992   -5.383  16.702  1.00 26.69 ? 72   ASP A CG  1 
ATOM   573  O OD1 . ASP A 1 73  ? 6.843   -4.446  16.736  1.00 27.65 ? 72   ASP A OD1 1 
ATOM   574  O OD2 . ASP A 1 73  ? 6.284   -6.607  16.593  1.00 28.27 ? 72   ASP A OD2 1 
ATOM   575  N N   . GLU A 1 74  ? 1.961   -3.298  15.980  1.00 23.46 ? 73   GLU A N   1 
ATOM   576  C CA  . GLU A 1 74  ? 0.537   -3.089  16.103  1.00 24.05 ? 73   GLU A CA  1 
ATOM   577  C C   . GLU A 1 74  ? -0.165  -2.958  14.726  1.00 23.46 ? 73   GLU A C   1 
ATOM   578  O O   . GLU A 1 74  ? -1.328  -3.364  14.585  1.00 23.04 ? 73   GLU A O   1 
ATOM   579  C CB  . GLU A 1 74  ? 0.238   -1.867  16.966  1.00 25.80 ? 73   GLU A CB  1 
ATOM   580  C CG  . GLU A 1 74  ? -0.055  -2.227  18.407  1.00 29.14 ? 73   GLU A CG  1 
ATOM   581  C CD  . GLU A 1 74  ? -1.243  -3.187  18.541  1.00 31.51 ? 73   GLU A CD  1 
ATOM   582  O OE1 . GLU A 1 74  ? -2.355  -2.860  17.989  1.00 32.48 ? 73   GLU A OE1 1 
ATOM   583  O OE2 . GLU A 1 74  ? -1.053  -4.256  19.196  1.00 32.63 ? 73   GLU A OE2 1 
ATOM   584  N N   . LEU A 1 75  ? 0.517   -2.382  13.724  1.00 22.22 ? 74   LEU A N   1 
ATOM   585  C CA  . LEU A 1 75  ? -0.085  -2.285  12.400  1.00 21.14 ? 74   LEU A CA  1 
ATOM   586  C C   . LEU A 1 75  ? -0.189  -3.732  11.912  1.00 20.71 ? 74   LEU A C   1 
ATOM   587  O O   . LEU A 1 75  ? -1.208  -4.158  11.336  1.00 19.38 ? 74   LEU A O   1 
ATOM   588  C CB  . LEU A 1 75  ? 0.810   -1.480  11.440  1.00 20.39 ? 74   LEU A CB  1 
ATOM   589  C CG  . LEU A 1 75  ? 0.289   -1.176  10.025  1.00 20.01 ? 74   LEU A CG  1 
ATOM   590  C CD1 . LEU A 1 75  ? -0.943  -0.324  10.121  1.00 20.05 ? 74   LEU A CD1 1 
ATOM   591  C CD2 . LEU A 1 75  ? 1.350   -0.385  9.235   1.00 20.50 ? 74   LEU A CD2 1 
ATOM   592  N N   . TYR A 1 76  ? 0.873   -4.496  12.163  1.00 20.83 ? 75   TYR A N   1 
ATOM   593  C CA  . TYR A 1 76  ? 0.878   -5.886  11.747  1.00 22.07 ? 75   TYR A CA  1 
ATOM   594  C C   . TYR A 1 76  ? -0.304  -6.629  12.410  1.00 22.15 ? 75   TYR A C   1 
ATOM   595  O O   . TYR A 1 76  ? -1.033  -7.369  11.737  1.00 22.02 ? 75   TYR A O   1 
ATOM   596  C CB  . TYR A 1 76  ? 2.204   -6.539  12.109  1.00 23.54 ? 75   TYR A CB  1 
ATOM   597  C CG  . TYR A 1 76  ? 2.286   -7.952  11.662  1.00 25.18 ? 75   TYR A CG  1 
ATOM   598  C CD1 . TYR A 1 76  ? 1.795   -8.961  12.468  1.00 26.43 ? 75   TYR A CD1 1 
ATOM   599  C CD2 . TYR A 1 76  ? 2.759   -8.292  10.392  1.00 26.83 ? 75   TYR A CD2 1 
ATOM   600  C CE1 . TYR A 1 76  ? 1.756   -10.293 12.037  1.00 27.44 ? 75   TYR A CE1 1 
ATOM   601  C CE2 . TYR A 1 76  ? 2.729   -9.646  9.938   1.00 27.53 ? 75   TYR A CE2 1 
ATOM   602  C CZ  . TYR A 1 76  ? 2.216   -10.623 10.788  1.00 27.55 ? 75   TYR A CZ  1 
ATOM   603  O OH  . TYR A 1 76  ? 2.139   -11.946 10.424  1.00 29.11 ? 75   TYR A OH  1 
ATOM   604  N N   . ALA A 1 77  ? -0.523  -6.419  13.715  1.00 21.81 ? 76   ALA A N   1 
ATOM   605  C CA  . ALA A 1 77  ? -1.650  -7.091  14.352  1.00 21.74 ? 76   ALA A CA  1 
ATOM   606  C C   . ALA A 1 77  ? -2.967  -6.581  13.788  1.00 21.38 ? 76   ALA A C   1 
ATOM   607  O O   . ALA A 1 77  ? -3.854  -7.366  13.498  1.00 21.34 ? 76   ALA A O   1 
ATOM   608  C CB  . ALA A 1 77  ? -1.634  -6.895  15.859  1.00 21.87 ? 76   ALA A CB  1 
ATOM   609  N N   . GLU A 1 78  ? -3.111  -5.271  13.631  1.00 21.01 ? 77   GLU A N   1 
ATOM   610  C CA  . GLU A 1 78  ? -4.362  -4.732  13.097  1.00 20.94 ? 77   GLU A CA  1 
ATOM   611  C C   . GLU A 1 78  ? -4.647  -5.326  11.735  1.00 21.16 ? 77   GLU A C   1 
ATOM   612  O O   . GLU A 1 78  ? -5.760  -5.714  11.452  1.00 21.18 ? 77   GLU A O   1 
ATOM   613  C CB  . GLU A 1 78  ? -4.308  -3.207  12.985  1.00 20.56 ? 77   GLU A CB  1 
ATOM   614  C CG  . GLU A 1 78  ? -5.528  -2.537  12.325  1.00 20.55 ? 77   GLU A CG  1 
ATOM   615  C CD  . GLU A 1 78  ? -5.228  -1.080  11.845  1.00 21.28 ? 77   GLU A CD  1 
ATOM   616  O OE1 . GLU A 1 78  ? -4.383  -0.369  12.424  1.00 20.25 ? 77   GLU A OE1 1 
ATOM   617  O OE2 . GLU A 1 78  ? -5.868  -0.625  10.883  1.00 22.18 ? 77   GLU A OE2 1 
ATOM   618  N N   . TRP A 1 79  ? -3.652  -5.425  10.875  1.00 22.27 ? 78   TRP A N   1 
ATOM   619  C CA  . TRP A 1 79  ? -3.927  -5.969  9.531   1.00 22.85 ? 78   TRP A CA  1 
ATOM   620  C C   . TRP A 1 79  ? -3.958  -7.484  9.406   1.00 23.99 ? 78   TRP A C   1 
ATOM   621  O O   . TRP A 1 79  ? -4.658  -8.006  8.531   1.00 23.76 ? 78   TRP A O   1 
ATOM   622  C CB  . TRP A 1 79  ? -2.957  -5.374  8.499   1.00 21.22 ? 78   TRP A CB  1 
ATOM   623  C CG  . TRP A 1 79  ? -3.190  -3.890  8.317   1.00 20.89 ? 78   TRP A CG  1 
ATOM   624  C CD1 . TRP A 1 79  ? -4.309  -3.189  8.678   1.00 20.36 ? 78   TRP A CD1 1 
ATOM   625  C CD2 . TRP A 1 79  ? -2.379  -2.978  7.582   1.00 20.09 ? 78   TRP A CD2 1 
ATOM   626  N NE1 . TRP A 1 79  ? -4.254  -1.907  8.201   1.00 19.67 ? 78   TRP A NE1 1 
ATOM   627  C CE2 . TRP A 1 79  ? -3.080  -1.747  7.521   1.00 19.88 ? 78   TRP A CE2 1 
ATOM   628  C CE3 . TRP A 1 79  ? -1.132  -3.077  6.963   1.00 19.98 ? 78   TRP A CE3 1 
ATOM   629  C CZ2 . TRP A 1 79  ? -2.573  -0.620  6.866   1.00 19.69 ? 78   TRP A CZ2 1 
ATOM   630  C CZ3 . TRP A 1 79  ? -0.615  -1.935  6.302   1.00 20.22 ? 78   TRP A CZ3 1 
ATOM   631  C CH2 . TRP A 1 79  ? -1.339  -0.731  6.265   1.00 19.37 ? 78   TRP A CH2 1 
ATOM   632  N N   . SER A 1 80  ? -3.245  -8.201  10.272  1.00 25.23 ? 79   SER A N   1 
ATOM   633  C CA  . SER A 1 80  ? -3.292  -9.654  10.156  1.00 27.68 ? 79   SER A CA  1 
ATOM   634  C C   . SER A 1 80  ? -4.706  -10.220 10.337  1.00 28.87 ? 79   SER A C   1 
ATOM   635  O O   . SER A 1 80  ? -4.983  -11.341 9.906   1.00 28.41 ? 79   SER A O   1 
ATOM   636  C CB  . SER A 1 80  ? -2.315  -10.348 11.115  1.00 27.30 ? 79   SER A CB  1 
ATOM   637  O OG  . SER A 1 80  ? -2.589  -9.983  12.439  1.00 27.74 ? 79   SER A OG  1 
ATOM   638  N N   . GLU A 1 81  ? -5.628  -9.484  10.945  1.00 30.84 ? 80   GLU A N   1 
ATOM   639  C CA  . GLU A 1 81  ? -6.943  -10.093 10.982  1.00 33.24 ? 80   GLU A CA  1 
ATOM   640  C C   . GLU A 1 81  ? -7.818  -9.843  9.753   1.00 33.56 ? 80   GLU A C   1 
ATOM   641  O O   . GLU A 1 81  ? -8.921  -10.360 9.694   1.00 34.26 ? 80   GLU A O   1 
ATOM   642  C CB  . GLU A 1 81  ? -7.703  -9.817  12.292  1.00 35.18 ? 80   GLU A CB  1 
ATOM   643  C CG  . GLU A 1 81  ? -7.725  -8.402  12.816  1.00 38.95 ? 80   GLU A CG  1 
ATOM   644  C CD  . GLU A 1 81  ? -8.391  -8.341  14.202  1.00 40.96 ? 80   GLU A CD  1 
ATOM   645  O OE1 . GLU A 1 81  ? -7.971  -9.144  15.081  1.00 42.25 ? 80   GLU A OE1 1 
ATOM   646  O OE2 . GLU A 1 81  ? -9.324  -7.511  14.415  1.00 42.05 ? 80   GLU A OE2 1 
ATOM   647  N N   . VAL A 1 82  ? -7.345  -9.104  8.752   1.00 33.46 ? 81   VAL A N   1 
ATOM   648  C CA  . VAL A 1 82  ? -8.164  -8.935  7.558   1.00 33.48 ? 81   VAL A CA  1 
ATOM   649  C C   . VAL A 1 82  ? -7.371  -9.275  6.320   1.00 33.84 ? 81   VAL A C   1 
ATOM   650  O O   . VAL A 1 82  ? -7.893  -9.214  5.219   1.00 33.64 ? 81   VAL A O   1 
ATOM   651  C CB  . VAL A 1 82  ? -8.739  -7.501  7.387   1.00 33.62 ? 81   VAL A CB  1 
ATOM   652  C CG1 . VAL A 1 82  ? -9.471  -7.071  8.661   1.00 34.09 ? 81   VAL A CG1 1 
ATOM   653  C CG2 . VAL A 1 82  ? -7.646  -6.522  7.028   1.00 33.18 ? 81   VAL A CG2 1 
ATOM   654  N N   . VAL A 1 83  ? -6.100  -9.617  6.496   1.00 34.25 ? 82   VAL A N   1 
ATOM   655  C CA  . VAL A 1 83  ? -5.251  -9.978  5.370   1.00 35.09 ? 82   VAL A CA  1 
ATOM   656  C C   . VAL A 1 83  ? -4.449  -11.217 5.755   1.00 36.49 ? 82   VAL A C   1 
ATOM   657  O O   . VAL A 1 83  ? -3.881  -11.286 6.847   1.00 36.33 ? 82   VAL A O   1 
ATOM   658  C CB  . VAL A 1 83  ? -4.253  -8.847  4.982   1.00 34.61 ? 82   VAL A CB  1 
ATOM   659  C CG1 . VAL A 1 83  ? -3.511  -9.236  3.720   1.00 34.22 ? 82   VAL A CG1 1 
ATOM   660  C CG2 . VAL A 1 83  ? -4.981  -7.529  4.782   1.00 33.98 ? 82   VAL A CG2 1 
ATOM   661  N N   . SER A 1 84  ? -4.402  -12.188 4.850   1.00 38.10 ? 83   SER A N   1 
ATOM   662  C CA  . SER A 1 84  ? -3.689  -13.444 5.088   1.00 40.23 ? 83   SER A CA  1 
ATOM   663  C C   . SER A 1 84  ? -2.216  -13.298 5.414   1.00 41.51 ? 83   SER A C   1 
ATOM   664  O O   . SER A 1 84  ? -1.545  -12.442 4.865   1.00 42.03 ? 83   SER A O   1 
ATOM   665  C CB  . SER A 1 84  ? -3.810  -14.362 3.856   1.00 40.02 ? 83   SER A CB  1 
ATOM   666  O OG  . SER A 1 84  ? -2.835  -15.393 3.907   1.00 39.96 ? 83   SER A OG  1 
ATOM   667  N N   . THR A 1 85  ? -1.700  -14.142 6.292   1.00 43.12 ? 84   THR A N   1 
ATOM   668  C CA  . THR A 1 85  ? -0.288  -14.063 6.582   1.00 45.25 ? 84   THR A CA  1 
ATOM   669  C C   . THR A 1 85  ? 0.469   -15.188 5.880   1.00 46.68 ? 84   THR A C   1 
ATOM   670  O O   . THR A 1 85  ? 1.651   -15.391 6.133   1.00 46.32 ? 84   THR A O   1 
ATOM   671  C CB  . THR A 1 85  ? -0.003  -14.107 8.078   1.00 45.24 ? 84   THR A CB  1 
ATOM   672  O OG1 . THR A 1 85  ? -0.513  -15.320 8.622   1.00 46.65 ? 84   THR A OG1 1 
ATOM   673  C CG2 . THR A 1 85  ? -0.648  -12.918 8.771   1.00 45.73 ? 84   THR A CG2 1 
ATOM   674  N N   . ASN A 1 86  ? -0.221  -15.917 5.002   1.00 48.85 ? 85   ASN A N   1 
ATOM   675  C CA  . ASN A 1 86  ? 0.404   -16.994 4.224   1.00 50.89 ? 85   ASN A CA  1 
ATOM   676  C C   . ASN A 1 86  ? 0.716   -16.341 2.879   1.00 51.50 ? 85   ASN A C   1 
ATOM   677  O O   . ASN A 1 86  ? 0.024   -16.575 1.885   1.00 51.58 ? 85   ASN A O   1 
ATOM   678  C CB  . ASN A 1 86  ? -0.566  -18.175 4.019   1.00 52.02 ? 85   ASN A CB  1 
ATOM   679  C CG  . ASN A 1 86  ? 0.095   -19.385 3.302   1.00 53.57 ? 85   ASN A CG  1 
ATOM   680  O OD1 . ASN A 1 86  ? -0.603  -20.331 2.895   1.00 54.40 ? 85   ASN A OD1 1 
ATOM   681  N ND2 . ASN A 1 86  ? 1.437   -19.365 3.164   1.00 53.68 ? 85   ASN A ND2 1 
ATOM   682  N N   . PHE A 1 87  ? 1.764   -15.524 2.872   1.00 52.33 ? 86   PHE A N   1 
ATOM   683  C CA  . PHE A 1 87  ? 2.182   -14.768 1.692   1.00 53.52 ? 86   PHE A CA  1 
ATOM   684  C C   . PHE A 1 87  ? 2.528   -15.576 0.440   1.00 54.50 ? 86   PHE A C   1 
ATOM   685  O O   . PHE A 1 87  ? 2.374   -15.072 -0.685  1.00 54.61 ? 86   PHE A O   1 
ATOM   686  C CB  . PHE A 1 87  ? 3.385   -13.893 2.038   1.00 53.17 ? 86   PHE A CB  1 
ATOM   687  C CG  . PHE A 1 87  ? 3.733   -12.891 0.978   1.00 53.26 ? 86   PHE A CG  1 
ATOM   688  C CD1 . PHE A 1 87  ? 3.022   -11.699 0.872   1.00 53.09 ? 86   PHE A CD1 1 
ATOM   689  C CD2 . PHE A 1 87  ? 4.773   -13.135 0.081   1.00 53.26 ? 86   PHE A CD2 1 
ATOM   690  C CE1 . PHE A 1 87  ? 3.341   -10.756 -0.115  1.00 53.08 ? 86   PHE A CE1 1 
ATOM   691  C CE2 . PHE A 1 87  ? 5.099   -12.202 -0.909  1.00 53.23 ? 86   PHE A CE2 1 
ATOM   692  C CZ  . PHE A 1 87  ? 4.381   -11.007 -1.006  1.00 53.03 ? 86   PHE A CZ  1 
ATOM   693  N N   . ARG A 1 88  ? 3.008   -16.807 0.615   1.00 55.49 ? 87   ARG A N   1 
ATOM   694  C CA  . ARG A 1 88  ? 3.376   -17.602 -0.553  1.00 56.73 ? 87   ARG A CA  1 
ATOM   695  C C   . ARG A 1 88  ? 2.220   -18.386 -1.160  1.00 56.80 ? 87   ARG A C   1 
ATOM   696  O O   . ARG A 1 88  ? 1.878   -18.175 -2.337  1.00 56.87 ? 87   ARG A O   1 
ATOM   697  C CB  . ARG A 1 88  ? 4.551   -18.543 -0.234  1.00 57.89 ? 87   ARG A CB  1 
ATOM   698  C CG  . ARG A 1 88  ? 5.719   -18.380 -1.232  1.00 59.52 ? 87   ARG A CG  1 
ATOM   699  C CD  . ARG A 1 88  ? 6.178   -16.907 -1.278  1.00 61.17 ? 87   ARG A CD  1 
ATOM   700  N NE  . ARG A 1 88  ? 6.354   -16.361 -2.636  1.00 62.77 ? 87   ARG A NE  1 
ATOM   701  C CZ  . ARG A 1 88  ? 7.295   -16.740 -3.510  1.00 63.59 ? 87   ARG A CZ  1 
ATOM   702  N NH1 . ARG A 1 88  ? 8.183   -17.685 -3.194  1.00 64.03 ? 87   ARG A NH1 1 
ATOM   703  N NH2 . ARG A 1 88  ? 7.357   -16.166 -4.713  1.00 63.87 ? 87   ARG A NH2 1 
ATOM   704  N N   . ASP A 1 89  ? 1.608   -19.262 -0.359  1.00 56.73 ? 88   ASP A N   1 
ATOM   705  C CA  . ASP A 1 89  ? 0.488   -20.086 -0.825  1.00 56.65 ? 88   ASP A CA  1 
ATOM   706  C C   . ASP A 1 89  ? -0.824  -19.303 -0.989  1.00 56.10 ? 88   ASP A C   1 
ATOM   707  O O   . ASP A 1 89  ? -1.913  -19.885 -0.928  1.00 56.42 ? 88   ASP A O   1 
ATOM   708  C CB  . ASP A 1 89  ? 0.257   -21.270 0.130   1.00 57.25 ? 88   ASP A CB  1 
ATOM   709  C CG  . ASP A 1 89  ? 1.543   -22.014 0.458   1.00 58.10 ? 88   ASP A CG  1 
ATOM   710  O OD1 . ASP A 1 89  ? 2.289   -22.369 -0.490  1.00 58.28 ? 88   ASP A OD1 1 
ATOM   711  O OD2 . ASP A 1 89  ? 1.806   -22.252 1.666   1.00 58.37 ? 88   ASP A OD2 1 
ATOM   712  N N   . ALA A 1 90  ? -0.728  -17.991 -1.196  1.00 55.24 ? 89   ALA A N   1 
ATOM   713  C CA  . ALA A 1 90  ? -1.926  -17.167 -1.372  1.00 54.25 ? 89   ALA A CA  1 
ATOM   714  C C   . ALA A 1 90  ? -1.923  -16.459 -2.728  1.00 53.32 ? 89   ALA A C   1 
ATOM   715  O O   . ALA A 1 90  ? -0.863  -16.097 -3.252  1.00 53.12 ? 89   ALA A O   1 
ATOM   716  C CB  . ALA A 1 90  ? -2.035  -16.145 -0.232  1.00 54.06 ? 89   ALA A CB  1 
ATOM   717  N N   . SER A 1 91  ? -3.114  -16.289 -3.300  1.00 52.24 ? 90   SER A N   1 
ATOM   718  C CA  . SER A 1 91  ? -3.256  -15.626 -4.597  1.00 51.04 ? 90   SER A CA  1 
ATOM   719  C C   . SER A 1 91  ? -3.683  -14.184 -4.440  1.00 49.60 ? 90   SER A C   1 
ATOM   720  O O   . SER A 1 91  ? -3.181  -13.298 -5.148  1.00 49.80 ? 90   SER A O   1 
ATOM   721  C CB  . SER A 1 91  ? -4.282  -16.359 -5.472  1.00 51.78 ? 90   SER A CB  1 
ATOM   722  O OG  . SER A 1 91  ? -3.742  -17.576 -5.977  1.00 52.62 ? 90   SER A OG  1 
ATOM   723  N N   . GLY A 1 92  ? -4.610  -13.946 -3.509  1.00 47.65 ? 91   GLY A N   1 
ATOM   724  C CA  . GLY A 1 92  ? -5.095  -12.589 -3.267  1.00 45.15 ? 91   GLY A CA  1 
ATOM   725  C C   . GLY A 1 92  ? -4.192  -11.732 -2.384  1.00 43.21 ? 91   GLY A C   1 
ATOM   726  O O   . GLY A 1 92  ? -2.983  -11.963 -2.298  1.00 42.92 ? 91   GLY A O   1 
ATOM   727  N N   . PRO A 1 93  ? -4.749  -10.707 -1.731  1.00 41.48 ? 92   PRO A N   1 
ATOM   728  C CA  . PRO A 1 93  ? -3.967  -9.826  -0.852  1.00 39.74 ? 92   PRO A CA  1 
ATOM   729  C C   . PRO A 1 93  ? -3.284  -10.621 0.256   1.00 38.14 ? 92   PRO A C   1 
ATOM   730  O O   . PRO A 1 93  ? -3.868  -11.531 0.821   1.00 38.03 ? 92   PRO A O   1 
ATOM   731  C CB  . PRO A 1 93  ? -5.023  -8.844  -0.347  1.00 39.95 ? 92   PRO A CB  1 
ATOM   732  C CG  . PRO A 1 93  ? -6.323  -9.684  -0.420  1.00 40.47 ? 92   PRO A CG  1 
ATOM   733  C CD  . PRO A 1 93  ? -6.142  -10.254 -1.802  1.00 40.87 ? 92   PRO A CD  1 
ATOM   734  N N   . ALA A 1 94  ? -2.041  -10.282 0.561   1.00 36.60 ? 93   ALA A N   1 
ATOM   735  C CA  . ALA A 1 94  ? -1.282  -11.007 1.566   1.00 35.14 ? 93   ALA A CA  1 
ATOM   736  C C   . ALA A 1 94  ? -0.194  -10.132 2.143   1.00 34.46 ? 93   ALA A C   1 
ATOM   737  O O   . ALA A 1 94  ? 0.189   -9.113  1.577   1.00 34.97 ? 93   ALA A O   1 
ATOM   738  C CB  . ALA A 1 94  ? -0.667  -12.260 0.959   1.00 35.00 ? 93   ALA A CB  1 
ATOM   739  N N   . MET A 1 95  ? 0.356   -10.595 3.249   1.00 33.65 ? 94   MET A N   1 
ATOM   740  C CA  . MET A 1 95  ? 1.343   -9.867  4.031   1.00 32.69 ? 94   MET A CA  1 
ATOM   741  C C   . MET A 1 95  ? 2.486   -10.813 4.433   1.00 31.99 ? 94   MET A C   1 
ATOM   742  O O   . MET A 1 95  ? 2.235   -11.953 4.786   1.00 31.61 ? 94   MET A O   1 
ATOM   743  C CB  . MET A 1 95  ? 0.548   -9.344  5.233   1.00 32.46 ? 94   MET A CB  1 
ATOM   744  C CG  . MET A 1 95  ? 1.223   -8.622  6.321   1.00 33.26 ? 94   MET A CG  1 
ATOM   745  S SD  . MET A 1 95  ? -0.092  -7.806  7.346   1.00 34.22 ? 94   MET A SD  1 
ATOM   746  C CE  . MET A 1 95  ? -1.125  -9.086  7.738   1.00 32.81 ? 94   MET A CE  1 
ATOM   747  N N   . THR A 1 96  ? 3.739   -10.367 4.355   1.00 31.43 ? 95   THR A N   1 
ATOM   748  C CA  . THR A 1 96  ? 4.854   -11.228 4.754   1.00 31.23 ? 95   THR A CA  1 
ATOM   749  C C   . THR A 1 96  ? 5.052   -11.001 6.241   1.00 31.48 ? 95   THR A C   1 
ATOM   750  O O   . THR A 1 96  ? 4.355   -10.178 6.839   1.00 30.83 ? 95   THR A O   1 
ATOM   751  C CB  . THR A 1 96  ? 6.173   -10.843 4.102   1.00 30.95 ? 95   THR A CB  1 
ATOM   752  O OG1 . THR A 1 96  ? 6.626   -9.608  4.668   1.00 30.33 ? 95   THR A OG1 1 
ATOM   753  C CG2 . THR A 1 96  ? 6.009   -10.699 2.588   1.00 31.57 ? 95   THR A CG2 1 
ATOM   754  N N   . GLU A 1 97  ? 6.001   -11.700 6.849   1.00 31.92 ? 96   GLU A N   1 
ATOM   755  C CA  . GLU A 1 97  ? 6.213   -11.469 8.271   1.00 32.75 ? 96   GLU A CA  1 
ATOM   756  C C   . GLU A 1 97  ? 7.272   -10.392 8.517   1.00 31.72 ? 96   GLU A C   1 
ATOM   757  O O   . GLU A 1 97  ? 8.058   -10.058 7.634   1.00 31.89 ? 96   GLU A O   1 
ATOM   758  C CB  . GLU A 1 97  ? 6.605   -12.774 8.996   1.00 34.80 ? 96   GLU A CB  1 
ATOM   759  C CG  . GLU A 1 97  ? 8.066   -13.182 8.951   1.00 37.39 ? 96   GLU A CG  1 
ATOM   760  C CD  . GLU A 1 97  ? 8.336   -14.392 9.877   1.00 39.59 ? 96   GLU A CD  1 
ATOM   761  O OE1 . GLU A 1 97  ? 7.857   -15.521 9.544   1.00 41.25 ? 96   GLU A OE1 1 
ATOM   762  O OE2 . GLU A 1 97  ? 8.999   -14.219 10.948  1.00 40.15 ? 96   GLU A OE2 1 
ATOM   763  N N   . ILE A 1 98  ? 7.275   -9.841  9.719   1.00 30.78 ? 97   ILE A N   1 
ATOM   764  C CA  . ILE A 1 98  ? 8.244   -8.820  10.078  1.00 30.20 ? 97   ILE A CA  1 
ATOM   765  C C   . ILE A 1 98  ? 9.653   -9.399  10.036  1.00 29.72 ? 97   ILE A C   1 
ATOM   766  O O   . ILE A 1 98  ? 9.913   -10.481 10.557  1.00 30.17 ? 97   ILE A O   1 
ATOM   767  C CB  . ILE A 1 98  ? 7.948   -8.260  11.473  1.00 29.99 ? 97   ILE A CB  1 
ATOM   768  C CG1 . ILE A 1 98  ? 6.566   -7.612  11.460  1.00 30.38 ? 97   ILE A CG1 1 
ATOM   769  C CG2 . ILE A 1 98  ? 9.010   -7.233  11.878  1.00 29.89 ? 97   ILE A CG2 1 
ATOM   770  C CD1 . ILE A 1 98  ? 6.150   -7.001  12.782  1.00 31.05 ? 97   ILE A CD1 1 
ATOM   771  N N   . GLY A 1 99  ? 10.553  -8.674  9.389   1.00 29.07 ? 98   GLY A N   1 
ATOM   772  C CA  . GLY A 1 99  ? 11.932  -9.102  9.260   1.00 28.79 ? 98   GLY A CA  1 
ATOM   773  C C   . GLY A 1 99  ? 12.835  -7.888  9.127   1.00 28.72 ? 98   GLY A C   1 
ATOM   774  O O   . GLY A 1 99  ? 12.357  -6.790  8.888   1.00 28.49 ? 98   GLY A O   1 
ATOM   775  N N   . GLU A 1 100 ? 14.136  -8.071  9.313   1.00 28.88 ? 99   GLU A N   1 
ATOM   776  C CA  . GLU A 1 100 ? 15.093  -6.981  9.184   1.00 29.17 ? 99   GLU A CA  1 
ATOM   777  C C   . GLU A 1 100 ? 15.594  -6.890  7.736   1.00 28.10 ? 99   GLU A C   1 
ATOM   778  O O   . GLU A 1 100 ? 15.861  -7.897  7.085   1.00 27.93 ? 99   GLU A O   1 
ATOM   779  C CB  . GLU A 1 100 ? 16.288  -7.217  10.116  1.00 31.68 ? 99   GLU A CB  1 
ATOM   780  C CG  . GLU A 1 100 ? 16.376  -6.407  11.451  1.00 35.65 ? 99   GLU A CG  1 
ATOM   781  C CD  . GLU A 1 100 ? 16.843  -4.915  11.261  1.00 38.43 ? 99   GLU A CD  1 
ATOM   782  O OE1 . GLU A 1 100 ? 17.793  -4.629  10.465  1.00 39.35 ? 99   GLU A OE1 1 
ATOM   783  O OE2 . GLU A 1 100 ? 16.279  -4.007  11.946  1.00 40.30 ? 99   GLU A OE2 1 
ATOM   784  N N   . GLN A 1 101 ? 15.677  -5.676  7.215   1.00 26.40 ? 100  GLN A N   1 
ATOM   785  C CA  . GLN A 1 101 ? 16.222  -5.466  5.892   1.00 25.53 ? 100  GLN A CA  1 
ATOM   786  C C   . GLN A 1 101 ? 17.181  -4.283  6.046   1.00 24.23 ? 100  GLN A C   1 
ATOM   787  O O   . GLN A 1 101 ? 17.242  -3.654  7.096   1.00 23.89 ? 100  GLN A O   1 
ATOM   788  C CB  . GLN A 1 101 ? 15.141  -5.060  4.899   1.00 26.77 ? 100  GLN A CB  1 
ATOM   789  C CG  . GLN A 1 101 ? 14.137  -6.091  4.562   1.00 29.02 ? 100  GLN A CG  1 
ATOM   790  C CD  . GLN A 1 101 ? 14.758  -7.294  3.910   1.00 30.67 ? 100  GLN A CD  1 
ATOM   791  O OE1 . GLN A 1 101 ? 15.741  -7.194  3.183   1.00 31.40 ? 100  GLN A OE1 1 
ATOM   792  N NE2 . GLN A 1 101 ? 14.164  -8.445  4.141   1.00 32.82 ? 100  GLN A NE2 1 
ATOM   793  N N   . PRO A 1 102 ? 17.952  -3.972  5.000   1.00 22.91 ? 101  PRO A N   1 
ATOM   794  C CA  . PRO A 1 102 ? 18.870  -2.840  5.069   1.00 22.15 ? 101  PRO A CA  1 
ATOM   795  C C   . PRO A 1 102 ? 18.162  -1.524  5.437   1.00 21.42 ? 101  PRO A C   1 
ATOM   796  O O   . PRO A 1 102 ? 18.763  -0.629  6.058   1.00 20.61 ? 101  PRO A O   1 
ATOM   797  C CB  . PRO A 1 102 ? 19.439  -2.790  3.657   1.00 22.50 ? 101  PRO A CB  1 
ATOM   798  C CG  . PRO A 1 102 ? 19.488  -4.272  3.301   1.00 22.40 ? 101  PRO A CG  1 
ATOM   799  C CD  . PRO A 1 102 ? 18.076  -4.645  3.699   1.00 22.68 ? 101  PRO A CD  1 
ATOM   800  N N   . TRP A 1 103 ? 16.892  -1.400  5.056   1.00 20.38 ? 102  TRP A N   1 
ATOM   801  C CA  . TRP A 1 103 ? 16.167  -0.164  5.351   1.00 19.89 ? 102  TRP A CA  1 
ATOM   802  C C   . TRP A 1 103 ? 15.502  -0.175  6.698   1.00 19.78 ? 102  TRP A C   1 
ATOM   803  O O   . TRP A 1 103 ? 14.981  0.843   7.141   1.00 20.71 ? 102  TRP A O   1 
ATOM   804  C CB  . TRP A 1 103 ? 15.178  0.191   4.218   1.00 18.83 ? 102  TRP A CB  1 
ATOM   805  C CG  . TRP A 1 103 ? 14.321  -0.947  3.789   1.00 18.20 ? 102  TRP A CG  1 
ATOM   806  C CD1 . TRP A 1 103 ? 13.159  -1.367  4.373   1.00 18.10 ? 102  TRP A CD1 1 
ATOM   807  C CD2 . TRP A 1 103 ? 14.590  -1.854  2.729   1.00 17.67 ? 102  TRP A CD2 1 
ATOM   808  N NE1 . TRP A 1 103 ? 12.677  -2.481  3.733   1.00 18.13 ? 102  TRP A NE1 1 
ATOM   809  C CE2 . TRP A 1 103 ? 13.541  -2.807  2.720   1.00 18.32 ? 102  TRP A CE2 1 
ATOM   810  C CE3 . TRP A 1 103 ? 15.618  -1.963  1.780   1.00 18.16 ? 102  TRP A CE3 1 
ATOM   811  C CZ2 . TRP A 1 103 ? 13.491  -3.865  1.789   1.00 17.85 ? 102  TRP A CZ2 1 
ATOM   812  C CZ3 . TRP A 1 103 ? 15.569  -3.007  0.852   1.00 18.27 ? 102  TRP A CZ3 1 
ATOM   813  C CH2 . TRP A 1 103 ? 14.507  -3.946  0.866   1.00 17.99 ? 102  TRP A CH2 1 
ATOM   814  N N   . GLY A 1 104 ? 15.553  -1.312  7.379   1.00 19.62 ? 103  GLY A N   1 
ATOM   815  C CA  . GLY A 1 104 ? 14.993  -1.362  8.720   1.00 19.17 ? 103  GLY A CA  1 
ATOM   816  C C   . GLY A 1 104 ? 14.111  -2.552  9.004   1.00 19.43 ? 103  GLY A C   1 
ATOM   817  O O   . GLY A 1 104 ? 13.985  -3.490  8.215   1.00 19.34 ? 103  GLY A O   1 
ATOM   818  N N   . ARG A 1 105 ? 13.475  -2.520  10.156  1.00 19.61 ? 104  ARG A N   1 
ATOM   819  C CA  . ARG A 1 105 ? 12.574  -3.598  10.516  1.00 19.83 ? 104  ARG A CA  1 
ATOM   820  C C   . ARG A 1 105 ? 11.308  -3.360  9.669   1.00 18.69 ? 104  ARG A C   1 
ATOM   821  O O   . ARG A 1 105 ? 10.792  -2.252  9.660   1.00 19.12 ? 104  ARG A O   1 
ATOM   822  C CB  . ARG A 1 105 ? 12.314  -3.483  12.007  1.00 21.25 ? 104  ARG A CB  1 
ATOM   823  C CG  . ARG A 1 105 ? 11.605  -4.644  12.564  1.00 23.63 ? 104  ARG A CG  1 
ATOM   824  C CD  . ARG A 1 105 ? 11.629  -4.640  14.094  1.00 25.19 ? 104  ARG A CD  1 
ATOM   825  N NE  . ARG A 1 105 ? 11.003  -5.887  14.516  1.00 27.57 ? 104  ARG A NE  1 
ATOM   826  C CZ  . ARG A 1 105 ? 9.787   -5.959  15.050  1.00 29.38 ? 104  ARG A CZ  1 
ATOM   827  N NH1 . ARG A 1 105 ? 9.095   -4.821  15.222  1.00 30.20 ? 104  ARG A NH1 1 
ATOM   828  N NH2 . ARG A 1 105 ? 9.257   -7.150  15.378  1.00 29.60 ? 104  ARG A NH2 1 
ATOM   829  N N   . GLU A 1 106 ? 10.810  -4.375  8.972   1.00 18.13 ? 105  GLU A N   1 
ATOM   830  C CA  . GLU A 1 106 ? 9.639   -4.219  8.079   1.00 18.30 ? 105  GLU A CA  1 
ATOM   831  C C   . GLU A 1 106 ? 8.841   -5.469  7.710   1.00 18.05 ? 105  GLU A C   1 
ATOM   832  O O   . GLU A 1 106 ? 9.164   -6.596  8.069   1.00 17.44 ? 105  GLU A O   1 
ATOM   833  C CB  . GLU A 1 106 ? 10.091  -3.644  6.720   1.00 19.16 ? 105  GLU A CB  1 
ATOM   834  C CG  . GLU A 1 106 ? 11.078  -4.625  6.004   1.00 20.32 ? 105  GLU A CG  1 
ATOM   835  C CD  . GLU A 1 106 ? 10.621  -5.056  4.619   1.00 21.23 ? 105  GLU A CD  1 
ATOM   836  O OE1 . GLU A 1 106 ? 10.693  -4.227  3.679   1.00 21.36 ? 105  GLU A OE1 1 
ATOM   837  O OE2 . GLU A 1 106 ? 10.172  -6.225  4.475   1.00 22.30 ? 105  GLU A OE2 1 
ATOM   838  N N   . PHE A 1 107 ? 7.788   -5.232  6.931   1.00 17.99 ? 106  PHE A N   1 
ATOM   839  C CA  . PHE A 1 107 ? 6.956   -6.302  6.384   1.00 17.87 ? 106  PHE A CA  1 
ATOM   840  C C   . PHE A 1 107 ? 6.368   -5.753  5.116   1.00 17.79 ? 106  PHE A C   1 
ATOM   841  O O   . PHE A 1 107 ? 6.185   -4.539  4.997   1.00 18.46 ? 106  PHE A O   1 
ATOM   842  C CB  . PHE A 1 107 ? 5.866   -6.775  7.373   1.00 17.46 ? 106  PHE A CB  1 
ATOM   843  C CG  . PHE A 1 107 ? 4.738   -5.800  7.622   1.00 17.49 ? 106  PHE A CG  1 
ATOM   844  C CD1 . PHE A 1 107 ? 3.686   -5.666  6.712   1.00 17.96 ? 106  PHE A CD1 1 
ATOM   845  C CD2 . PHE A 1 107 ? 4.666   -5.114  8.818   1.00 18.04 ? 106  PHE A CD2 1 
ATOM   846  C CE1 . PHE A 1 107 ? 2.554   -4.862  7.006   1.00 18.59 ? 106  PHE A CE1 1 
ATOM   847  C CE2 . PHE A 1 107 ? 3.545   -4.299  9.145   1.00 19.04 ? 106  PHE A CE2 1 
ATOM   848  C CZ  . PHE A 1 107 ? 2.482   -4.170  8.247   1.00 18.37 ? 106  PHE A CZ  1 
ATOM   849  N N   . ALA A 1 108 ? 6.083   -6.618  4.160   1.00 17.67 ? 107  ALA A N   1 
ATOM   850  C CA  . ALA A 1 108 ? 5.522   -6.151  2.909   1.00 18.12 ? 107  ALA A CA  1 
ATOM   851  C C   . ALA A 1 108 ? 4.074   -6.612  2.754   1.00 18.87 ? 107  ALA A C   1 
ATOM   852  O O   . ALA A 1 108 ? 3.653   -7.601  3.357   1.00 19.33 ? 107  ALA A O   1 
ATOM   853  C CB  . ALA A 1 108 ? 6.369   -6.642  1.748   1.00 17.59 ? 107  ALA A CB  1 
ATOM   854  N N   . LEU A 1 109 ? 3.299   -5.907  1.942   1.00 18.57 ? 108  LEU A N   1 
ATOM   855  C CA  . LEU A 1 109 ? 1.915   -6.285  1.767   1.00 18.52 ? 108  LEU A CA  1 
ATOM   856  C C   . LEU A 1 109 ? 1.628   -6.168  0.286   1.00 19.56 ? 108  LEU A C   1 
ATOM   857  O O   . LEU A 1 109 ? 2.018   -5.161  -0.346  1.00 19.33 ? 108  LEU A O   1 
ATOM   858  C CB  . LEU A 1 109 ? 0.979   -5.362  2.567   1.00 16.65 ? 108  LEU A CB  1 
ATOM   859  C CG  . LEU A 1 109 ? -0.541  -5.574  2.401   1.00 16.86 ? 108  LEU A CG  1 
ATOM   860  C CD1 . LEU A 1 109 ? -1.296  -5.071  3.596   1.00 16.56 ? 108  LEU A CD1 1 
ATOM   861  C CD2 . LEU A 1 109 ? -1.042  -4.876  1.192   1.00 16.30 ? 108  LEU A CD2 1 
ATOM   862  N N   . ARG A 1 110 ? 0.981   -7.204  -0.260  1.00 19.72 ? 109  ARG A N   1 
ATOM   863  C CA  . ARG A 1 110 ? 0.597   -7.200  -1.640  1.00 20.86 ? 109  ARG A CA  1 
ATOM   864  C C   . ARG A 1 110 ? -0.904  -6.903  -1.644  1.00 21.04 ? 109  ARG A C   1 
ATOM   865  O O   . ARG A 1 110 ? -1.659  -7.520  -0.894  1.00 21.08 ? 109  ARG A O   1 
ATOM   866  C CB  . ARG A 1 110 ? 0.865   -8.551  -2.277  1.00 22.23 ? 109  ARG A CB  1 
ATOM   867  C CG  . ARG A 1 110 ? 0.561   -8.565  -3.767  1.00 24.40 ? 109  ARG A CG  1 
ATOM   868  C CD  . ARG A 1 110 ? 0.982   -9.896  -4.339  1.00 26.73 ? 109  ARG A CD  1 
ATOM   869  N NE  . ARG A 1 110 ? 0.205   -10.956 -3.707  1.00 28.11 ? 109  ARG A NE  1 
ATOM   870  C CZ  . ARG A 1 110 ? 0.733   -12.089 -3.272  1.00 29.11 ? 109  ARG A CZ  1 
ATOM   871  N NH1 . ARG A 1 110 ? 2.034   -12.284 -3.408  1.00 29.56 ? 109  ARG A NH1 1 
ATOM   872  N NH2 . ARG A 1 110 ? -0.031  -13.023 -2.705  1.00 29.85 ? 109  ARG A NH2 1 
ATOM   873  N N   . ASP A 1 111 ? -1.355  -5.949  -2.451  1.00 20.70 ? 110  ASP A N   1 
ATOM   874  C CA  . ASP A 1 111 ? -2.765  -5.652  -2.431  1.00 20.67 ? 110  ASP A CA  1 
ATOM   875  C C   . ASP A 1 111 ? -3.454  -6.467  -3.515  1.00 21.08 ? 110  ASP A C   1 
ATOM   876  O O   . ASP A 1 111 ? -2.803  -7.163  -4.273  1.00 21.02 ? 110  ASP A O   1 
ATOM   877  C CB  . ASP A 1 111 ? -3.008  -4.157  -2.616  1.00 20.32 ? 110  ASP A CB  1 
ATOM   878  C CG  . ASP A 1 111 ? -2.642  -3.661  -3.993  1.00 20.43 ? 110  ASP A CG  1 
ATOM   879  O OD1 . ASP A 1 111 ? -2.391  -4.465  -4.929  1.00 19.88 ? 110  ASP A OD1 1 
ATOM   880  O OD2 . ASP A 1 111 ? -2.635  -2.426  -4.132  1.00 20.87 ? 110  ASP A OD2 1 
ATOM   881  N N   . PRO A 1 112 ? -4.781  -6.384  -3.610  1.00 21.60 ? 111  PRO A N   1 
ATOM   882  C CA  . PRO A 1 112 ? -5.484  -7.174  -4.645  1.00 22.26 ? 111  PRO A CA  1 
ATOM   883  C C   . PRO A 1 112 ? -5.009  -6.903  -6.082  1.00 22.48 ? 111  PRO A C   1 
ATOM   884  O O   . PRO A 1 112 ? -4.970  -7.806  -6.898  1.00 23.33 ? 111  PRO A O   1 
ATOM   885  C CB  . PRO A 1 112 ? -6.956  -6.789  -4.436  1.00 22.19 ? 111  PRO A CB  1 
ATOM   886  C CG  . PRO A 1 112 ? -6.992  -6.439  -2.897  1.00 22.99 ? 111  PRO A CG  1 
ATOM   887  C CD  . PRO A 1 112 ? -5.730  -5.566  -2.838  1.00 21.36 ? 111  PRO A CD  1 
ATOM   888  N N   . ALA A 1 113 ? -4.620  -5.672  -6.381  1.00 22.04 ? 112  ALA A N   1 
ATOM   889  C CA  . ALA A 1 113 ? -4.179  -5.345  -7.715  1.00 21.42 ? 112  ALA A CA  1 
ATOM   890  C C   . ALA A 1 113 ? -2.820  -5.895  -8.024  1.00 20.99 ? 112  ALA A C   1 
ATOM   891  O O   . ALA A 1 113 ? -2.475  -6.032  -9.181  1.00 21.34 ? 112  ALA A O   1 
ATOM   892  C CB  . ALA A 1 113 ? -4.156  -3.827  -7.907  1.00 21.57 ? 112  ALA A CB  1 
ATOM   893  N N   . GLY A 1 114 ? -2.025  -6.191  -7.008  1.00 20.70 ? 113  GLY A N   1 
ATOM   894  C CA  . GLY A 1 114 ? -0.687  -6.683  -7.279  1.00 20.35 ? 113  GLY A CA  1 
ATOM   895  C C   . GLY A 1 114 ? 0.412   -5.761  -6.733  1.00 20.68 ? 113  GLY A C   1 
ATOM   896  O O   . GLY A 1 114 ? 1.586   -6.182  -6.630  1.00 20.90 ? 113  GLY A O   1 
ATOM   897  N N   . ASN A 1 115 ? 0.071   -4.512  -6.392  1.00 19.69 ? 114  ASN A N   1 
ATOM   898  C CA  . ASN A 1 115 ? 1.079   -3.604  -5.828  1.00 19.56 ? 114  ASN A CA  1 
ATOM   899  C C   . ASN A 1 115 ? 1.750   -4.228  -4.583  1.00 19.71 ? 114  ASN A C   1 
ATOM   900  O O   . ASN A 1 115 ? 1.093   -4.903  -3.790  1.00 20.34 ? 114  ASN A O   1 
ATOM   901  C CB  . ASN A 1 115 ? 0.426   -2.279  -5.401  1.00 18.24 ? 114  ASN A CB  1 
ATOM   902  C CG  . ASN A 1 115 ? -0.201  -1.546  -6.556  1.00 17.88 ? 114  ASN A CG  1 
ATOM   903  O OD1 . ASN A 1 115 ? 0.501   -0.933  -7.404  1.00 16.67 ? 114  ASN A OD1 1 
ATOM   904  N ND2 . ASN A 1 115 ? -1.539  -1.622  -6.633  1.00 16.12 ? 114  ASN A ND2 1 
ATOM   905  N N   . CYS A 1 116 ? 3.045   -4.012  -4.410  1.00 19.30 ? 115  CYS A N   1 
ATOM   906  C CA  . CYS A 1 116 ? 3.724   -4.516  -3.242  1.00 19.29 ? 115  CYS A CA  1 
ATOM   907  C C   . CYS A 1 116 ? 4.196   -3.324  -2.419  1.00 18.55 ? 115  CYS A C   1 
ATOM   908  O O   . CYS A 1 116 ? 5.104   -2.582  -2.861  1.00 18.57 ? 115  CYS A O   1 
ATOM   909  C CB  . CYS A 1 116 ? 4.957   -5.349  -3.605  1.00 20.16 ? 115  CYS A CB  1 
ATOM   910  S SG  . CYS A 1 116 ? 5.622   -6.166  -2.096  1.00 24.33 ? 115  CYS A SG  1 
ATOM   911  N N   . VAL A 1 117 ? 3.639   -3.160  -1.224  1.00 16.81 ? 116  VAL A N   1 
ATOM   912  C CA  . VAL A 1 117 ? 4.015   -2.041  -0.395  1.00 16.11 ? 116  VAL A CA  1 
ATOM   913  C C   . VAL A 1 117 ? 4.739   -2.456  0.885   1.00 16.65 ? 116  VAL A C   1 
ATOM   914  O O   . VAL A 1 117 ? 4.222   -3.262  1.677   1.00 17.12 ? 116  VAL A O   1 
ATOM   915  C CB  . VAL A 1 117 ? 2.754   -1.214  -0.046  1.00 16.05 ? 116  VAL A CB  1 
ATOM   916  C CG1 . VAL A 1 117 ? 3.148   0.026   0.762   1.00 15.46 ? 116  VAL A CG1 1 
ATOM   917  C CG2 . VAL A 1 117 ? 1.991   -0.828  -1.374  1.00 14.42 ? 116  VAL A CG2 1 
ATOM   918  N N   . HIS A 1 118 ? 5.928   -1.883  1.103   1.00 16.29 ? 117  HIS A N   1 
ATOM   919  C CA  . HIS A 1 118 ? 6.771   -2.163  2.267   1.00 16.54 ? 117  HIS A CA  1 
ATOM   920  C C   . HIS A 1 118 ? 6.504   -1.188  3.410   1.00 17.13 ? 117  HIS A C   1 
ATOM   921  O O   . HIS A 1 118 ? 6.620   0.020   3.224   1.00 17.45 ? 117  HIS A O   1 
ATOM   922  C CB  . HIS A 1 118 ? 8.249   -2.026  1.881   1.00 16.04 ? 117  HIS A CB  1 
ATOM   923  C CG  . HIS A 1 118 ? 8.730   -3.069  0.921   1.00 17.00 ? 117  HIS A CG  1 
ATOM   924  N ND1 . HIS A 1 118 ? 9.392   -4.212  1.330   1.00 17.58 ? 117  HIS A ND1 1 
ATOM   925  C CD2 . HIS A 1 118 ? 8.650   -3.151  -0.429  1.00 17.01 ? 117  HIS A CD2 1 
ATOM   926  C CE1 . HIS A 1 118 ? 9.703   -4.941  0.275   1.00 16.88 ? 117  HIS A CE1 1 
ATOM   927  N NE2 . HIS A 1 118 ? 9.264   -4.324  -0.804  1.00 17.02 ? 117  HIS A NE2 1 
ATOM   928  N N   . PHE A 1 119 ? 6.209   -1.707  4.603   1.00 17.06 ? 118  PHE A N   1 
ATOM   929  C CA  . PHE A 1 119 ? 5.975   -0.848  5.746   1.00 17.11 ? 118  PHE A CA  1 
ATOM   930  C C   . PHE A 1 119 ? 7.140   -0.968  6.714   1.00 18.26 ? 118  PHE A C   1 
ATOM   931  O O   . PHE A 1 119 ? 7.443   -2.047  7.236   1.00 18.21 ? 118  PHE A O   1 
ATOM   932  C CB  . PHE A 1 119 ? 4.660   -1.191  6.438   1.00 15.88 ? 118  PHE A CB  1 
ATOM   933  C CG  . PHE A 1 119 ? 3.443   -0.902  5.595   1.00 15.48 ? 118  PHE A CG  1 
ATOM   934  C CD1 . PHE A 1 119 ? 2.986   -1.833  4.646   1.00 14.18 ? 118  PHE A CD1 1 
ATOM   935  C CD2 . PHE A 1 119 ? 2.802   0.340   5.683   1.00 14.36 ? 118  PHE A CD2 1 
ATOM   936  C CE1 . PHE A 1 119 ? 1.927   -1.512  3.823   1.00 14.64 ? 118  PHE A CE1 1 
ATOM   937  C CE2 . PHE A 1 119 ? 1.723   0.661   4.839   1.00 13.87 ? 118  PHE A CE2 1 
ATOM   938  C CZ  . PHE A 1 119 ? 1.286   -0.251  3.921   1.00 13.18 ? 118  PHE A CZ  1 
ATOM   939  N N   . VAL A 1 120 ? 7.782   0.160   6.973   1.00 18.89 ? 119  VAL A N   1 
ATOM   940  C CA  . VAL A 1 120 ? 8.939   0.160   7.821   1.00 19.85 ? 119  VAL A CA  1 
ATOM   941  C C   . VAL A 1 120 ? 8.804   0.901   9.147   1.00 21.14 ? 119  VAL A C   1 
ATOM   942  O O   . VAL A 1 120 ? 8.270   2.019   9.218   1.00 20.59 ? 119  VAL A O   1 
ATOM   943  C CB  . VAL A 1 120 ? 10.121  0.759   7.062   1.00 19.96 ? 119  VAL A CB  1 
ATOM   944  C CG1 . VAL A 1 120 ? 11.426  0.524   7.868   1.00 19.65 ? 119  VAL A CG1 1 
ATOM   945  C CG2 . VAL A 1 120 ? 10.162  0.175   5.646   1.00 18.51 ? 119  VAL A CG2 1 
ATOM   946  N N   . ALA A 1 121 ? 9.339   0.280   10.193  1.00 21.98 ? 120  ALA A N   1 
ATOM   947  C CA  . ALA A 1 121 ? 9.298   0.865   11.528  1.00 23.16 ? 120  ALA A CA  1 
ATOM   948  C C   . ALA A 1 121 ? 10.157  2.103   11.571  1.00 24.24 ? 120  ALA A C   1 
ATOM   949  O O   . ALA A 1 121 ? 11.330  2.093   11.180  1.00 23.71 ? 120  ALA A O   1 
ATOM   950  C CB  . ALA A 1 121 ? 9.792   -0.149  12.582  1.00 22.54 ? 120  ALA A CB  1 
ATOM   951  N N   . GLU A 1 122 ? 9.561   3.183   12.041  1.00 26.48 ? 121  GLU A N   1 
ATOM   952  C CA  . GLU A 1 122 ? 10.296  4.419   12.164  1.00 29.18 ? 121  GLU A CA  1 
ATOM   953  C C   . GLU A 1 122 ? 11.162  4.302   13.415  1.00 29.93 ? 121  GLU A C   1 
ATOM   954  O O   . GLU A 1 122 ? 12.359  4.623   13.293  1.00 30.80 ? 121  GLU A O   1 
ATOM   955  C CB  . GLU A 1 122 ? 9.358   5.601   12.305  1.00 30.90 ? 121  GLU A CB  1 
ATOM   956  C CG  . GLU A 1 122 ? 10.047  6.877   11.938  1.00 33.77 ? 121  GLU A CG  1 
ATOM   957  C CD  . GLU A 1 122 ? 9.087   8.026   11.903  1.00 35.70 ? 121  GLU A CD  1 
ATOM   958  O OE1 . GLU A 1 122 ? 8.561   8.412   12.996  1.00 37.46 ? 121  GLU A OE1 1 
ATOM   959  O OE2 . GLU A 1 122 ? 8.860   8.529   10.774  1.00 36.24 ? 121  GLU A OE2 1 
HETATM 960  O O   . HOH B 2 .   ? 6.753   1.353   -8.444  1.00 20.08 ? 1001 HOH A O   1 
HETATM 961  O O   . HOH B 2 .   ? 5.597   4.326   -6.212  1.00 34.49 ? 1002 HOH A O   1 
HETATM 962  O O   . HOH B 2 .   ? -2.866  -9.953  -5.286  1.00 47.92 ? 1003 HOH A O   1 
HETATM 963  O O   . HOH B 2 .   ? -2.472  -0.653  14.468  1.00 32.16 ? 1004 HOH A O   1 
HETATM 964  O O   . HOH B 2 .   ? -3.541  5.708   12.499  1.00 35.40 ? 1005 HOH A O   1 
HETATM 965  O O   . HOH B 2 .   ? 4.057   -8.201  16.040  1.00 39.38 ? 1006 HOH A O   1 
HETATM 966  O O   . HOH B 2 .   ? 0.937   -12.545 -11.135 1.00 49.93 ? 1007 HOH A O   1 
HETATM 967  O O   . HOH B 2 .   ? 0.086   -9.802  -8.155  1.00 55.66 ? 1008 HOH A O   1 
HETATM 968  O O   . HOH B 2 .   ? 2.535   10.718  1.312   1.00 35.93 ? 1009 HOH A O   1 
HETATM 969  O O   . HOH B 2 .   ? 4.587   12.968  5.641   1.00 44.80 ? 1010 HOH A O   1 
HETATM 970  O O   . HOH B 2 .   ? 13.356  -0.082  11.320  1.00 37.23 ? 1011 HOH A O   1 
HETATM 971  O O   . HOH B 2 .   ? -10.506 -1.214  8.145   1.00 36.72 ? 1012 HOH A O   1 
HETATM 972  O O   . HOH B 2 .   ? 1.274   -5.953  19.072  1.00 43.50 ? 1013 HOH A O   1 
HETATM 973  O O   . HOH B 2 .   ? 0.955   10.853  12.145  1.00 41.02 ? 1014 HOH A O   1 
HETATM 974  O O   . HOH B 2 .   ? 10.134  -2.356  15.604  1.00 41.57 ? 1015 HOH A O   1 
HETATM 975  O O   . HOH B 2 .   ? -4.707  -4.846  -11.173 1.00 22.06 ? 1016 HOH A O   1 
HETATM 976  O O   . HOH B 2 .   ? -6.988  -4.220  -10.462 1.00 25.56 ? 1017 HOH A O   1 
HETATM 977  O O   . HOH B 2 .   ? -9.924  -5.075  -6.506  1.00 31.23 ? 1018 HOH A O   1 
HETATM 978  O O   . HOH B 2 .   ? -13.980 -4.598  0.736   1.00 48.56 ? 1019 HOH A O   1 
HETATM 979  O O   . HOH B 2 .   ? -6.356  -11.705 2.311   1.00 49.80 ? 1020 HOH A O   1 
HETATM 980  O O   . HOH B 2 .   ? -13.688 6.349   3.168   1.00 39.70 ? 1021 HOH A O   1 
HETATM 981  O O   . HOH B 2 .   ? -6.394  5.689   10.942  1.00 58.85 ? 1022 HOH A O   1 
HETATM 982  O O   . HOH B 2 .   ? -13.242 4.820   -9.576  1.00 46.84 ? 1023 HOH A O   1 
HETATM 983  O O   . HOH B 2 .   ? -14.657 -4.330  -7.304  1.00 58.01 ? 1024 HOH A O   1 
HETATM 984  O O   . HOH B 2 .   ? -12.267 0.892   -11.955 1.00 48.43 ? 1025 HOH A O   1 
HETATM 985  O O   . HOH B 2 .   ? 7.050   -9.637  -13.834 1.00 60.18 ? 1026 HOH A O   1 
HETATM 986  O O   . HOH B 2 .   ? 11.666  -6.944  2.439   1.00 45.06 ? 1027 HOH A O   1 
HETATM 987  O O   . HOH B 2 .   ? 9.901   -8.890  5.662   1.00 42.72 ? 1028 HOH A O   1 
HETATM 988  O O   . HOH B 2 .   ? 11.862  -8.257  14.488  1.00 53.32 ? 1029 HOH A O   1 
HETATM 989  O O   . HOH B 2 .   ? 8.651   11.324  11.259  1.00 47.30 ? 1030 HOH A O   1 
HETATM 990  O O   . HOH B 2 .   ? -6.165  9.911   9.049   1.00 51.57 ? 1031 HOH A O   1 
HETATM 991  O O   . HOH B 2 .   ? 0.152   12.916  2.949   1.00 27.16 ? 1032 HOH A O   1 
HETATM 992  O O   . HOH B 2 .   ? 5.535   11.177  2.865   1.00 43.97 ? 1033 HOH A O   1 
HETATM 993  O O   . HOH B 2 .   ? -3.509  -9.217  -9.501  1.00 59.56 ? 1034 HOH A O   1 
HETATM 994  O O   . HOH B 2 .   ? 14.773  -4.786  -8.896  1.00 41.05 ? 1035 HOH A O   1 
HETATM 995  O O   . HOH B 2 .   ? 13.944  3.079   9.574   1.00 48.55 ? 1036 HOH A O   1 
HETATM 996  O O   . HOH B 2 .   ? 7.208   1.079   15.045  1.00 38.90 ? 1037 HOH A O   1 
HETATM 997  O O   . HOH B 2 .   ? 9.841   -5.613  -2.849  1.00 31.12 ? 1038 HOH A O   1 
HETATM 998  O O   . HOH B 2 .   ? 14.226  -4.313  -5.740  1.00 53.13 ? 1039 HOH A O   1 
HETATM 999  O O   . HOH B 2 .   ? -1.652  0.190   -19.198 1.00 56.69 ? 1040 HOH A O   1 
HETATM 1000 O O   . HOH B 2 .   ? 9.731   -4.118  -9.680  1.00 49.98 ? 1041 HOH A O   1 
HETATM 1001 O O   . HOH B 2 .   ? 2.110   -21.693 -3.537  1.00 59.62 ? 1042 HOH A O   1 
HETATM 1002 O O   . HOH B 2 .   ? -11.286 9.777   8.699   1.00 55.45 ? 1043 HOH A O   1 
HETATM 1003 O O   . HOH B 2 .   ? 17.828  -9.592  12.817  1.00 59.70 ? 1044 HOH A O   1 
HETATM 1004 O O   . HOH B 2 .   ? -7.942  0.939   11.240  1.00 43.48 ? 1045 HOH A O   1 
HETATM 1005 O O   . HOH B 2 .   ? -2.041  -13.906 -10.312 1.00 39.37 ? 1046 HOH A O   1 
HETATM 1006 O O   . HOH B 2 .   ? 4.767   -5.168  -7.061  1.00 21.23 ? 1047 HOH A O   1 
HETATM 1007 O O   . HOH B 2 .   ? -12.284 -6.142  -8.433  1.00 51.13 ? 1048 HOH A O   1 
HETATM 1008 O O   . HOH B 2 .   ? 1.179   15.414  -0.174  1.00 51.23 ? 1049 HOH A O   1 
HETATM 1009 O O   . HOH B 2 .   ? -8.795  12.621  5.072   1.00 59.51 ? 1050 HOH A O   1 
HETATM 1010 O O   . HOH B 2 .   ? -7.886  -3.623  -7.856  1.00 27.93 ? 1051 HOH A O   1 
HETATM 1011 O O   . HOH B 2 .   ? -11.699 -4.950  -2.960  1.00 36.02 ? 1052 HOH A O   1 
HETATM 1012 O O   . HOH B 2 .   ? -13.842 8.530   3.836   1.00 37.88 ? 1053 HOH A O   1 
HETATM 1013 O O   . HOH B 2 .   ? -4.974  12.641  7.920   1.00 52.63 ? 1054 HOH A O   1 
HETATM 1014 O O   . HOH B 2 .   ? -13.705 12.207  -0.139  1.00 45.78 ? 1055 HOH A O   1 
HETATM 1015 O O   . HOH B 2 .   ? -3.922  15.964  -1.195  1.00 53.39 ? 1056 HOH A O   1 
HETATM 1016 O O   . HOH B 2 .   ? 3.226   -8.549  -7.604  1.00 51.68 ? 1057 HOH A O   1 
HETATM 1017 O O   . HOH B 2 .   ? 6.473   -7.117  -6.394  1.00 34.94 ? 1058 HOH A O   1 
HETATM 1018 O O   . HOH B 2 .   ? 3.121   11.089  13.892  1.00 44.29 ? 1059 HOH A O   1 
HETATM 1019 O O   . HOH B 2 .   ? -3.549  -16.110 7.288   1.00 41.14 ? 1060 HOH A O   1 
HETATM 1020 O O   . HOH B 2 .   ? -7.799  -1.742  9.421   1.00 27.53 ? 1061 HOH A O   1 
HETATM 1021 O O   . HOH B 2 .   ? 15.074  -10.806 11.471  1.00 47.95 ? 1062 HOH A O   1 
# 
